data_7BUB
#
_entry.id   7BUB
#
_cell.length_a   1.00
_cell.length_b   1.00
_cell.length_c   1.00
_cell.angle_alpha   90.00
_cell.angle_beta   90.00
_cell.angle_gamma   90.00
#
_symmetry.space_group_name_H-M   'P 1'
#
loop_
_entity.id
_entity.type
_entity.pdbx_description
1 polymer 'SIgN-3C Fab heavy chain'
2 polymer 'SIgN-3C Fab light chain'
3 polymer 'Dengue virus serotype2 E protein'
4 polymer 'Dengue virus serotype 2 M protein'
5 branched 2-acetamido-2-deoxy-beta-D-glucopyranose-(1-4)-2-acetamido-2-deoxy-beta-D-glucopyranose
6 non-polymer 2-acetamido-2-deoxy-beta-D-glucopyranose
#
loop_
_entity_poly.entity_id
_entity_poly.type
_entity_poly.pdbx_seq_one_letter_code
_entity_poly.pdbx_strand_id
1 'polypeptide(L)'
;EVQLVQSGPDVEKPGASVKVSCKASGYTFTSNYIHWVRQAPGQGLEWMGVINPRGGSTASAQKFQGRITMTRDTSTSTVY
MELSSLRSDDTAVYYCARGGRALFYDSYTTPRDGGSWWFDPWGQGSLVTVSS
;
G,H
2 'polypeptide(L)'
;DIQLTQSPSSLSASVGDRVTFTCQASQDIRKYLNWYQQKPGKAPKLLIYDASNLKTGVPSRFSGSGSGTDFTFTISSLQP
EDVATYYCQQFDDLPITFGQGTRLQIK
;
I,L
3 'polypeptide(L)'
;MRCIGISNRDFVEGVSGGSWVDIVLEHGSCVTTMAKNKPTLDFELIKTEAKHPATLRKYCVEAKLTNTTTASRCPTQGEP
SLNEEQDKRFVCKHSMVDRGWGNGCGLFGKGGIVTCAMFTCKKNMEGKVVQPENLEYTIVITPHSGEENAVGNDTGKHGK
EIKVTPQSSITEAELTGYGTVTMECSPRTGLDFNEMVLLQMENKAWLVHRQWFLDLPLPWLPGADTQGSNWIQKETLVTF
KNPHAKKQDVVVLGSQEGAMHTALTGATEIQMSSGNLLFTGHLKCRLRMDKLQLKGMSYSMCTGKFKVVKEIAETQHGTI
VIRVQYEGDGSPCKIPFEIMDLEKRHVLGRLITVNPIVTEKDSPVNIEAEPPFGDSYIIIGVEPGQLKLSWFKKGSSIGQ
MFETTMRGAKRMAILGDTAWDFGSLGGVFTSIGKALHQVFGAIYGAAFSGVSWTMKILIGVVITWIGMNSRSTSLSVSLV
LVGVVTLYLGVMVQA
;
B,A,C
4 'polypeptide(L)' SVALVPHVGMGLETRTETWMSSEGAWKHAQRIETWILRHPGFTIMAAILAYTIGTTYFQRVLIFILLTAVTP E,D,F
#
loop_
_chem_comp.id
_chem_comp.type
_chem_comp.name
_chem_comp.formula
NAG D-saccharide, beta linking 2-acetamido-2-deoxy-beta-D-glucopyranose 'C8 H15 N O6'
#
# COMPACT_ATOMS: atom_id res chain seq x y z
N GLU A 1 8.28 16.23 -50.37
CA GLU A 1 7.07 17.04 -50.32
C GLU A 1 6.23 16.70 -49.10
N VAL A 2 5.00 17.22 -49.08
CA VAL A 2 4.04 16.94 -48.02
C VAL A 2 3.65 15.47 -48.14
N GLN A 3 4.14 14.65 -47.23
CA GLN A 3 4.06 13.23 -47.50
C GLN A 3 4.15 12.42 -46.21
N LEU A 4 3.40 11.33 -46.19
CA LEU A 4 3.54 10.30 -45.16
C LEU A 4 3.68 8.98 -45.88
N VAL A 5 4.35 8.02 -45.24
CA VAL A 5 4.58 6.69 -45.80
C VAL A 5 4.23 5.68 -44.72
N GLN A 6 3.41 4.70 -45.05
CA GLN A 6 3.13 3.65 -44.07
C GLN A 6 3.91 2.39 -44.38
N SER A 7 3.69 1.38 -43.54
CA SER A 7 4.35 0.10 -43.73
C SER A 7 3.54 -0.79 -44.66
N GLY A 8 4.12 -1.93 -45.01
CA GLY A 8 3.49 -2.88 -45.88
C GLY A 8 2.38 -3.66 -45.20
N PRO A 9 1.59 -4.38 -45.99
CA PRO A 9 0.48 -5.14 -45.41
C PRO A 9 0.98 -6.35 -44.63
N ASP A 10 0.23 -6.70 -43.58
CA ASP A 10 0.62 -7.76 -42.67
C ASP A 10 -0.55 -8.69 -42.42
N VAL A 11 -0.22 -9.93 -42.08
CA VAL A 11 -1.20 -10.94 -41.70
C VAL A 11 -0.75 -11.53 -40.38
N GLU A 12 -1.65 -11.53 -39.40
CA GLU A 12 -1.33 -12.02 -38.06
C GLU A 12 -2.38 -13.02 -37.60
N LYS A 13 -2.06 -13.69 -36.51
CA LYS A 13 -2.92 -14.70 -35.90
C LYS A 13 -3.96 -14.05 -35.00
N PRO A 14 -5.09 -14.72 -34.77
CA PRO A 14 -6.06 -14.21 -33.80
C PRO A 14 -5.49 -14.23 -32.39
N GLY A 15 -5.78 -13.15 -31.65
CA GLY A 15 -5.23 -12.98 -30.32
C GLY A 15 -3.83 -12.42 -30.27
N ALA A 16 -3.18 -12.20 -31.40
CA ALA A 16 -1.85 -11.64 -31.42
C ALA A 16 -1.92 -10.12 -31.38
N SER A 17 -0.82 -9.45 -31.69
CA SER A 17 -0.78 -7.99 -31.74
C SER A 17 0.02 -7.58 -32.97
N VAL A 18 -0.38 -6.48 -33.58
CA VAL A 18 0.24 -6.02 -34.82
C VAL A 18 0.73 -4.59 -34.62
N LYS A 19 1.80 -4.23 -35.34
CA LYS A 19 2.42 -2.92 -35.25
C LYS A 19 2.55 -2.32 -36.63
N VAL A 20 1.99 -1.13 -36.80
CA VAL A 20 1.97 -0.42 -38.07
C VAL A 20 2.70 0.91 -37.90
N SER A 21 3.64 1.19 -38.80
CA SER A 21 4.44 2.40 -38.75
C SER A 21 3.83 3.48 -39.63
N CYS A 22 4.25 4.71 -39.40
CA CYS A 22 3.77 5.87 -40.15
C CYS A 22 4.87 6.91 -40.11
N LYS A 23 5.64 7.00 -41.19
CA LYS A 23 6.81 7.85 -41.27
C LYS A 23 6.47 9.14 -42.01
N ALA A 24 7.05 10.25 -41.56
CA ALA A 24 6.66 11.57 -42.05
C ALA A 24 7.77 12.16 -42.91
N SER A 25 7.38 13.08 -43.79
CA SER A 25 8.36 13.85 -44.56
C SER A 25 7.72 15.13 -45.07
N GLY A 26 8.52 16.19 -45.03
CA GLY A 26 8.22 17.42 -45.73
C GLY A 26 7.90 18.61 -44.88
N TYR A 27 8.14 18.56 -43.59
CA TYR A 27 7.61 19.54 -42.65
C TYR A 27 8.32 19.31 -41.31
N THR A 28 7.92 20.06 -40.29
CA THR A 28 8.48 19.91 -38.96
C THR A 28 7.59 18.95 -38.18
N PHE A 29 8.12 17.77 -37.82
CA PHE A 29 7.33 16.63 -37.35
C PHE A 29 6.54 16.92 -36.09
N THR A 30 6.94 17.88 -35.29
CA THR A 30 6.14 18.28 -34.14
C THR A 30 5.25 19.49 -34.42
N SER A 31 4.79 19.67 -35.65
CA SER A 31 3.85 20.75 -35.96
C SER A 31 2.47 20.24 -36.30
N ASN A 32 2.20 18.95 -36.11
CA ASN A 32 0.92 18.35 -36.42
C ASN A 32 0.72 17.12 -35.55
N TYR A 33 -0.54 16.80 -35.25
CA TYR A 33 -0.86 15.56 -34.56
C TYR A 33 -0.97 14.43 -35.57
N ILE A 34 -0.91 13.19 -35.09
CA ILE A 34 -1.10 12.03 -35.94
C ILE A 34 -2.31 11.27 -35.45
N HIS A 35 -3.15 10.85 -36.38
CA HIS A 35 -4.41 10.20 -36.04
C HIS A 35 -4.57 8.98 -36.92
N TRP A 36 -5.09 7.92 -36.29
CA TRP A 36 -5.22 6.60 -36.91
C TRP A 36 -6.70 6.27 -37.10
N VAL A 37 -7.01 5.81 -38.32
CA VAL A 37 -8.37 5.57 -38.79
C VAL A 37 -8.38 4.23 -39.52
N ARG A 38 -9.37 3.40 -39.21
CA ARG A 38 -9.51 2.10 -39.84
C ARG A 38 -10.62 2.12 -40.87
N GLN A 39 -10.65 1.09 -41.71
CA GLN A 39 -11.73 0.88 -42.67
C GLN A 39 -11.84 -0.60 -42.96
N ALA A 40 -12.91 -1.22 -42.50
CA ALA A 40 -13.23 -2.57 -42.94
C ALA A 40 -13.67 -2.52 -44.40
N PRO A 41 -13.43 -3.59 -45.18
CA PRO A 41 -13.79 -3.54 -46.61
C PRO A 41 -15.28 -3.46 -46.88
N GLY A 42 -16.10 -4.12 -46.06
CA GLY A 42 -17.54 -4.05 -46.22
C GLY A 42 -18.15 -2.98 -45.34
N GLN A 43 -17.46 -1.86 -45.20
CA GLN A 43 -17.86 -0.81 -44.28
C GLN A 43 -17.20 0.48 -44.74
N GLY A 44 -17.67 1.61 -44.23
CA GLY A 44 -16.98 2.86 -44.42
C GLY A 44 -15.82 3.04 -43.46
N LEU A 45 -15.51 4.28 -43.12
CA LEU A 45 -14.36 4.59 -42.28
C LEU A 45 -14.74 4.58 -40.82
N GLU A 46 -13.73 4.47 -39.96
CA GLU A 46 -13.94 4.38 -38.52
C GLU A 46 -12.68 4.85 -37.83
N TRP A 47 -12.83 5.75 -36.87
CA TRP A 47 -11.70 6.39 -36.21
C TRP A 47 -11.18 5.48 -35.10
N MET A 48 -9.86 5.31 -35.06
CA MET A 48 -9.26 4.50 -34.00
C MET A 48 -8.75 5.37 -32.87
N GLY A 49 -7.87 6.32 -33.17
CA GLY A 49 -7.32 7.11 -32.07
C GLY A 49 -6.37 8.20 -32.52
N VAL A 50 -5.63 8.72 -31.55
CA VAL A 50 -4.92 9.99 -31.65
C VAL A 50 -3.63 9.90 -30.85
N ILE A 51 -2.52 10.34 -31.46
CA ILE A 51 -1.26 10.55 -30.77
C ILE A 51 -0.77 11.95 -31.12
N ASN A 52 -0.05 12.56 -30.19
CA ASN A 52 0.69 13.79 -30.44
C ASN A 52 2.16 13.45 -30.60
N PRO A 53 2.83 13.92 -31.64
CA PRO A 53 4.29 13.73 -31.70
C PRO A 53 5.06 14.54 -30.69
N ARG A 54 4.76 15.82 -30.55
CA ARG A 54 5.41 16.62 -29.52
C ARG A 54 4.91 16.18 -28.15
N GLY A 55 5.77 15.52 -27.38
CA GLY A 55 5.41 15.04 -26.08
C GLY A 55 4.96 13.58 -26.03
N GLY A 56 3.80 13.27 -26.61
CA GLY A 56 3.42 11.88 -26.76
C GLY A 56 2.17 11.41 -26.04
N SER A 57 1.24 12.30 -25.74
CA SER A 57 -0.05 11.87 -25.21
C SER A 57 -0.84 11.14 -26.28
N THR A 58 -1.73 10.26 -25.83
CA THR A 58 -2.58 9.50 -26.74
C THR A 58 -4.00 9.55 -26.22
N ALA A 59 -4.94 9.17 -27.09
CA ALA A 59 -6.28 8.76 -26.68
C ALA A 59 -6.84 7.88 -27.76
N SER A 60 -8.00 7.29 -27.48
CA SER A 60 -8.66 6.42 -28.44
C SER A 60 -10.15 6.38 -28.17
N ALA A 61 -10.87 5.74 -29.06
CA ALA A 61 -12.31 5.66 -28.96
C ALA A 61 -12.72 4.52 -28.03
N GLN A 62 -14.01 4.50 -27.69
CA GLN A 62 -14.51 3.53 -26.72
C GLN A 62 -14.55 2.12 -27.29
N LYS A 63 -14.56 2.00 -28.63
CA LYS A 63 -14.59 0.68 -29.25
C LYS A 63 -13.23 -0.01 -29.13
N PHE A 64 -12.19 0.76 -28.85
CA PHE A 64 -10.86 0.21 -28.65
C PHE A 64 -10.37 0.39 -27.22
N GLN A 65 -11.24 0.16 -26.23
CA GLN A 65 -10.88 0.31 -24.84
C GLN A 65 -9.83 -0.72 -24.42
N GLY A 66 -8.60 -0.25 -24.23
CA GLY A 66 -7.54 -1.09 -23.74
C GLY A 66 -6.91 -2.01 -24.76
N ARG A 67 -7.22 -1.85 -26.04
CA ARG A 67 -6.70 -2.75 -27.06
C ARG A 67 -5.61 -2.12 -27.91
N ILE A 68 -5.38 -0.83 -27.81
CA ILE A 68 -4.55 -0.10 -28.75
C ILE A 68 -3.49 0.70 -27.99
N THR A 69 -2.31 0.82 -28.57
CA THR A 69 -1.18 1.51 -27.97
C THR A 69 -0.51 2.34 -29.06
N MET A 70 -0.10 3.56 -28.74
CA MET A 70 0.53 4.42 -29.74
C MET A 70 1.82 4.99 -29.19
N THR A 71 2.91 4.79 -29.92
CA THR A 71 4.20 5.37 -29.56
C THR A 71 4.75 6.11 -30.76
N ARG A 72 6.00 6.56 -30.65
CA ARG A 72 6.61 7.32 -31.72
C ARG A 72 8.12 7.25 -31.59
N ASP A 73 8.80 7.76 -32.61
CA ASP A 73 10.23 8.06 -32.54
C ASP A 73 10.41 9.44 -33.17
N THR A 74 10.83 10.40 -32.34
CA THR A 74 11.01 11.77 -32.80
C THR A 74 12.22 11.89 -33.71
N SER A 75 13.22 11.04 -33.51
CA SER A 75 14.43 11.11 -34.32
C SER A 75 14.17 10.66 -35.75
N THR A 76 13.38 9.61 -35.93
CA THR A 76 13.03 9.16 -37.26
C THR A 76 11.74 9.78 -37.78
N SER A 77 11.06 10.58 -36.95
CA SER A 77 9.78 11.21 -37.26
C SER A 77 8.73 10.19 -37.65
N THR A 78 8.51 9.22 -36.76
CA THR A 78 7.71 8.05 -37.11
C THR A 78 6.74 7.79 -35.97
N VAL A 79 5.56 7.28 -36.31
CA VAL A 79 4.52 6.96 -35.34
C VAL A 79 4.17 5.49 -35.45
N TYR A 80 4.14 4.80 -34.31
CA TYR A 80 3.84 3.38 -34.27
C TYR A 80 2.49 3.16 -33.61
N MET A 81 1.62 2.43 -34.28
CA MET A 81 0.37 1.97 -33.68
C MET A 81 0.45 0.47 -33.45
N GLU A 82 0.09 0.03 -32.26
CA GLU A 82 0.13 -1.38 -31.91
C GLU A 82 -1.26 -1.80 -31.44
N LEU A 83 -1.90 -2.65 -32.21
CA LEU A 83 -3.21 -3.14 -31.88
C LEU A 83 -3.09 -4.52 -31.26
N SER A 84 -3.67 -4.68 -30.07
CA SER A 84 -3.59 -5.90 -29.30
C SER A 84 -4.94 -6.59 -29.28
N SER A 85 -4.91 -7.88 -28.94
CA SER A 85 -6.07 -8.78 -28.93
C SER A 85 -6.76 -8.79 -30.30
N LEU A 86 -6.02 -9.25 -31.30
CA LEU A 86 -6.53 -9.27 -32.66
C LEU A 86 -7.60 -10.34 -32.82
N ARG A 87 -8.71 -9.96 -33.46
CA ARG A 87 -9.74 -10.90 -33.86
C ARG A 87 -10.04 -10.67 -35.33
N SER A 88 -10.99 -11.44 -35.86
CA SER A 88 -11.26 -11.44 -37.29
C SER A 88 -11.89 -10.13 -37.75
N ASP A 89 -12.49 -9.38 -36.83
CA ASP A 89 -13.08 -8.10 -37.21
C ASP A 89 -12.02 -7.04 -37.46
N ASP A 90 -10.79 -7.28 -37.00
CA ASP A 90 -9.75 -6.28 -37.14
C ASP A 90 -9.14 -6.26 -38.53
N THR A 91 -9.51 -7.20 -39.39
CA THR A 91 -9.01 -7.23 -40.76
C THR A 91 -9.52 -6.03 -41.53
N ALA A 92 -8.64 -5.07 -41.82
CA ALA A 92 -9.07 -3.78 -42.31
C ALA A 92 -7.87 -3.07 -42.93
N VAL A 93 -8.14 -1.89 -43.50
CA VAL A 93 -7.10 -1.01 -44.01
C VAL A 93 -6.91 0.11 -43.00
N TYR A 94 -5.67 0.45 -42.70
CA TYR A 94 -5.33 1.41 -41.67
C TYR A 94 -4.66 2.64 -42.27
N TYR A 95 -4.92 3.77 -41.62
CA TYR A 95 -4.68 5.11 -42.12
C TYR A 95 -4.14 5.98 -41.00
N CYS A 96 -3.30 6.96 -41.35
CA CYS A 96 -2.72 7.88 -40.37
C CYS A 96 -2.41 9.21 -41.03
N ALA A 97 -2.86 10.31 -40.45
CA ALA A 97 -2.63 11.63 -41.04
C ALA A 97 -2.09 12.75 -40.17
N ARG A 98 -2.38 13.99 -40.55
CA ARG A 98 -2.02 15.16 -39.79
C ARG A 98 -2.96 16.30 -39.40
N GLY A 99 -3.10 16.51 -38.10
CA GLY A 99 -3.98 17.51 -37.52
C GLY A 99 -3.23 18.78 -37.19
N GLY A 100 -3.88 19.92 -37.43
CA GLY A 100 -3.34 21.27 -37.44
C GLY A 100 -2.62 21.77 -36.20
N ARG A 101 -2.76 21.02 -35.11
CA ARG A 101 -2.07 21.25 -33.83
C ARG A 101 -2.39 22.36 -32.83
N ALA A 102 -3.01 21.98 -31.71
CA ALA A 102 -3.19 22.88 -30.57
C ALA A 102 -1.75 22.74 -30.13
N LEU A 103 -0.97 23.81 -30.09
CA LEU A 103 0.46 23.53 -29.93
C LEU A 103 0.85 22.39 -28.99
N PHE A 104 0.47 22.47 -27.71
CA PHE A 104 0.97 21.51 -26.73
C PHE A 104 0.51 20.07 -26.97
N TYR A 105 -0.78 19.77 -26.72
CA TYR A 105 -1.23 18.37 -26.71
C TYR A 105 -2.59 18.23 -27.38
N ASP A 106 -2.92 16.96 -27.55
CA ASP A 106 -4.05 16.49 -28.35
C ASP A 106 -5.50 16.73 -28.01
N SER A 107 -6.29 16.17 -28.92
CA SER A 107 -7.75 16.17 -28.89
C SER A 107 -8.43 17.53 -28.92
N TYR A 108 -7.89 18.56 -29.57
CA TYR A 108 -8.71 19.75 -29.53
C TYR A 108 -9.58 19.93 -30.77
N THR A 109 -10.69 20.64 -30.55
CA THR A 109 -11.73 20.84 -31.54
C THR A 109 -12.13 22.30 -31.67
N THR A 110 -11.87 23.10 -30.66
CA THR A 110 -12.25 24.51 -30.70
C THR A 110 -11.32 25.38 -31.56
N PRO A 111 -9.97 25.10 -31.73
CA PRO A 111 -9.21 25.87 -32.74
C PRO A 111 -9.57 25.63 -34.20
N ARG A 112 -10.82 25.97 -34.54
CA ARG A 112 -11.30 26.39 -35.86
C ARG A 112 -11.40 25.23 -36.84
N ASP A 113 -10.65 24.13 -36.70
CA ASP A 113 -10.92 22.72 -37.03
C ASP A 113 -9.63 21.94 -36.92
N GLY A 114 -9.72 20.63 -37.13
CA GLY A 114 -8.55 19.86 -37.51
C GLY A 114 -8.15 20.16 -38.94
N GLY A 115 -9.08 19.94 -39.86
CA GLY A 115 -8.91 20.42 -41.23
C GLY A 115 -8.85 19.35 -42.28
N SER A 116 -8.85 18.08 -41.87
CA SER A 116 -8.92 16.87 -42.70
C SER A 116 -9.04 15.65 -41.80
N TRP A 117 -9.74 14.58 -42.23
CA TRP A 117 -9.75 13.38 -41.38
C TRP A 117 -9.88 12.05 -42.13
N TRP A 118 -9.12 11.82 -43.21
CA TRP A 118 -7.68 12.03 -43.30
C TRP A 118 -7.09 11.79 -44.66
N PHE A 119 -7.06 12.80 -45.50
CA PHE A 119 -6.76 12.52 -46.90
C PHE A 119 -5.89 13.59 -47.56
N ASP A 120 -5.47 14.63 -46.83
CA ASP A 120 -4.45 15.49 -47.43
C ASP A 120 -3.07 14.82 -47.38
N PRO A 121 -2.47 14.49 -46.19
CA PRO A 121 -1.05 14.11 -46.23
C PRO A 121 -0.78 12.61 -46.14
N TRP A 122 -1.82 11.78 -46.21
CA TRP A 122 -1.92 10.64 -45.30
C TRP A 122 -0.97 9.48 -45.57
N GLY A 123 -0.73 9.13 -46.84
CA GLY A 123 0.07 7.95 -47.07
C GLY A 123 -0.52 7.00 -48.10
N GLN A 124 -0.17 5.72 -48.00
CA GLN A 124 -0.54 4.75 -49.03
C GLN A 124 -1.35 3.57 -48.51
N GLY A 125 -1.38 3.33 -47.20
CA GLY A 125 -2.35 2.42 -46.63
C GLY A 125 -1.77 1.12 -46.10
N SER A 126 -2.24 0.67 -44.95
CA SER A 126 -1.70 -0.58 -44.42
C SER A 126 -2.81 -1.60 -44.26
N LEU A 127 -2.79 -2.64 -45.07
CA LEU A 127 -3.78 -3.70 -44.97
C LEU A 127 -3.35 -4.72 -43.92
N VAL A 128 -4.23 -5.00 -42.97
CA VAL A 128 -3.95 -5.94 -41.89
C VAL A 128 -5.02 -7.02 -41.90
N THR A 129 -4.58 -8.27 -42.00
CA THR A 129 -5.50 -9.40 -42.09
C THR A 129 -5.25 -10.34 -40.91
N VAL A 130 -6.31 -10.60 -40.14
CA VAL A 130 -6.23 -11.53 -39.03
C VAL A 130 -6.79 -12.87 -39.50
N SER A 131 -5.92 -13.87 -39.59
CA SER A 131 -6.33 -15.19 -40.05
C SER A 131 -5.48 -16.25 -39.37
N SER A 132 -5.90 -17.50 -39.55
CA SER A 132 -5.16 -18.64 -39.03
C SER A 132 -4.25 -19.21 -40.11
N ASP B 1 -20.70 9.64 -29.47
CA ASP B 1 -21.71 9.16 -30.45
C ASP B 1 -21.74 10.11 -31.65
N ILE B 2 -22.72 11.01 -31.58
CA ILE B 2 -23.29 11.98 -32.55
C ILE B 2 -23.61 11.23 -33.86
N GLN B 3 -24.78 10.60 -33.91
CA GLN B 3 -25.06 9.83 -35.15
C GLN B 3 -25.12 10.78 -36.34
N LEU B 4 -24.35 10.46 -37.38
CA LEU B 4 -24.27 11.22 -38.62
C LEU B 4 -24.85 10.38 -39.74
N THR B 5 -26.00 10.80 -40.25
CA THR B 5 -26.68 10.09 -41.32
C THR B 5 -26.37 10.76 -42.65
N GLN B 6 -26.00 9.94 -43.63
CA GLN B 6 -25.62 10.40 -44.95
C GLN B 6 -26.62 9.89 -45.96
N SER B 7 -27.06 10.77 -46.86
CA SER B 7 -28.13 10.43 -47.78
C SER B 7 -27.89 11.05 -49.15
N PRO B 8 -28.18 10.31 -50.22
CA PRO B 8 -28.58 8.91 -50.20
C PRO B 8 -27.37 7.98 -50.21
N SER B 9 -27.60 6.67 -50.17
CA SER B 9 -26.50 5.72 -49.99
C SER B 9 -25.74 5.50 -51.28
N SER B 10 -26.40 5.64 -52.43
CA SER B 10 -25.74 5.40 -53.71
C SER B 10 -26.51 6.14 -54.79
N LEU B 11 -25.77 6.64 -55.77
CA LEU B 11 -26.37 7.39 -56.86
C LEU B 11 -25.73 7.01 -58.19
N SER B 12 -26.50 7.21 -59.25
CA SER B 12 -26.02 7.10 -60.62
C SER B 12 -26.45 8.35 -61.37
N ALA B 13 -25.53 8.92 -62.14
CA ALA B 13 -25.84 10.11 -62.92
C ALA B 13 -24.96 10.13 -64.16
N SER B 14 -25.32 10.99 -65.10
CA SER B 14 -24.56 11.12 -66.33
C SER B 14 -23.49 12.21 -66.18
N VAL B 15 -22.60 12.26 -67.17
CA VAL B 15 -21.50 13.21 -67.13
C VAL B 15 -22.02 14.63 -67.36
N GLY B 16 -21.64 15.53 -66.46
CA GLY B 16 -22.06 16.91 -66.53
C GLY B 16 -23.23 17.26 -65.64
N ASP B 17 -23.76 16.31 -64.88
CA ASP B 17 -24.92 16.60 -64.05
C ASP B 17 -24.50 17.31 -62.77
N ARG B 18 -25.49 17.88 -62.09
CA ARG B 18 -25.31 18.49 -60.79
C ARG B 18 -25.90 17.57 -59.73
N VAL B 19 -25.08 17.17 -58.77
CA VAL B 19 -25.51 16.20 -57.77
C VAL B 19 -25.31 16.80 -56.38
N THR B 20 -26.25 16.50 -55.48
CA THR B 20 -26.22 17.01 -54.11
C THR B 20 -26.36 15.87 -53.13
N PHE B 21 -25.66 16.01 -52.01
CA PHE B 21 -25.64 15.07 -50.91
C PHE B 21 -26.10 15.77 -49.65
N THR B 22 -26.75 15.02 -48.76
CA THR B 22 -27.29 15.60 -47.54
C THR B 22 -26.83 14.80 -46.35
N CYS B 23 -26.22 15.47 -45.39
CA CYS B 23 -25.84 14.83 -44.14
C CYS B 23 -26.52 15.52 -42.97
N GLN B 24 -27.05 14.71 -42.06
CA GLN B 24 -27.82 15.17 -40.92
C GLN B 24 -27.16 14.69 -39.64
N ALA B 25 -27.06 15.56 -38.65
CA ALA B 25 -26.46 15.24 -37.37
C ALA B 25 -27.50 15.33 -36.26
N SER B 26 -27.36 14.45 -35.27
CA SER B 26 -28.29 14.45 -34.16
C SER B 26 -28.00 15.60 -33.20
N GLN B 27 -26.83 16.21 -33.28
CA GLN B 27 -26.46 17.32 -32.42
C GLN B 27 -26.12 18.52 -33.28
N ASP B 28 -25.89 19.65 -32.62
CA ASP B 28 -25.42 20.84 -33.32
C ASP B 28 -23.92 20.71 -33.55
N ILE B 29 -23.52 20.71 -34.82
CA ILE B 29 -22.12 20.62 -35.20
C ILE B 29 -21.65 21.85 -35.97
N ARG B 30 -22.09 23.03 -35.55
CA ARG B 30 -22.38 24.24 -36.33
C ARG B 30 -21.57 24.50 -37.61
N LYS B 31 -20.26 24.26 -37.60
CA LYS B 31 -19.49 24.34 -38.83
C LYS B 31 -18.53 23.19 -39.00
N TYR B 32 -18.45 22.31 -38.02
CA TYR B 32 -17.42 21.28 -37.98
C TYR B 32 -17.87 20.12 -38.84
N LEU B 33 -17.55 20.18 -40.13
CA LEU B 33 -17.92 19.10 -41.04
C LEU B 33 -16.88 19.07 -42.13
N ASN B 34 -16.62 17.88 -42.65
CA ASN B 34 -15.68 17.72 -43.75
C ASN B 34 -16.23 16.74 -44.77
N TRP B 35 -15.87 16.97 -46.02
CA TRP B 35 -16.34 16.17 -47.15
C TRP B 35 -15.12 15.59 -47.86
N TYR B 36 -15.13 14.28 -48.09
CA TYR B 36 -14.01 13.56 -48.71
C TYR B 36 -14.49 12.71 -49.86
N GLN B 37 -13.62 12.56 -50.86
CA GLN B 37 -13.80 11.54 -51.87
C GLN B 37 -12.88 10.37 -51.55
N GLN B 38 -13.22 9.20 -52.09
CA GLN B 38 -12.37 8.03 -51.97
C GLN B 38 -12.48 7.20 -53.23
N LYS B 39 -11.45 7.19 -53.98
CA LYS B 39 -11.43 6.24 -55.08
C LYS B 39 -11.16 4.84 -54.53
N PRO B 40 -11.82 3.82 -55.08
CA PRO B 40 -11.82 2.50 -54.44
C PRO B 40 -10.47 1.82 -54.49
N GLY B 41 -9.95 1.50 -53.31
CA GLY B 41 -8.67 0.83 -53.19
C GLY B 41 -7.51 1.74 -53.50
N LYS B 42 -7.72 3.05 -53.40
CA LYS B 42 -6.74 4.05 -53.80
C LYS B 42 -6.41 4.95 -52.63
N ALA B 43 -5.59 5.97 -52.90
CA ALA B 43 -5.29 7.00 -51.94
C ALA B 43 -6.26 8.17 -52.10
N PRO B 44 -7.07 8.43 -51.07
CA PRO B 44 -8.18 9.37 -51.23
C PRO B 44 -7.79 10.80 -50.89
N LYS B 45 -8.73 11.71 -51.09
CA LYS B 45 -8.43 13.13 -51.13
C LYS B 45 -9.55 13.91 -50.43
N LEU B 46 -9.14 14.93 -49.69
CA LEU B 46 -10.09 15.89 -49.12
C LEU B 46 -10.75 16.71 -50.21
N LEU B 47 -12.04 17.02 -50.01
CA LEU B 47 -12.70 17.97 -50.89
C LEU B 47 -13.02 19.26 -50.16
N ILE B 48 -13.78 19.19 -49.06
CA ILE B 48 -14.32 20.38 -48.41
C ILE B 48 -13.98 20.34 -46.92
N TYR B 49 -13.38 21.41 -46.42
CA TYR B 49 -13.24 21.60 -44.99
C TYR B 49 -14.13 22.75 -44.54
N ASP B 50 -14.52 22.71 -43.27
CA ASP B 50 -15.45 23.64 -42.61
C ASP B 50 -16.82 23.69 -43.26
N ALA B 51 -17.16 22.67 -44.05
CA ALA B 51 -18.42 22.51 -44.80
C ALA B 51 -18.71 23.62 -45.81
N SER B 52 -17.78 24.54 -46.03
CA SER B 52 -17.99 25.60 -47.00
C SER B 52 -16.77 25.96 -47.83
N ASN B 53 -15.62 25.35 -47.57
CA ASN B 53 -14.37 25.86 -48.12
C ASN B 53 -13.71 24.82 -49.02
N LEU B 54 -13.21 25.27 -50.16
CA LEU B 54 -12.41 24.42 -51.03
C LEU B 54 -10.98 24.31 -50.51
N LYS B 55 -10.37 23.17 -50.77
CA LYS B 55 -8.94 23.01 -50.60
C LYS B 55 -8.25 23.47 -51.87
N THR B 56 -7.11 24.14 -51.70
CA THR B 56 -6.33 24.56 -52.86
C THR B 56 -5.78 23.34 -53.59
N GLY B 57 -6.00 23.31 -54.90
CA GLY B 57 -5.73 22.13 -55.69
C GLY B 57 -6.96 21.32 -56.01
N VAL B 58 -8.11 21.62 -55.42
CA VAL B 58 -9.37 20.98 -55.77
C VAL B 58 -10.05 21.88 -56.81
N PRO B 59 -10.56 21.33 -57.91
CA PRO B 59 -11.24 22.15 -58.91
C PRO B 59 -12.54 22.74 -58.36
N SER B 60 -13.00 23.79 -59.04
CA SER B 60 -14.06 24.64 -58.50
C SER B 60 -15.45 24.06 -58.66
N ARG B 61 -15.59 22.87 -59.24
CA ARG B 61 -16.91 22.28 -59.43
C ARG B 61 -17.52 21.76 -58.13
N PHE B 62 -16.75 21.69 -57.05
CA PHE B 62 -17.24 21.19 -55.77
C PHE B 62 -17.64 22.36 -54.89
N SER B 63 -18.66 22.13 -54.07
CA SER B 63 -19.11 23.14 -53.12
C SER B 63 -19.85 22.46 -51.97
N GLY B 64 -19.99 23.20 -50.88
CA GLY B 64 -20.75 22.72 -49.74
C GLY B 64 -21.40 23.87 -49.01
N SER B 65 -22.51 23.56 -48.35
CA SER B 65 -23.25 24.58 -47.61
C SER B 65 -24.03 23.90 -46.50
N GLY B 66 -24.65 24.71 -45.66
CA GLY B 66 -25.41 24.24 -44.53
C GLY B 66 -24.80 24.70 -43.22
N SER B 67 -25.68 25.00 -42.26
CA SER B 67 -25.20 25.47 -40.97
C SER B 67 -25.59 24.57 -39.80
N GLY B 68 -26.88 24.38 -39.57
CA GLY B 68 -27.30 23.83 -38.30
C GLY B 68 -27.02 22.37 -38.06
N THR B 69 -27.76 21.50 -38.74
CA THR B 69 -27.53 20.06 -38.70
C THR B 69 -27.57 19.43 -40.08
N ASP B 70 -28.22 20.09 -41.05
CA ASP B 70 -28.40 19.55 -42.38
C ASP B 70 -27.42 20.23 -43.32
N PHE B 71 -26.68 19.42 -44.07
CA PHE B 71 -25.59 19.95 -44.86
C PHE B 71 -25.66 19.37 -46.25
N THR B 72 -25.35 20.22 -47.23
CA THR B 72 -25.51 19.89 -48.64
C THR B 72 -24.17 20.00 -49.34
N PHE B 73 -23.75 18.91 -49.93
CA PHE B 73 -22.58 18.87 -50.79
C PHE B 73 -23.03 18.87 -52.24
N THR B 74 -22.29 19.56 -53.10
CA THR B 74 -22.78 19.79 -54.45
C THR B 74 -21.64 19.71 -55.46
N ILE B 75 -21.79 18.84 -56.43
CA ILE B 75 -20.94 18.83 -57.62
C ILE B 75 -21.72 19.47 -58.74
N SER B 76 -21.15 20.53 -59.34
CA SER B 76 -21.86 21.28 -60.37
C SER B 76 -21.92 20.50 -61.67
N SER B 77 -20.78 19.98 -62.14
CA SER B 77 -20.71 19.22 -63.38
C SER B 77 -20.00 17.92 -63.08
N LEU B 78 -20.72 16.81 -63.21
CA LEU B 78 -20.13 15.51 -62.93
C LEU B 78 -19.17 15.11 -64.04
N GLN B 79 -17.99 14.65 -63.64
CA GLN B 79 -16.93 14.32 -64.57
C GLN B 79 -16.51 12.87 -64.35
N PRO B 80 -15.97 12.20 -65.38
CA PRO B 80 -15.77 10.73 -65.27
C PRO B 80 -14.68 10.33 -64.29
N GLU B 81 -13.81 11.25 -63.89
CA GLU B 81 -12.84 10.94 -62.85
C GLU B 81 -13.38 11.17 -61.45
N ASP B 82 -14.66 11.49 -61.32
CA ASP B 82 -15.23 11.76 -60.01
C ASP B 82 -16.05 10.59 -59.46
N VAL B 83 -15.95 9.42 -60.09
CA VAL B 83 -16.56 8.24 -59.52
C VAL B 83 -15.77 7.81 -58.29
N ALA B 84 -16.40 7.94 -57.12
CA ALA B 84 -15.73 7.70 -55.85
C ALA B 84 -16.81 7.46 -54.80
N THR B 85 -16.38 7.05 -53.62
CA THR B 85 -17.22 6.98 -52.44
C THR B 85 -17.02 8.25 -51.63
N TYR B 86 -18.10 8.95 -51.36
CA TYR B 86 -18.02 10.27 -50.74
C TYR B 86 -18.50 10.19 -49.30
N TYR B 87 -17.75 10.83 -48.42
CA TYR B 87 -18.01 10.78 -46.99
C TYR B 87 -18.18 12.18 -46.44
N CYS B 88 -19.09 12.30 -45.50
CA CYS B 88 -19.21 13.49 -44.67
C CYS B 88 -18.81 13.10 -43.27
N GLN B 89 -18.27 14.06 -42.52
CA GLN B 89 -17.68 13.74 -41.23
C GLN B 89 -17.78 14.88 -40.24
N GLN B 90 -18.31 14.58 -39.06
CA GLN B 90 -18.35 15.49 -37.93
C GLN B 90 -16.95 15.65 -37.37
N PHE B 91 -16.69 16.80 -36.76
CA PHE B 91 -15.47 16.99 -36.00
C PHE B 91 -15.74 17.25 -34.53
N ASP B 92 -16.99 17.50 -34.16
CA ASP B 92 -17.28 18.01 -32.84
C ASP B 92 -17.36 16.89 -31.81
N ASP B 93 -16.98 17.22 -30.57
CA ASP B 93 -17.21 16.52 -29.31
C ASP B 93 -16.40 15.25 -29.11
N LEU B 94 -15.71 14.76 -30.14
CA LEU B 94 -14.67 13.72 -30.18
C LEU B 94 -14.95 12.28 -29.74
N PRO B 95 -16.11 11.69 -30.01
CA PRO B 95 -16.10 10.30 -30.49
C PRO B 95 -16.27 10.28 -31.99
N ILE B 96 -15.19 10.63 -32.70
CA ILE B 96 -15.28 11.18 -34.05
C ILE B 96 -15.89 10.20 -35.05
N THR B 97 -16.97 10.63 -35.67
CA THR B 97 -17.85 9.74 -36.39
C THR B 97 -17.91 10.18 -37.84
N PHE B 98 -17.88 9.20 -38.72
CA PHE B 98 -17.96 9.40 -40.15
C PHE B 98 -19.40 9.21 -40.61
N GLY B 99 -19.67 9.64 -41.83
CA GLY B 99 -20.87 9.21 -42.49
C GLY B 99 -20.76 7.78 -42.98
N GLN B 100 -21.86 7.24 -43.48
CA GLN B 100 -21.82 5.88 -43.97
C GLN B 100 -21.12 5.78 -45.32
N GLY B 101 -21.37 6.71 -46.22
CA GLY B 101 -20.75 6.67 -47.52
C GLY B 101 -21.75 6.90 -48.64
N THR B 102 -21.25 7.32 -49.78
CA THR B 102 -22.11 7.53 -50.94
C THR B 102 -21.34 7.15 -52.19
N ARG B 103 -21.72 6.05 -52.81
CA ARG B 103 -21.05 5.59 -54.03
C ARG B 103 -21.68 6.23 -55.25
N LEU B 104 -20.85 6.44 -56.28
CA LEU B 104 -21.30 6.99 -57.55
C LEU B 104 -21.06 6.02 -58.69
N GLN B 105 -21.94 6.10 -59.68
CA GLN B 105 -21.87 5.30 -60.88
C GLN B 105 -22.11 6.20 -62.07
N ILE B 106 -21.29 6.07 -63.10
CA ILE B 106 -21.41 6.91 -64.28
C ILE B 106 -22.37 6.26 -65.25
N LYS B 107 -23.30 7.05 -65.78
CA LYS B 107 -24.22 6.54 -66.80
C LYS B 107 -23.63 6.72 -68.21
N MET C 1 58.30 -14.90 17.08
CA MET C 1 58.62 -14.90 15.66
C MET C 1 57.33 -14.80 14.86
N ARG C 2 57.45 -14.31 13.61
CA ARG C 2 56.38 -13.76 12.78
C ARG C 2 55.67 -12.60 13.47
N CYS C 3 56.30 -12.01 14.49
CA CYS C 3 55.65 -11.07 15.38
C CYS C 3 56.59 -9.98 15.85
N ILE C 4 57.73 -9.82 15.19
CA ILE C 4 58.67 -8.81 15.64
C ILE C 4 58.51 -7.57 14.78
N GLY C 5 58.46 -6.41 15.42
CA GLY C 5 58.34 -5.16 14.71
C GLY C 5 56.95 -4.89 14.18
N ILE C 6 55.94 -5.61 14.67
CA ILE C 6 54.56 -5.44 14.24
C ILE C 6 53.77 -4.71 15.33
N SER C 7 54.44 -3.77 15.99
CA SER C 7 54.25 -3.16 17.31
C SER C 7 52.80 -2.74 17.51
N ASN C 8 52.42 -2.60 18.79
CA ASN C 8 51.17 -2.88 19.53
C ASN C 8 50.95 -4.37 19.81
N ARG C 9 51.98 -5.06 20.30
CA ARG C 9 51.91 -6.51 20.51
C ARG C 9 51.88 -6.87 21.99
N ASP C 10 50.71 -6.78 22.61
CA ASP C 10 50.05 -7.85 23.36
C ASP C 10 50.91 -8.92 24.02
N PHE C 11 51.73 -8.58 25.00
CA PHE C 11 52.36 -9.58 25.86
C PHE C 11 51.35 -10.14 26.86
N VAL C 12 51.41 -11.45 27.08
CA VAL C 12 50.49 -12.16 27.97
C VAL C 12 51.32 -12.99 28.93
N GLU C 13 51.12 -12.78 30.23
CA GLU C 13 51.77 -13.56 31.27
C GLU C 13 50.75 -14.42 31.99
N GLY C 14 51.18 -15.55 32.51
CA GLY C 14 50.31 -16.35 33.37
C GLY C 14 49.52 -17.41 32.63
N VAL C 15 49.41 -18.60 33.21
CA VAL C 15 48.74 -19.71 32.57
C VAL C 15 47.80 -20.37 33.58
N SER C 16 47.82 -19.87 34.81
CA SER C 16 47.22 -20.44 36.02
C SER C 16 45.71 -20.66 35.84
N GLY C 17 45.14 -21.58 36.60
CA GLY C 17 43.82 -22.10 36.32
C GLY C 17 44.01 -23.43 35.64
N GLY C 18 45.22 -23.96 35.74
CA GLY C 18 45.62 -25.14 35.02
C GLY C 18 46.27 -24.84 33.69
N SER C 19 45.49 -24.54 32.65
CA SER C 19 46.14 -24.18 31.39
C SER C 19 45.45 -23.06 30.64
N TRP C 20 44.23 -22.70 31.01
CA TRP C 20 43.43 -21.82 30.17
C TRP C 20 43.88 -20.38 30.34
N VAL C 21 44.13 -19.73 29.21
CA VAL C 21 44.43 -18.31 29.14
C VAL C 21 43.46 -17.71 28.13
N ASP C 22 42.87 -16.58 28.48
CA ASP C 22 41.93 -15.92 27.57
C ASP C 22 42.68 -14.88 26.75
N ILE C 23 42.61 -15.00 25.44
CA ILE C 23 43.31 -14.11 24.52
C ILE C 23 42.26 -13.50 23.59
N VAL C 24 42.35 -12.19 23.38
CA VAL C 24 41.56 -11.53 22.36
C VAL C 24 42.53 -11.03 21.31
N LEU C 25 42.37 -11.50 20.07
CA LEU C 25 43.33 -11.18 19.03
C LEU C 25 42.59 -10.67 17.80
N GLU C 26 43.26 -9.80 17.04
CA GLU C 26 42.64 -9.16 15.89
C GLU C 26 43.63 -9.13 14.74
N HIS C 27 43.16 -8.67 13.58
CA HIS C 27 43.93 -8.67 12.35
C HIS C 27 45.14 -7.76 12.43
N GLY C 28 45.00 -6.63 13.11
CA GLY C 28 46.07 -5.66 13.18
C GLY C 28 47.26 -6.12 14.00
N SER C 29 47.01 -6.54 15.24
CA SER C 29 48.09 -6.90 16.13
C SER C 29 48.24 -8.41 16.17
N CYS C 30 49.05 -8.87 17.10
CA CYS C 30 49.26 -10.28 17.36
C CYS C 30 49.63 -10.41 18.82
N VAL C 31 49.61 -11.63 19.33
CA VAL C 31 49.69 -11.88 20.76
C VAL C 31 50.83 -12.82 21.05
N THR C 32 51.70 -12.46 21.99
CA THR C 32 52.77 -13.33 22.46
C THR C 32 52.49 -13.75 23.89
N THR C 33 52.46 -15.06 24.14
CA THR C 33 52.09 -15.60 25.44
C THR C 33 53.31 -16.20 26.14
N MET C 34 53.22 -16.29 27.46
CA MET C 34 54.31 -16.78 28.29
C MET C 34 53.75 -17.59 29.44
N ALA C 35 54.57 -18.51 29.95
CA ALA C 35 54.26 -19.26 31.15
C ALA C 35 55.57 -19.71 31.78
N LYS C 36 55.47 -20.33 32.96
CA LYS C 36 56.66 -20.80 33.66
C LYS C 36 57.30 -22.00 32.99
N ASN C 37 56.56 -22.69 32.15
CA ASN C 37 57.05 -23.70 31.24
C ASN C 37 56.31 -23.45 29.93
N LYS C 38 56.27 -24.47 29.05
CA LYS C 38 55.35 -24.53 27.92
C LYS C 38 55.58 -23.39 26.95
N PRO C 39 56.57 -23.50 26.07
CA PRO C 39 57.31 -22.34 25.55
C PRO C 39 56.47 -21.38 24.75
N THR C 40 57.01 -20.18 24.58
CA THR C 40 56.24 -19.02 24.17
C THR C 40 55.72 -19.15 22.75
N LEU C 41 54.40 -19.01 22.61
CA LEU C 41 53.73 -19.10 21.33
C LEU C 41 53.35 -17.71 20.85
N ASP C 42 53.20 -17.59 19.54
CA ASP C 42 52.86 -16.34 18.90
C ASP C 42 51.59 -16.50 18.09
N PHE C 43 50.60 -15.67 18.38
CA PHE C 43 49.26 -15.79 17.81
C PHE C 43 49.03 -14.62 16.88
N GLU C 44 49.26 -14.84 15.60
CA GLU C 44 48.97 -13.83 14.59
C GLU C 44 47.68 -14.23 13.90
N LEU C 45 46.80 -13.26 13.73
CA LEU C 45 45.55 -13.46 13.00
C LEU C 45 45.78 -13.06 11.55
N ILE C 46 45.31 -13.91 10.63
CA ILE C 46 45.31 -13.57 9.21
C ILE C 46 43.87 -13.75 8.76
N LYS C 47 43.67 -13.72 7.43
CA LYS C 47 42.39 -13.43 6.76
C LYS C 47 41.18 -14.18 7.31
N THR C 48 40.06 -13.47 7.32
CA THR C 48 38.75 -14.02 7.60
C THR C 48 38.07 -14.27 6.27
N GLU C 49 37.31 -15.35 6.15
CA GLU C 49 36.64 -15.65 4.90
C GLU C 49 35.20 -16.04 5.18
N ALA C 50 34.27 -15.17 4.84
CA ALA C 50 32.85 -15.48 4.90
C ALA C 50 32.45 -16.09 3.56
N LYS C 51 32.08 -17.37 3.58
CA LYS C 51 32.04 -18.14 2.34
C LYS C 51 30.79 -17.84 1.50
N HIS C 52 29.62 -17.90 2.11
CA HIS C 52 28.38 -17.85 1.35
C HIS C 52 27.60 -16.59 1.72
N PRO C 53 27.69 -15.53 0.96
CA PRO C 53 26.85 -14.37 1.25
C PRO C 53 25.51 -14.46 0.56
N ALA C 54 24.62 -13.54 0.85
CA ALA C 54 23.33 -13.46 0.18
C ALA C 54 23.03 -12.00 -0.11
N THR C 55 22.66 -11.71 -1.35
CA THR C 55 22.58 -10.34 -1.85
C THR C 55 21.32 -9.65 -1.34
N LEU C 56 21.50 -8.65 -0.49
CA LEU C 56 20.42 -7.77 -0.08
C LEU C 56 20.88 -6.34 -0.31
N ARG C 57 20.82 -5.90 -1.56
CA ARG C 57 20.14 -4.71 -2.10
C ARG C 57 20.84 -4.35 -3.39
N LYS C 58 20.22 -3.59 -4.24
CA LYS C 58 20.93 -2.93 -5.32
C LYS C 58 20.57 -1.46 -5.30
N TYR C 59 21.58 -0.62 -5.17
CA TYR C 59 21.46 0.80 -5.34
C TYR C 59 22.07 1.20 -6.66
N CYS C 60 21.36 1.99 -7.44
CA CYS C 60 21.90 2.52 -8.67
C CYS C 60 22.69 3.77 -8.35
N VAL C 61 23.81 3.95 -9.04
CA VAL C 61 24.65 5.11 -8.80
C VAL C 61 24.63 6.08 -9.97
N GLU C 62 24.65 5.57 -11.20
CA GLU C 62 24.51 6.41 -12.37
C GLU C 62 23.32 5.88 -13.16
N ALA C 63 22.56 6.79 -13.74
CA ALA C 63 21.38 6.40 -14.49
C ALA C 63 21.27 7.25 -15.74
N LYS C 64 20.50 6.78 -16.70
CA LYS C 64 20.24 7.57 -17.89
C LYS C 64 18.75 7.50 -18.18
N LEU C 65 18.28 8.43 -19.00
CA LEU C 65 16.87 8.57 -19.29
C LEU C 65 16.63 8.46 -20.79
N THR C 66 15.43 7.99 -21.14
CA THR C 66 15.04 7.88 -22.54
C THR C 66 13.52 7.91 -22.63
N ASN C 67 13.06 8.20 -23.84
CA ASN C 67 11.68 8.14 -24.36
C ASN C 67 10.76 9.24 -23.85
N THR C 68 11.17 9.93 -22.77
CA THR C 68 10.87 11.32 -22.39
C THR C 68 9.47 11.83 -22.75
N THR C 69 8.43 11.17 -22.28
CA THR C 69 7.08 11.63 -22.60
C THR C 69 6.58 12.66 -21.60
N THR C 70 5.76 13.58 -22.10
CA THR C 70 5.10 14.60 -21.33
C THR C 70 3.71 14.96 -21.77
N ALA C 71 2.91 15.55 -20.88
CA ALA C 71 1.48 15.73 -21.14
C ALA C 71 0.88 16.74 -20.19
N SER C 72 -0.08 17.50 -20.68
CA SER C 72 -0.84 18.42 -19.85
C SER C 72 -2.25 18.49 -20.38
N ARG C 73 -3.23 18.56 -19.46
CA ARG C 73 -4.60 18.54 -19.95
C ARG C 73 -5.12 19.91 -20.35
N CYS C 74 -5.40 20.78 -19.36
CA CYS C 74 -6.29 21.92 -19.57
C CYS C 74 -6.35 22.69 -18.27
N PRO C 75 -6.75 23.95 -18.28
CA PRO C 75 -6.90 24.70 -17.03
C PRO C 75 -8.08 24.28 -16.18
N THR C 76 -7.80 23.35 -15.26
CA THR C 76 -8.59 22.92 -14.10
C THR C 76 -9.72 21.98 -14.47
N GLN C 77 -9.94 21.73 -15.76
CA GLN C 77 -10.62 20.51 -16.10
C GLN C 77 -9.58 19.47 -16.51
N GLY C 78 -9.64 18.32 -15.85
CA GLY C 78 -8.60 17.36 -16.18
C GLY C 78 -7.32 17.58 -15.40
N GLU C 79 -6.84 16.49 -14.81
CA GLU C 79 -5.47 16.40 -14.38
C GLU C 79 -4.83 15.35 -15.28
N PRO C 80 -3.62 15.57 -15.79
CA PRO C 80 -3.21 14.88 -17.01
C PRO C 80 -2.85 13.44 -16.76
N SER C 81 -3.09 12.62 -17.76
CA SER C 81 -2.74 11.21 -17.68
C SER C 81 -1.91 10.86 -18.90
N LEU C 82 -1.19 9.75 -18.78
CA LEU C 82 -0.29 9.33 -19.84
C LEU C 82 -0.18 7.82 -19.72
N ASN C 83 -0.21 7.14 -20.87
CA ASN C 83 -0.34 5.69 -20.85
C ASN C 83 0.96 5.02 -20.41
N GLU C 84 2.08 5.72 -20.52
CA GLU C 84 3.35 5.16 -20.07
C GLU C 84 3.67 5.52 -18.63
N GLU C 85 2.69 6.04 -17.89
CA GLU C 85 2.75 6.08 -16.44
C GLU C 85 2.43 4.75 -15.78
N GLN C 86 1.93 3.79 -16.58
CA GLN C 86 1.50 2.48 -16.07
C GLN C 86 2.65 1.63 -15.58
N ASP C 87 3.83 1.79 -16.19
CA ASP C 87 5.01 1.04 -15.77
C ASP C 87 5.62 1.82 -14.62
N LYS C 88 6.05 1.12 -13.58
CA LYS C 88 6.83 1.78 -12.54
C LYS C 88 8.28 1.95 -12.98
N ARG C 89 8.67 1.33 -14.09
CA ARG C 89 9.98 1.57 -14.67
C ARG C 89 10.13 3.03 -15.11
N PHE C 90 9.05 3.64 -15.57
CA PHE C 90 9.06 5.06 -15.82
C PHE C 90 8.95 5.84 -14.52
N VAL C 91 9.66 6.96 -14.47
CA VAL C 91 9.53 7.93 -13.40
C VAL C 91 8.62 9.03 -13.88
N CYS C 92 7.74 9.50 -13.00
CA CYS C 92 6.66 10.40 -13.35
C CYS C 92 6.51 11.47 -12.29
N LYS C 93 6.09 12.66 -12.73
CA LYS C 93 5.76 13.71 -11.77
C LYS C 93 4.71 14.65 -12.35
N HIS C 94 3.76 15.01 -11.49
CA HIS C 94 2.78 16.05 -11.74
C HIS C 94 3.33 17.39 -11.34
N SER C 95 2.92 18.43 -12.05
CA SER C 95 3.23 19.81 -11.73
C SER C 95 2.11 20.67 -12.29
N MET C 96 2.22 21.98 -12.09
CA MET C 96 1.23 22.90 -12.64
C MET C 96 1.98 24.02 -13.33
N VAL C 97 1.59 24.35 -14.56
CA VAL C 97 2.41 25.33 -15.27
C VAL C 97 1.70 26.66 -15.54
N ASP C 98 0.93 26.73 -16.64
CA ASP C 98 -0.02 27.75 -17.04
C ASP C 98 -0.54 27.35 -18.40
N ARG C 99 -1.72 27.79 -18.79
CA ARG C 99 -2.24 27.52 -20.11
C ARG C 99 -3.17 28.65 -20.51
N GLY C 100 -3.16 28.96 -21.80
CA GLY C 100 -4.05 29.97 -22.33
C GLY C 100 -4.24 29.78 -23.82
N TRP C 101 -4.83 30.79 -24.46
CA TRP C 101 -5.13 30.69 -25.88
C TRP C 101 -3.89 30.80 -26.74
N GLY C 102 -2.79 31.27 -26.16
CA GLY C 102 -1.52 31.18 -26.84
C GLY C 102 -1.09 29.74 -26.91
N ASN C 103 -1.21 29.05 -25.78
CA ASN C 103 -1.02 27.60 -25.77
C ASN C 103 -2.12 26.89 -26.53
N GLY C 104 -3.29 27.50 -26.61
CA GLY C 104 -4.33 27.04 -27.50
C GLY C 104 -5.61 26.60 -26.83
N CYS C 105 -5.55 26.17 -25.59
CA CYS C 105 -6.66 25.48 -24.96
C CYS C 105 -7.87 26.37 -24.68
N GLY C 106 -7.70 27.34 -23.78
CA GLY C 106 -8.82 28.15 -23.36
C GLY C 106 -8.85 28.27 -21.85
N LEU C 107 -9.67 29.22 -21.38
CA LEU C 107 -10.09 29.43 -19.98
C LEU C 107 -8.98 30.01 -19.10
N PHE C 108 -7.75 30.10 -19.62
CA PHE C 108 -6.62 30.88 -19.09
C PHE C 108 -6.30 30.58 -17.63
N GLY C 109 -5.81 29.38 -17.37
CA GLY C 109 -5.60 29.03 -15.99
C GLY C 109 -4.19 28.57 -15.75
N LYS C 110 -3.99 28.02 -14.56
CA LYS C 110 -2.74 27.36 -14.23
C LYS C 110 -2.99 25.87 -14.24
N GLY C 111 -2.93 25.26 -15.43
CA GLY C 111 -3.29 23.87 -15.61
C GLY C 111 -2.17 22.91 -15.27
N GLY C 112 -2.57 21.70 -14.90
CA GLY C 112 -1.61 20.69 -14.52
C GLY C 112 -0.88 20.11 -15.71
N ILE C 113 0.19 19.38 -15.41
CA ILE C 113 1.10 18.84 -16.42
C ILE C 113 1.76 17.63 -15.78
N VAL C 114 2.14 16.65 -16.60
CA VAL C 114 2.92 15.52 -16.13
C VAL C 114 4.22 15.46 -16.92
N THR C 115 5.15 14.69 -16.39
CA THR C 115 6.32 14.32 -17.18
C THR C 115 6.76 12.93 -16.78
N CYS C 116 7.38 12.24 -17.73
CA CYS C 116 7.68 10.82 -17.62
C CYS C 116 9.01 10.54 -18.30
N ALA C 117 9.72 9.54 -17.78
CA ALA C 117 11.01 9.16 -18.35
C ALA C 117 11.34 7.72 -17.99
N MET C 118 11.85 6.98 -18.98
CA MET C 118 12.29 5.61 -18.74
C MET C 118 13.63 5.61 -18.02
N PHE C 119 13.78 4.69 -17.07
CA PHE C 119 14.89 4.71 -16.13
C PHE C 119 15.80 3.51 -16.39
N THR C 120 17.00 3.77 -16.90
CA THR C 120 17.97 2.73 -17.18
C THR C 120 19.16 2.99 -16.26
N CYS C 121 19.86 1.93 -15.86
CA CYS C 121 20.81 2.00 -14.75
C CYS C 121 22.22 1.64 -15.20
N LYS C 122 23.19 2.37 -14.69
CA LYS C 122 24.61 2.02 -14.83
C LYS C 122 25.02 1.19 -13.62
N LYS C 123 26.34 1.10 -13.41
CA LYS C 123 26.96 0.27 -12.38
C LYS C 123 26.45 0.60 -10.97
N ASN C 124 26.38 -0.43 -10.13
CA ASN C 124 25.52 -0.43 -8.95
C ASN C 124 26.32 -0.77 -7.70
N MET C 125 25.69 -0.54 -6.56
CA MET C 125 26.15 -1.10 -5.29
C MET C 125 25.48 -2.43 -5.09
N GLU C 126 26.27 -3.47 -4.86
CA GLU C 126 25.77 -4.83 -4.82
C GLU C 126 25.69 -5.41 -3.42
N GLY C 127 25.25 -4.62 -2.43
CA GLY C 127 25.22 -4.97 -1.02
C GLY C 127 24.75 -6.35 -0.62
N LYS C 128 25.55 -7.05 0.18
CA LYS C 128 25.31 -8.42 0.57
C LYS C 128 25.37 -8.52 2.09
N VAL C 129 24.78 -9.60 2.62
CA VAL C 129 24.86 -9.92 4.03
C VAL C 129 25.41 -11.33 4.18
N VAL C 130 25.90 -11.63 5.38
CA VAL C 130 26.38 -12.96 5.73
C VAL C 130 25.79 -13.35 7.08
N GLN C 131 25.46 -14.60 7.21
CA GLN C 131 25.01 -15.14 8.48
C GLN C 131 26.21 -15.34 9.40
N PRO C 132 26.00 -15.54 10.70
CA PRO C 132 27.15 -15.90 11.56
C PRO C 132 27.49 -17.38 11.52
N GLU C 133 27.42 -17.96 10.33
CA GLU C 133 28.11 -19.18 9.96
C GLU C 133 28.70 -18.91 8.59
N ASN C 134 29.15 -19.97 7.92
CA ASN C 134 29.78 -19.92 6.61
C ASN C 134 30.97 -18.97 6.59
N LEU C 135 31.67 -18.87 7.72
CA LEU C 135 32.76 -17.94 7.84
C LEU C 135 33.84 -18.61 8.69
N GLU C 136 35.08 -18.42 8.26
CA GLU C 136 36.18 -19.05 8.96
C GLU C 136 37.22 -17.99 9.27
N TYR C 137 37.83 -18.13 10.44
CA TYR C 137 39.01 -17.37 10.80
C TYR C 137 40.21 -18.28 10.64
N THR C 138 41.25 -17.75 10.03
CA THR C 138 42.49 -18.51 9.88
C THR C 138 43.49 -17.91 10.85
N ILE C 139 44.02 -18.73 11.74
CA ILE C 139 45.01 -18.28 12.70
C ILE C 139 46.30 -19.05 12.46
N VAL C 140 47.38 -18.33 12.26
CA VAL C 140 48.71 -18.92 12.32
C VAL C 140 49.21 -18.80 13.75
N ILE C 141 49.54 -19.94 14.34
CA ILE C 141 50.13 -19.98 15.66
C ILE C 141 51.58 -20.40 15.45
N THR C 142 52.49 -19.57 15.89
CA THR C 142 53.84 -20.03 15.58
C THR C 142 54.72 -19.98 16.80
N PRO C 143 55.63 -20.94 16.95
CA PRO C 143 56.49 -20.95 18.12
C PRO C 143 57.80 -20.22 17.88
N HIS C 144 58.45 -19.89 18.97
CA HIS C 144 59.79 -19.32 19.00
C HIS C 144 60.85 -20.39 18.82
N SER C 145 62.03 -20.12 19.39
CA SER C 145 63.15 -21.04 19.53
C SER C 145 63.78 -21.40 18.20
N GLY C 146 64.38 -20.40 17.56
CA GLY C 146 65.37 -20.71 16.56
C GLY C 146 64.77 -20.65 15.17
N GLU C 147 65.31 -21.50 14.29
CA GLU C 147 64.90 -21.62 12.91
C GLU C 147 65.06 -20.28 12.18
N GLU C 148 66.28 -19.92 11.81
CA GLU C 148 66.48 -18.75 10.96
C GLU C 148 65.83 -18.98 9.60
N ASN C 149 65.93 -17.99 8.70
CA ASN C 149 64.84 -17.42 7.92
C ASN C 149 63.89 -16.69 8.85
N ALA C 150 64.34 -15.55 9.36
CA ALA C 150 63.45 -14.40 9.51
C ALA C 150 62.40 -14.50 10.62
N VAL C 151 62.71 -13.94 11.78
CA VAL C 151 61.71 -13.64 12.81
C VAL C 151 60.46 -12.91 12.33
N GLY C 152 60.46 -12.33 11.14
CA GLY C 152 59.23 -11.95 10.45
C GLY C 152 58.72 -13.10 9.59
N ASN C 153 58.62 -12.85 8.27
CA ASN C 153 58.07 -13.67 7.17
C ASN C 153 56.86 -14.53 7.57
N ASP C 154 55.71 -13.89 7.79
CA ASP C 154 54.46 -14.62 7.94
C ASP C 154 54.16 -15.55 6.76
N THR C 155 54.62 -15.22 5.56
CA THR C 155 54.69 -16.20 4.49
C THR C 155 55.76 -17.24 4.81
N GLY C 156 55.39 -18.50 4.74
CA GLY C 156 56.30 -19.58 5.06
C GLY C 156 55.71 -20.57 6.04
N LYS C 157 56.18 -21.81 5.96
CA LYS C 157 55.58 -22.92 6.69
C LYS C 157 56.44 -23.26 7.90
N HIS C 158 56.22 -22.54 9.00
CA HIS C 158 56.78 -22.91 10.28
C HIS C 158 55.66 -22.92 11.32
N GLY C 159 54.76 -21.95 11.21
CA GLY C 159 53.58 -21.90 12.04
C GLY C 159 52.40 -22.50 11.33
N LYS C 160 51.61 -23.32 12.02
CA LYS C 160 50.49 -23.97 11.37
C LYS C 160 49.33 -23.00 11.15
N GLU C 161 48.58 -23.23 10.06
CA GLU C 161 47.61 -22.29 9.54
C GLU C 161 46.19 -22.59 9.93
N ILE C 162 45.92 -22.91 11.20
CA ILE C 162 44.70 -23.61 11.59
C ILE C 162 43.43 -22.78 11.38
N LYS C 163 42.42 -23.41 10.80
CA LYS C 163 41.13 -22.79 10.57
C LYS C 163 40.25 -22.91 11.81
N VAL C 164 39.24 -22.05 11.89
CA VAL C 164 38.21 -22.19 12.92
C VAL C 164 36.93 -21.59 12.36
N THR C 165 35.81 -22.23 12.68
CA THR C 165 34.50 -21.76 12.26
C THR C 165 33.56 -21.94 13.45
N PRO C 166 32.47 -21.18 13.52
CA PRO C 166 31.47 -21.44 14.57
C PRO C 166 30.76 -22.77 14.44
N GLN C 167 30.90 -23.47 13.32
CA GLN C 167 30.46 -24.86 13.26
C GLN C 167 31.51 -25.81 13.85
N SER C 168 32.60 -25.27 14.35
CA SER C 168 33.67 -26.05 14.95
C SER C 168 33.84 -25.67 16.41
N SER C 169 34.95 -26.09 16.98
CA SER C 169 35.06 -26.43 18.39
C SER C 169 36.49 -26.14 18.84
N ILE C 170 36.94 -26.94 19.80
CA ILE C 170 38.14 -26.79 20.63
C ILE C 170 39.46 -26.57 19.91
N THR C 171 39.47 -26.64 18.57
CA THR C 171 40.55 -26.30 17.65
C THR C 171 41.89 -26.93 18.02
N GLU C 172 41.99 -28.24 17.83
CA GLU C 172 43.22 -28.96 18.09
C GLU C 172 44.23 -28.65 16.99
N ALA C 173 45.41 -28.18 17.37
CA ALA C 173 46.49 -27.93 16.41
C ALA C 173 47.74 -28.65 16.85
N GLU C 174 48.51 -29.13 15.87
CA GLU C 174 49.73 -29.86 16.13
C GLU C 174 50.90 -29.07 15.57
N LEU C 175 52.04 -29.16 16.24
CA LEU C 175 53.27 -28.54 15.76
C LEU C 175 54.34 -29.60 15.66
N THR C 176 55.57 -29.15 15.44
CA THR C 176 56.69 -30.06 15.47
C THR C 176 56.93 -30.55 16.88
N GLY C 177 56.59 -31.82 17.12
CA GLY C 177 56.72 -32.38 18.44
C GLY C 177 55.72 -31.84 19.44
N TYR C 178 56.21 -30.96 20.29
CA TYR C 178 55.57 -30.47 21.50
C TYR C 178 54.24 -29.78 21.33
N GLY C 179 53.99 -29.21 20.17
CA GLY C 179 52.93 -28.23 20.05
C GLY C 179 51.50 -28.72 19.85
N THR C 180 51.02 -29.63 20.68
CA THR C 180 49.59 -29.90 20.70
C THR C 180 48.86 -28.83 21.49
N VAL C 181 48.24 -27.89 20.79
CA VAL C 181 47.64 -26.73 21.43
C VAL C 181 46.16 -26.72 21.10
N THR C 182 45.31 -26.55 22.11
CA THR C 182 43.87 -26.53 21.84
C THR C 182 43.35 -25.12 22.01
N MET C 183 42.63 -24.65 21.01
CA MET C 183 42.09 -23.29 20.98
C MET C 183 40.58 -23.37 20.86
N GLU C 184 39.91 -22.70 21.78
CA GLU C 184 38.45 -22.69 21.82
C GLU C 184 38.01 -21.28 21.49
N CYS C 185 37.67 -21.05 20.24
CA CYS C 185 37.28 -19.73 19.81
C CYS C 185 35.82 -19.49 20.14
N SER C 186 35.45 -18.23 20.33
CA SER C 186 34.05 -17.83 20.43
C SER C 186 33.77 -16.80 19.35
N PRO C 187 33.59 -17.23 18.11
CA PRO C 187 33.45 -16.27 17.00
C PRO C 187 32.12 -15.54 17.00
N ARG C 188 31.14 -16.00 17.76
CA ARG C 188 29.86 -15.32 17.76
C ARG C 188 29.87 -14.06 18.60
N THR C 189 30.82 -13.93 19.51
CA THR C 189 31.02 -12.70 20.25
C THR C 189 32.01 -11.77 19.56
N GLY C 190 32.21 -11.94 18.27
CA GLY C 190 33.20 -11.16 17.54
C GLY C 190 32.60 -9.88 16.99
N LEU C 191 32.53 -9.78 15.66
CA LEU C 191 32.00 -8.58 15.03
C LEU C 191 30.50 -8.39 15.21
N ASP C 192 29.79 -9.41 15.70
CA ASP C 192 28.33 -9.43 15.88
C ASP C 192 27.62 -9.20 14.55
N PHE C 193 27.76 -10.20 13.68
CA PHE C 193 27.04 -10.24 12.41
C PHE C 193 25.53 -10.37 12.65
N ASN C 194 24.79 -10.29 11.52
CA ASN C 194 23.37 -9.94 11.36
C ASN C 194 23.14 -8.47 11.71
N GLU C 195 24.22 -7.74 11.88
CA GLU C 195 24.22 -6.29 11.90
C GLU C 195 25.21 -5.73 10.92
N MET C 196 25.67 -6.54 9.97
CA MET C 196 26.68 -6.15 9.02
C MET C 196 26.14 -6.22 7.61
N VAL C 197 26.67 -5.37 6.76
CA VAL C 197 26.42 -5.39 5.33
C VAL C 197 27.75 -5.18 4.64
N LEU C 198 28.15 -6.16 3.85
CA LEU C 198 29.28 -6.00 2.94
C LEU C 198 28.74 -5.23 1.74
N LEU C 199 29.51 -4.27 1.25
CA LEU C 199 29.02 -3.34 0.25
C LEU C 199 30.04 -3.27 -0.87
N GLN C 200 29.67 -3.77 -2.04
CA GLN C 200 30.59 -3.87 -3.16
C GLN C 200 30.25 -2.81 -4.20
N MET C 201 31.23 -1.96 -4.46
CA MET C 201 31.22 -1.03 -5.58
C MET C 201 31.93 -1.75 -6.73
N GLU C 202 32.38 -1.00 -7.74
CA GLU C 202 33.00 -1.54 -8.95
C GLU C 202 34.21 -2.41 -8.65
N ASN C 203 35.01 -2.04 -7.66
CA ASN C 203 36.19 -2.83 -7.38
C ASN C 203 36.35 -3.10 -5.89
N LYS C 204 35.79 -2.24 -5.06
CA LYS C 204 36.09 -2.28 -3.64
C LYS C 204 34.89 -2.76 -2.85
N ALA C 205 35.07 -2.93 -1.54
CA ALA C 205 33.96 -3.24 -0.70
C ALA C 205 34.16 -2.60 0.66
N TRP C 206 33.08 -2.47 1.41
CA TRP C 206 33.15 -1.85 2.72
C TRP C 206 32.26 -2.62 3.66
N LEU C 207 32.49 -2.44 4.95
CA LEU C 207 31.71 -3.13 5.96
C LEU C 207 30.94 -2.09 6.75
N VAL C 208 29.65 -1.94 6.45
CA VAL C 208 28.84 -0.92 7.10
C VAL C 208 27.67 -1.60 7.79
N HIS C 209 27.17 -0.99 8.86
CA HIS C 209 26.14 -1.69 9.60
C HIS C 209 24.80 -1.50 8.92
N ARG C 210 23.82 -2.28 9.38
CA ARG C 210 22.68 -2.61 8.55
C ARG C 210 21.67 -1.48 8.48
N GLN C 211 21.39 -0.83 9.61
CA GLN C 211 20.34 0.17 9.68
C GLN C 211 20.68 1.39 8.84
N TRP C 212 21.96 1.77 8.84
CA TRP C 212 22.46 2.84 7.99
C TRP C 212 22.29 2.51 6.52
N PHE C 213 22.66 1.28 6.16
CA PHE C 213 22.58 0.86 4.77
C PHE C 213 21.16 0.74 4.27
N LEU C 214 20.22 0.33 5.12
CA LEU C 214 18.82 0.37 4.74
C LEU C 214 18.33 1.80 4.64
N ASP C 215 18.81 2.66 5.54
CA ASP C 215 18.31 4.02 5.64
C ASP C 215 18.84 4.91 4.53
N LEU C 216 19.84 4.45 3.79
CA LEU C 216 20.50 5.29 2.81
C LEU C 216 19.60 5.54 1.59
N PRO C 217 19.68 6.74 0.98
CA PRO C 217 18.98 7.03 -0.30
C PRO C 217 19.59 6.34 -1.52
N LEU C 218 19.43 6.92 -2.73
CA LEU C 218 20.03 6.40 -3.97
C LEU C 218 19.42 5.08 -4.40
N PRO C 219 18.38 5.12 -5.22
CA PRO C 219 17.25 4.18 -5.17
C PRO C 219 17.46 2.73 -4.76
N TRP C 220 16.59 2.32 -3.85
CA TRP C 220 16.20 0.97 -3.48
C TRP C 220 16.05 0.06 -4.69
N LEU C 221 16.50 -1.19 -4.53
CA LEU C 221 15.97 -2.34 -5.29
C LEU C 221 16.27 -3.64 -4.53
N PRO C 222 15.32 -4.54 -4.43
CA PRO C 222 15.56 -5.76 -3.66
C PRO C 222 16.35 -6.79 -4.44
N GLY C 223 16.69 -7.88 -3.77
CA GLY C 223 17.64 -8.85 -4.31
C GLY C 223 17.10 -9.71 -5.43
N ALA C 224 15.80 -9.67 -5.70
CA ALA C 224 15.22 -10.60 -6.66
C ALA C 224 14.92 -9.93 -7.98
N ASP C 225 15.83 -9.06 -8.44
CA ASP C 225 15.65 -8.31 -9.69
C ASP C 225 15.66 -9.15 -10.96
N THR C 226 16.86 -9.52 -11.41
CA THR C 226 17.05 -10.31 -12.64
C THR C 226 16.35 -9.68 -13.85
N GLN C 227 15.04 -9.77 -13.89
CA GLN C 227 14.26 -9.21 -14.98
C GLN C 227 13.31 -8.21 -14.34
N GLY C 228 13.86 -7.41 -13.43
CA GLY C 228 13.09 -6.44 -12.69
C GLY C 228 13.17 -4.98 -13.06
N SER C 229 14.26 -4.31 -12.65
CA SER C 229 14.47 -2.86 -12.87
C SER C 229 13.22 -2.18 -12.35
N ASN C 230 12.92 -2.45 -11.09
CA ASN C 230 11.72 -1.97 -10.42
C ASN C 230 12.02 -1.01 -9.28
N TRP C 231 12.86 -0.01 -9.54
CA TRP C 231 13.47 0.81 -8.50
C TRP C 231 12.45 1.69 -7.78
N ILE C 232 12.06 1.30 -6.56
CA ILE C 232 10.99 1.99 -5.86
C ILE C 232 11.60 3.11 -5.02
N GLN C 233 11.94 4.22 -5.68
CA GLN C 233 12.49 5.46 -5.17
C GLN C 233 12.41 6.49 -6.29
N LYS C 234 13.52 7.23 -6.48
CA LYS C 234 13.92 8.13 -7.56
C LYS C 234 13.48 9.56 -7.32
N GLU C 235 12.98 9.85 -6.12
CA GLU C 235 12.91 11.24 -5.71
C GLU C 235 14.26 11.72 -5.23
N THR C 236 15.14 10.80 -4.82
CA THR C 236 16.48 11.18 -4.41
C THR C 236 17.40 11.38 -5.58
N LEU C 237 17.27 10.56 -6.60
CA LEU C 237 17.88 10.75 -7.90
C LEU C 237 16.85 11.53 -8.74
N VAL C 238 16.85 11.32 -10.05
CA VAL C 238 16.58 12.26 -11.15
C VAL C 238 15.64 13.42 -10.87
N THR C 239 16.12 14.62 -11.18
CA THR C 239 15.49 15.87 -10.77
C THR C 239 14.87 16.56 -11.97
N PHE C 240 13.73 17.21 -11.76
CA PHE C 240 12.96 17.80 -12.84
C PHE C 240 13.06 19.31 -12.82
N LYS C 241 13.65 19.87 -13.86
CA LYS C 241 13.68 21.31 -14.00
C LYS C 241 12.29 21.82 -14.32
N ASN C 242 11.92 22.89 -13.64
CA ASN C 242 10.75 23.67 -14.03
C ASN C 242 11.19 25.12 -14.04
N PRO C 243 11.30 25.72 -15.22
CA PRO C 243 11.45 27.17 -15.29
C PRO C 243 10.19 27.92 -14.87
N HIS C 244 10.21 29.24 -15.08
CA HIS C 244 9.20 30.17 -14.58
C HIS C 244 7.75 29.77 -14.84
N ALA C 245 7.38 29.56 -16.08
CA ALA C 245 6.02 29.10 -16.34
C ALA C 245 5.97 27.78 -17.09
N LYS C 246 6.61 27.73 -18.25
CA LYS C 246 6.32 26.72 -19.25
C LYS C 246 7.03 25.40 -18.96
N LYS C 247 7.11 24.58 -19.99
CA LYS C 247 7.41 23.14 -20.09
C LYS C 247 8.48 22.69 -19.11
N GLN C 248 8.25 21.59 -18.40
CA GLN C 248 9.22 21.08 -17.46
C GLN C 248 10.02 19.96 -18.11
N ASP C 249 11.11 19.54 -17.48
CA ASP C 249 12.06 18.69 -18.18
C ASP C 249 12.78 17.80 -17.16
N VAL C 250 13.43 16.76 -17.68
CA VAL C 250 14.05 15.72 -16.87
C VAL C 250 15.56 15.94 -16.83
N VAL C 251 16.19 15.56 -15.71
CA VAL C 251 17.62 15.77 -15.51
C VAL C 251 18.17 14.58 -14.73
N VAL C 252 19.10 13.84 -15.34
CA VAL C 252 19.86 12.85 -14.59
C VAL C 252 20.76 13.56 -13.58
N LEU C 253 20.85 13.01 -12.38
CA LEU C 253 21.58 13.70 -11.34
C LEU C 253 23.07 13.38 -11.40
N GLY C 254 23.44 12.34 -12.13
CA GLY C 254 24.85 12.02 -12.31
C GLY C 254 25.31 10.92 -11.38
N SER C 255 26.55 10.48 -11.57
CA SER C 255 27.12 9.47 -10.69
C SER C 255 27.35 10.03 -9.30
N GLN C 256 26.90 9.28 -8.30
CA GLN C 256 27.21 9.63 -6.91
C GLN C 256 28.26 8.72 -6.31
N GLU C 257 29.27 8.32 -7.06
CA GLU C 257 30.29 7.44 -6.49
C GLU C 257 31.16 8.18 -5.50
N GLY C 258 31.50 9.43 -5.81
CA GLY C 258 32.27 10.25 -4.89
C GLY C 258 31.50 10.59 -3.64
N ALA C 259 30.21 10.90 -3.82
CA ALA C 259 29.36 11.19 -2.67
C ALA C 259 29.12 9.93 -1.86
N MET C 260 29.08 8.78 -2.52
CA MET C 260 29.02 7.50 -1.83
C MET C 260 30.24 7.26 -0.97
N HIS C 261 31.43 7.55 -1.50
CA HIS C 261 32.67 7.34 -0.73
C HIS C 261 32.73 8.30 0.46
N THR C 262 32.30 9.54 0.23
CA THR C 262 32.21 10.52 1.31
C THR C 262 31.18 10.11 2.34
N ALA C 263 30.15 9.37 1.93
CA ALA C 263 29.21 8.82 2.89
C ALA C 263 29.86 7.70 3.69
N LEU C 264 30.54 6.78 3.02
CA LEU C 264 31.08 5.67 3.80
C LEU C 264 32.49 5.94 4.30
N THR C 265 32.88 7.19 4.51
CA THR C 265 33.98 7.44 5.43
C THR C 265 33.63 6.95 6.83
N GLY C 266 34.67 6.70 7.62
CA GLY C 266 34.49 6.16 8.95
C GLY C 266 34.06 4.71 8.98
N ALA C 267 34.24 3.99 7.87
CA ALA C 267 33.88 2.58 7.80
C ALA C 267 35.09 1.81 7.28
N THR C 268 35.28 0.62 7.80
CA THR C 268 36.41 -0.19 7.36
C THR C 268 36.17 -0.70 5.94
N GLU C 269 37.25 -0.77 5.17
CA GLU C 269 37.17 -1.20 3.79
C GLU C 269 37.58 -2.66 3.73
N ILE C 270 37.33 -3.30 2.59
CA ILE C 270 37.66 -4.69 2.41
C ILE C 270 37.78 -5.02 0.92
N GLN C 271 38.87 -5.71 0.61
CA GLN C 271 39.03 -6.40 -0.66
C GLN C 271 38.06 -7.55 -0.73
N MET C 272 37.26 -7.59 -1.79
CA MET C 272 36.35 -8.71 -2.04
C MET C 272 36.35 -8.99 -3.53
N SER C 273 37.24 -9.87 -3.97
CA SER C 273 37.30 -10.30 -5.36
C SER C 273 37.07 -11.81 -5.43
N SER C 274 37.80 -12.60 -4.66
CA SER C 274 37.69 -14.05 -4.69
C SER C 274 36.78 -14.49 -3.56
N GLY C 275 35.47 -14.44 -3.80
CA GLY C 275 34.49 -14.91 -2.84
C GLY C 275 34.34 -13.96 -1.68
N ASN C 276 35.35 -13.96 -0.80
CA ASN C 276 35.54 -12.96 0.23
C ASN C 276 36.95 -13.11 0.77
N LEU C 277 37.54 -12.01 1.21
CA LEU C 277 38.82 -12.02 1.89
C LEU C 277 38.80 -11.13 3.12
N LEU C 278 37.82 -11.29 3.99
CA LEU C 278 37.49 -10.32 5.04
C LEU C 278 38.66 -10.11 6.00
N PHE C 279 38.82 -8.88 6.41
CA PHE C 279 39.89 -8.33 7.22
C PHE C 279 39.25 -7.65 8.42
N THR C 280 39.96 -6.67 8.94
CA THR C 280 40.11 -6.12 10.29
C THR C 280 38.84 -6.31 11.12
N GLY C 281 38.95 -6.90 12.30
CA GLY C 281 37.95 -7.36 13.23
C GLY C 281 38.67 -8.34 14.16
N HIS C 282 38.04 -8.59 15.31
CA HIS C 282 38.72 -9.32 16.36
C HIS C 282 37.93 -10.57 16.70
N LEU C 283 38.57 -11.44 17.46
CA LEU C 283 37.90 -12.63 17.97
C LEU C 283 38.55 -12.99 19.30
N LYS C 284 37.94 -13.96 19.98
CA LYS C 284 38.26 -14.25 21.37
C LYS C 284 38.49 -15.74 21.54
N CYS C 285 39.74 -16.12 21.80
CA CYS C 285 40.10 -17.49 22.07
C CYS C 285 40.20 -17.71 23.57
N ARG C 286 39.87 -18.92 23.99
CA ARG C 286 40.35 -19.46 25.25
C ARG C 286 41.36 -20.55 24.89
N LEU C 287 42.47 -20.55 25.60
CA LEU C 287 43.66 -21.27 25.16
C LEU C 287 44.03 -22.32 26.20
N ARG C 288 44.14 -23.57 25.78
CA ARG C 288 44.53 -24.63 26.69
C ARG C 288 45.80 -25.28 26.16
N MET C 289 46.74 -25.51 27.08
CA MET C 289 48.14 -25.69 26.78
C MET C 289 48.79 -26.89 27.47
N ASP C 290 48.07 -27.98 27.76
CA ASP C 290 48.72 -28.99 28.61
C ASP C 290 49.87 -29.71 27.92
N LYS C 291 49.59 -30.79 27.20
CA LYS C 291 50.01 -31.13 25.84
C LYS C 291 51.16 -30.31 25.22
N LEU C 292 52.21 -30.01 25.97
CA LEU C 292 53.30 -29.17 25.47
C LEU C 292 54.61 -29.52 26.17
N GLN C 293 55.56 -30.02 25.41
CA GLN C 293 56.92 -30.10 25.90
C GLN C 293 57.64 -28.80 25.58
N LEU C 294 58.89 -28.69 26.05
CA LEU C 294 59.70 -27.51 25.79
C LEU C 294 60.66 -27.68 24.63
N LYS C 295 60.32 -28.50 23.64
CA LYS C 295 61.22 -28.98 22.59
C LYS C 295 62.47 -29.60 23.21
N GLY C 296 62.20 -30.53 24.11
CA GLY C 296 63.26 -31.27 24.76
C GLY C 296 63.87 -30.52 25.91
N MET C 297 63.97 -31.17 27.06
CA MET C 297 64.82 -30.63 28.10
C MET C 297 66.14 -31.36 27.94
N SER C 298 66.11 -32.67 28.18
CA SER C 298 66.72 -33.75 27.42
C SER C 298 68.03 -33.45 26.69
N TYR C 299 68.90 -32.65 27.27
CA TYR C 299 70.08 -32.18 26.56
C TYR C 299 71.19 -31.80 27.53
N SER C 300 72.16 -31.05 27.05
CA SER C 300 73.25 -30.54 27.86
C SER C 300 73.40 -29.05 27.67
N MET C 301 73.98 -28.41 28.68
CA MET C 301 74.56 -27.07 28.52
C MET C 301 75.68 -27.27 27.52
N CYS C 302 75.80 -26.36 26.55
CA CYS C 302 76.68 -26.63 25.43
C CYS C 302 78.15 -26.37 25.76
N THR C 303 79.03 -26.57 24.78
CA THR C 303 80.46 -26.50 25.01
C THR C 303 80.96 -25.06 25.07
N GLY C 304 80.83 -24.35 23.97
CA GLY C 304 81.27 -22.97 23.93
C GLY C 304 81.65 -22.56 22.53
N LYS C 305 82.22 -21.36 22.45
CA LYS C 305 82.63 -20.68 21.21
C LYS C 305 81.42 -20.48 20.28
N PHE C 306 80.53 -19.61 20.75
CA PHE C 306 79.49 -19.05 19.90
C PHE C 306 80.03 -17.85 19.14
N LYS C 307 79.17 -17.28 18.30
CA LYS C 307 79.55 -16.19 17.41
C LYS C 307 78.30 -15.43 16.99
N VAL C 308 78.28 -14.12 17.19
CA VAL C 308 77.18 -13.31 16.71
C VAL C 308 77.36 -13.07 15.22
N VAL C 309 76.23 -12.99 14.50
CA VAL C 309 76.23 -12.75 13.07
C VAL C 309 75.21 -11.67 12.76
N LYS C 310 74.71 -11.02 13.80
CA LYS C 310 73.67 -10.01 13.61
C LYS C 310 73.86 -8.98 14.72
N GLU C 311 73.17 -7.85 14.62
CA GLU C 311 73.38 -6.72 15.50
C GLU C 311 72.72 -6.91 16.85
N ILE C 312 72.63 -5.81 17.60
CA ILE C 312 72.00 -5.71 18.90
C ILE C 312 70.48 -5.76 18.82
N ALA C 313 69.88 -4.98 17.90
CA ALA C 313 68.52 -5.16 17.39
C ALA C 313 67.46 -5.06 18.49
N GLU C 314 67.28 -3.85 19.01
CA GLU C 314 66.20 -3.58 19.95
C GLU C 314 64.89 -3.35 19.19
N THR C 315 63.86 -4.10 19.55
CA THR C 315 62.53 -3.83 19.07
C THR C 315 61.64 -3.50 20.26
N GLN C 316 60.97 -2.35 20.19
CA GLN C 316 59.67 -2.09 20.83
C GLN C 316 59.61 -2.48 22.31
N HIS C 317 60.21 -1.66 23.16
CA HIS C 317 60.27 -1.77 24.62
C HIS C 317 60.78 -3.13 25.11
N GLY C 318 62.03 -3.44 24.80
CA GLY C 318 62.76 -4.41 25.62
C GLY C 318 63.05 -5.71 24.88
N THR C 319 62.29 -6.01 23.85
CA THR C 319 62.20 -7.35 23.26
C THR C 319 63.44 -7.91 22.57
N ILE C 320 64.62 -7.32 22.80
CA ILE C 320 65.82 -7.31 21.96
C ILE C 320 66.22 -8.69 21.42
N VAL C 321 66.61 -8.76 20.15
CA VAL C 321 66.96 -10.06 19.57
C VAL C 321 68.44 -10.11 19.27
N ILE C 322 69.02 -11.30 19.37
CA ILE C 322 70.43 -11.56 19.09
C ILE C 322 70.49 -12.87 18.33
N ARG C 323 71.13 -12.86 17.17
CA ARG C 323 71.29 -14.07 16.39
C ARG C 323 72.70 -14.59 16.53
N VAL C 324 72.84 -15.73 17.18
CA VAL C 324 74.15 -16.32 17.40
C VAL C 324 74.34 -17.50 16.45
N GLN C 325 75.61 -17.77 16.18
CA GLN C 325 76.03 -18.85 15.30
C GLN C 325 76.93 -19.75 16.14
N TYR C 326 76.43 -20.93 16.47
CA TYR C 326 77.26 -21.85 17.22
C TYR C 326 78.40 -22.38 16.36
N GLU C 327 79.58 -22.43 16.94
CA GLU C 327 80.73 -23.07 16.32
C GLU C 327 81.25 -24.15 17.26
N GLY C 328 81.44 -25.34 16.72
CA GLY C 328 81.99 -26.40 17.52
C GLY C 328 81.38 -27.74 17.11
N ASP C 329 81.32 -28.64 18.08
CA ASP C 329 80.86 -30.02 17.91
C ASP C 329 79.61 -30.31 18.70
N GLY C 330 78.62 -29.42 18.62
CA GLY C 330 77.47 -29.35 19.50
C GLY C 330 76.66 -30.59 19.74
N SER C 331 76.29 -31.32 18.66
CA SER C 331 75.39 -32.48 18.71
C SER C 331 74.11 -32.05 19.40
N PRO C 332 73.21 -31.35 18.67
CA PRO C 332 72.58 -30.11 19.17
C PRO C 332 72.26 -29.99 20.65
N CYS C 333 72.79 -28.95 21.29
CA CYS C 333 72.58 -28.72 22.70
C CYS C 333 71.80 -27.44 22.95
N LYS C 334 71.63 -27.14 24.23
CA LYS C 334 70.99 -25.90 24.64
C LYS C 334 71.96 -24.74 24.48
N ILE C 335 71.47 -23.53 24.73
CA ILE C 335 72.28 -22.33 24.66
C ILE C 335 72.31 -21.68 26.04
N PRO C 336 73.45 -21.61 26.69
CA PRO C 336 73.48 -21.02 28.03
C PRO C 336 73.32 -19.52 28.00
N PHE C 337 72.09 -19.08 27.85
CA PHE C 337 71.77 -17.66 27.74
C PHE C 337 71.49 -17.11 29.12
N GLU C 338 72.09 -15.96 29.45
CA GLU C 338 71.74 -15.27 30.67
C GLU C 338 71.76 -13.77 30.43
N ILE C 339 70.94 -13.06 31.20
CA ILE C 339 70.96 -11.60 31.27
C ILE C 339 71.39 -11.21 32.66
N MET C 340 72.63 -10.79 32.80
CA MET C 340 73.15 -10.52 34.13
C MET C 340 73.31 -9.03 34.32
N ASP C 341 73.50 -8.68 35.58
CA ASP C 341 73.96 -7.36 35.98
C ASP C 341 75.49 -7.41 35.97
N LEU C 342 76.13 -6.45 36.63
CA LEU C 342 77.58 -6.36 36.74
C LEU C 342 78.11 -7.41 37.72
N GLU C 343 79.35 -7.22 38.17
CA GLU C 343 80.03 -8.05 39.16
C GLU C 343 79.23 -8.10 40.48
N LYS C 344 79.55 -9.06 41.37
CA LYS C 344 78.74 -9.55 42.51
C LYS C 344 77.32 -9.83 42.04
N ARG C 345 77.24 -10.84 41.17
CA ARG C 345 76.14 -11.21 40.28
C ARG C 345 74.74 -11.09 40.84
N HIS C 346 73.91 -10.36 40.13
CA HIS C 346 72.54 -10.09 40.54
C HIS C 346 71.57 -10.34 39.39
N VAL C 347 71.61 -11.53 38.79
CA VAL C 347 71.02 -11.83 37.48
C VAL C 347 69.53 -11.55 37.41
N LEU C 348 69.17 -10.56 36.58
CA LEU C 348 67.81 -10.04 36.53
C LEU C 348 67.49 -9.62 35.10
N GLY C 349 66.87 -10.51 34.36
CA GLY C 349 66.22 -10.20 33.11
C GLY C 349 65.08 -11.18 32.88
N ARG C 350 64.67 -11.31 31.63
CA ARG C 350 63.85 -12.47 31.29
C ARG C 350 64.12 -12.88 29.85
N LEU C 351 64.03 -14.16 29.59
CA LEU C 351 64.28 -14.74 28.28
C LEU C 351 62.96 -15.11 27.64
N ILE C 352 62.68 -14.59 26.45
CA ILE C 352 61.43 -15.02 25.86
C ILE C 352 61.81 -15.86 24.66
N THR C 353 62.36 -17.04 24.90
CA THR C 353 62.67 -18.00 23.85
C THR C 353 62.55 -19.41 24.42
N VAL C 354 62.01 -19.52 25.63
CA VAL C 354 62.42 -20.38 26.74
C VAL C 354 62.88 -21.77 26.31
N ASN C 355 64.06 -22.17 26.80
CA ASN C 355 64.91 -23.25 26.30
C ASN C 355 65.21 -23.05 24.83
N PRO C 356 66.08 -22.10 24.46
CA PRO C 356 66.53 -22.02 23.07
C PRO C 356 67.45 -23.18 22.76
N ILE C 357 67.53 -23.53 21.49
CA ILE C 357 68.20 -24.77 21.12
C ILE C 357 68.89 -24.60 19.78
N VAL C 358 70.09 -25.15 19.67
CA VAL C 358 70.81 -25.17 18.41
C VAL C 358 70.20 -26.25 17.53
N THR C 359 70.25 -26.05 16.21
CA THR C 359 69.81 -27.06 15.27
C THR C 359 71.03 -27.93 14.96
N GLU C 360 70.97 -28.75 13.89
CA GLU C 360 71.91 -29.81 13.56
C GLU C 360 73.39 -29.44 13.54
N LYS C 361 73.71 -28.25 13.03
CA LYS C 361 75.09 -27.85 12.80
C LYS C 361 75.04 -26.33 12.72
N ASP C 362 76.01 -25.71 12.06
CA ASP C 362 76.00 -24.29 11.75
C ASP C 362 74.69 -23.87 11.10
N SER C 363 73.91 -23.12 11.85
CA SER C 363 72.66 -22.51 11.41
C SER C 363 72.38 -21.38 12.40
N PRO C 364 72.21 -20.18 11.93
CA PRO C 364 72.21 -19.01 12.83
C PRO C 364 70.96 -18.89 13.68
N VAL C 365 70.99 -19.56 14.84
CA VAL C 365 69.85 -19.54 15.74
C VAL C 365 69.72 -18.15 16.36
N ASN C 366 68.49 -17.75 16.69
CA ASN C 366 68.27 -16.41 17.19
C ASN C 366 67.36 -16.42 18.40
N ILE C 367 67.58 -15.44 19.28
CA ILE C 367 67.10 -15.46 20.66
C ILE C 367 66.57 -14.07 20.98
N GLU C 368 65.37 -14.01 21.53
CA GLU C 368 64.89 -12.71 22.00
C GLU C 368 64.68 -12.72 23.50
N ALA C 369 64.93 -11.56 24.11
CA ALA C 369 64.89 -11.47 25.55
C ALA C 369 64.69 -10.02 25.96
N GLU C 370 64.32 -9.82 27.22
CA GLU C 370 64.00 -8.50 27.76
C GLU C 370 64.94 -8.16 28.90
N PRO C 371 65.80 -7.17 28.73
CA PRO C 371 66.66 -6.70 29.81
C PRO C 371 65.89 -5.77 30.73
N PRO C 372 66.48 -5.34 31.86
CA PRO C 372 65.85 -4.26 32.64
C PRO C 372 66.08 -2.89 32.01
N PHE C 373 65.64 -1.84 32.69
CA PHE C 373 65.49 -0.53 32.08
C PHE C 373 66.80 0.25 31.93
N GLY C 374 67.96 -0.38 32.12
CA GLY C 374 69.21 0.35 32.19
C GLY C 374 70.39 -0.40 31.63
N ASP C 375 71.48 -0.46 32.40
CA ASP C 375 72.64 -1.26 32.01
C ASP C 375 72.32 -2.74 32.12
N SER C 376 72.95 -3.53 31.26
CA SER C 376 72.76 -4.97 31.26
C SER C 376 73.91 -5.64 30.52
N TYR C 377 74.29 -6.82 30.99
CA TYR C 377 75.31 -7.61 30.34
C TYR C 377 74.65 -8.90 29.88
N ILE C 378 74.45 -9.04 28.59
CA ILE C 378 73.87 -10.24 28.01
C ILE C 378 74.99 -11.21 27.66
N ILE C 379 74.97 -12.39 28.27
CA ILE C 379 76.09 -13.32 28.21
C ILE C 379 75.57 -14.64 27.64
N ILE C 380 76.39 -15.31 26.83
CA ILE C 380 75.97 -16.58 26.24
C ILE C 380 76.99 -17.71 26.39
N GLY C 381 78.26 -17.41 26.62
CA GLY C 381 79.28 -18.44 26.72
C GLY C 381 79.44 -18.98 28.13
N VAL C 382 80.18 -20.09 28.26
CA VAL C 382 80.34 -20.69 29.59
C VAL C 382 81.77 -20.85 30.07
N GLU C 383 82.56 -21.74 29.46
CA GLU C 383 83.72 -22.25 30.19
C GLU C 383 84.92 -21.31 30.09
N PRO C 384 85.33 -20.79 28.91
CA PRO C 384 86.14 -19.57 28.96
C PRO C 384 85.27 -18.32 28.90
N GLY C 385 84.15 -18.31 29.63
CA GLY C 385 83.21 -17.21 29.71
C GLY C 385 82.76 -16.58 28.40
N GLN C 386 82.73 -17.38 27.33
CA GLN C 386 83.07 -17.01 25.95
C GLN C 386 82.69 -15.61 25.46
N LEU C 387 81.47 -15.16 25.72
CA LEU C 387 81.05 -13.91 25.12
C LEU C 387 80.05 -13.16 25.99
N LYS C 388 80.41 -11.93 26.34
CA LYS C 388 79.51 -10.97 26.94
C LYS C 388 79.21 -9.90 25.91
N LEU C 389 78.09 -9.21 26.09
CA LEU C 389 77.76 -8.04 25.32
C LEU C 389 77.15 -7.02 26.26
N SER C 390 77.55 -5.76 26.11
CA SER C 390 76.94 -4.71 26.89
C SER C 390 75.72 -4.18 26.16
N TRP C 391 74.71 -3.80 26.93
CA TRP C 391 73.50 -3.24 26.36
C TRP C 391 72.87 -2.28 27.36
N PHE C 392 72.30 -1.21 26.84
CA PHE C 392 71.69 -0.19 27.67
C PHE C 392 70.28 0.08 27.17
N LYS C 393 69.31 -0.57 27.78
CA LYS C 393 67.91 -0.24 27.54
C LYS C 393 67.62 1.06 28.27
N LYS C 394 67.25 2.09 27.49
CA LYS C 394 67.15 3.47 27.94
C LYS C 394 66.03 3.61 28.96
N GLY C 395 64.80 3.41 28.50
CA GLY C 395 63.63 3.07 29.28
C GLY C 395 63.33 3.90 30.52
N SER C 396 62.53 3.27 31.38
CA SER C 396 62.21 3.67 32.74
C SER C 396 61.41 2.54 33.35
N SER C 397 61.14 2.61 34.65
CA SER C 397 60.12 1.78 35.25
C SER C 397 58.79 2.51 35.17
N ILE C 398 58.81 3.81 35.49
CA ILE C 398 57.58 4.59 35.56
C ILE C 398 57.03 4.83 34.15
N GLY C 399 57.94 5.08 33.20
CA GLY C 399 57.51 5.25 31.82
C GLY C 399 56.95 3.98 31.23
N GLN C 400 57.50 2.83 31.63
CA GLN C 400 56.97 1.55 31.19
C GLN C 400 55.56 1.31 31.75
N MET C 401 55.38 1.66 33.03
CA MET C 401 54.06 1.51 33.64
C MET C 401 53.06 2.47 33.03
N PHE C 402 53.49 3.67 32.66
CA PHE C 402 52.59 4.64 32.05
C PHE C 402 52.21 4.22 30.64
N GLU C 403 53.16 3.65 29.90
CA GLU C 403 52.85 3.17 28.55
C GLU C 403 51.92 1.96 28.61
N THR C 404 52.11 1.11 29.63
CA THR C 404 51.19 -0.01 29.83
C THR C 404 49.80 0.50 30.19
N THR C 405 49.74 1.59 30.95
CA THR C 405 48.46 2.20 31.26
C THR C 405 47.80 2.78 30.01
N MET C 406 48.60 3.31 29.08
CA MET C 406 48.04 3.80 27.84
C MET C 406 47.54 2.66 26.96
N ARG C 407 48.23 1.51 26.98
CA ARG C 407 47.75 0.32 26.31
C ARG C 407 46.42 -0.14 26.91
N GLY C 408 46.32 -0.08 28.23
CA GLY C 408 45.08 -0.45 28.89
C GLY C 408 43.96 0.53 28.60
N ALA C 409 44.30 1.80 28.39
CA ALA C 409 43.29 2.77 28.01
C ALA C 409 42.82 2.54 26.58
N LYS C 410 43.72 2.10 25.70
CA LYS C 410 43.34 1.82 24.34
C LYS C 410 42.54 0.52 24.27
N ARG C 411 42.76 -0.37 25.23
CA ARG C 411 41.91 -1.55 25.37
C ARG C 411 40.57 -1.21 26.03
N MET C 412 40.51 -0.18 26.89
CA MET C 412 39.20 0.28 27.36
C MET C 412 38.47 0.98 26.22
N ALA C 413 39.23 1.56 25.31
CA ALA C 413 38.84 1.94 23.96
C ALA C 413 38.78 0.68 23.10
N ILE C 414 39.09 0.82 21.82
CA ILE C 414 38.43 0.18 20.66
C ILE C 414 37.83 -1.21 20.87
N LEU C 415 38.60 -2.14 21.39
CA LEU C 415 38.06 -3.46 21.68
C LEU C 415 37.27 -3.44 22.98
N GLY C 416 36.04 -3.93 22.95
CA GLY C 416 35.11 -3.70 24.06
C GLY C 416 35.37 -4.57 25.28
N ASP C 417 34.31 -5.15 25.80
CA ASP C 417 34.41 -5.93 27.03
C ASP C 417 35.19 -7.23 26.84
N THR C 418 35.43 -7.61 25.59
CA THR C 418 36.46 -8.58 25.27
C THR C 418 37.83 -8.18 25.83
N ALA C 419 38.11 -6.88 25.94
CA ALA C 419 39.39 -6.48 26.53
C ALA C 419 39.39 -6.64 28.04
N TRP C 420 38.20 -6.69 28.65
CA TRP C 420 38.15 -7.20 30.00
C TRP C 420 38.37 -8.70 30.01
N ASP C 421 38.03 -9.37 28.92
CA ASP C 421 38.40 -10.77 28.82
C ASP C 421 39.83 -10.96 28.34
N PHE C 422 40.58 -9.90 28.06
CA PHE C 422 41.90 -10.04 27.46
C PHE C 422 42.94 -10.59 28.41
N GLY C 423 42.75 -10.40 29.71
CA GLY C 423 43.59 -11.09 30.67
C GLY C 423 43.11 -12.51 30.88
N SER C 424 43.43 -13.09 32.02
CA SER C 424 42.96 -14.44 32.32
C SER C 424 42.96 -14.61 33.83
N LEU C 425 42.42 -15.75 34.28
CA LEU C 425 42.60 -16.33 35.62
C LEU C 425 42.21 -15.34 36.73
N GLY C 426 41.22 -14.51 36.41
CA GLY C 426 40.90 -13.40 37.28
C GLY C 426 39.91 -13.74 38.36
N GLY C 427 39.08 -14.75 38.10
CA GLY C 427 38.11 -15.19 39.08
C GLY C 427 37.05 -14.15 39.38
N VAL C 428 37.14 -13.54 40.55
CA VAL C 428 36.13 -12.61 41.01
C VAL C 428 36.28 -11.26 40.32
N PHE C 429 37.47 -10.66 40.43
CA PHE C 429 37.64 -9.25 40.07
C PHE C 429 37.51 -9.01 38.58
N THR C 430 38.10 -9.87 37.76
CA THR C 430 38.05 -9.70 36.31
C THR C 430 36.63 -9.91 35.79
N SER C 431 35.94 -10.91 36.32
CA SER C 431 34.57 -11.18 35.87
C SER C 431 33.62 -10.07 36.30
N ILE C 432 33.78 -9.56 37.52
CA ILE C 432 32.88 -8.51 37.96
C ILE C 432 33.21 -7.20 37.28
N GLY C 433 34.47 -7.01 36.87
CA GLY C 433 34.81 -5.84 36.08
C GLY C 433 34.23 -5.92 34.68
N LYS C 434 34.23 -7.13 34.11
CA LYS C 434 33.66 -7.32 32.78
C LYS C 434 32.15 -7.10 32.80
N ALA C 435 31.46 -7.60 33.82
CA ALA C 435 30.02 -7.40 33.91
C ALA C 435 29.67 -5.94 34.19
N LEU C 436 30.46 -5.27 35.03
CA LEU C 436 30.19 -3.88 35.36
C LEU C 436 30.42 -2.99 34.15
N HIS C 437 31.52 -3.24 33.43
CA HIS C 437 31.77 -2.45 32.24
C HIS C 437 30.84 -2.83 31.11
N GLN C 438 30.28 -4.05 31.15
CA GLN C 438 29.25 -4.47 30.20
C GLN C 438 28.02 -3.61 30.36
N VAL C 439 27.47 -3.55 31.57
CA VAL C 439 26.26 -2.77 31.78
C VAL C 439 26.54 -1.27 31.65
N PHE C 440 27.75 -0.83 32.00
CA PHE C 440 28.10 0.58 31.93
C PHE C 440 28.25 1.05 30.48
N GLY C 441 28.93 0.25 29.65
CA GLY C 441 29.04 0.58 28.25
C GLY C 441 27.76 0.33 27.49
N ALA C 442 26.86 -0.49 28.04
CA ALA C 442 25.53 -0.60 27.45
C ALA C 442 24.74 0.68 27.70
N ILE C 443 24.90 1.27 28.88
CA ILE C 443 24.24 2.55 29.17
C ILE C 443 24.88 3.67 28.36
N TYR C 444 26.17 3.57 28.08
CA TYR C 444 26.78 4.50 27.14
C TYR C 444 26.91 3.88 25.75
N GLY C 445 25.95 3.04 25.39
CA GLY C 445 26.00 2.37 24.10
C GLY C 445 25.44 3.24 23.00
N ALA C 446 24.40 2.75 22.32
CA ALA C 446 23.65 3.46 21.28
C ALA C 446 23.24 4.85 21.78
N ALA C 447 22.33 4.88 22.75
CA ALA C 447 22.59 5.36 24.10
C ALA C 447 23.77 6.32 24.17
N PHE C 448 23.66 7.49 23.52
CA PHE C 448 24.77 8.42 23.28
C PHE C 448 25.85 7.73 22.43
N SER C 449 25.52 7.50 21.17
CA SER C 449 26.50 7.22 20.13
C SER C 449 26.08 7.94 18.86
N GLY C 450 26.70 7.57 17.75
CA GLY C 450 26.35 8.17 16.48
C GLY C 450 26.89 9.56 16.28
N VAL C 451 27.77 10.01 17.17
CA VAL C 451 28.28 11.37 17.14
C VAL C 451 29.72 11.36 16.67
N SER C 452 30.12 12.46 16.07
CA SER C 452 31.43 12.58 15.45
C SER C 452 32.44 13.09 16.47
N TRP C 453 33.69 13.12 16.03
CA TRP C 453 34.88 13.56 16.76
C TRP C 453 34.69 14.88 17.48
N THR C 454 34.40 15.93 16.71
CA THR C 454 34.17 17.28 17.18
C THR C 454 33.04 17.36 18.20
N MET C 455 31.89 16.78 17.86
CA MET C 455 30.75 16.91 18.75
C MET C 455 30.93 16.08 20.01
N LYS C 456 31.71 15.01 19.93
CA LYS C 456 31.99 14.23 21.13
C LYS C 456 32.91 14.98 22.07
N ILE C 457 33.93 15.66 21.54
CA ILE C 457 34.81 16.40 22.44
C ILE C 457 34.11 17.64 22.97
N LEU C 458 33.16 18.19 22.21
CA LEU C 458 32.43 19.35 22.68
C LEU C 458 31.41 18.96 23.75
N ILE C 459 30.74 17.82 23.57
CA ILE C 459 29.79 17.38 24.59
C ILE C 459 30.56 16.95 25.83
N GLY C 460 31.80 16.48 25.65
CA GLY C 460 32.67 16.20 26.76
C GLY C 460 33.04 17.43 27.56
N VAL C 461 33.40 18.53 26.89
CA VAL C 461 33.82 19.70 27.67
C VAL C 461 32.61 20.37 28.32
N VAL C 462 31.43 20.30 27.70
CA VAL C 462 30.28 20.93 28.36
C VAL C 462 29.82 20.08 29.54
N ILE C 463 29.92 18.75 29.44
CA ILE C 463 29.48 17.95 30.56
C ILE C 463 30.54 17.97 31.66
N THR C 464 31.81 18.20 31.30
CA THR C 464 32.80 18.29 32.36
C THR C 464 32.74 19.66 33.04
N TRP C 465 32.24 20.68 32.35
CA TRP C 465 32.03 21.95 33.03
C TRP C 465 30.83 21.87 33.97
N ILE C 466 29.76 21.23 33.53
CA ILE C 466 28.58 21.12 34.41
C ILE C 466 28.86 20.15 35.55
N GLY C 467 29.85 19.28 35.40
CA GLY C 467 30.33 18.55 36.56
C GLY C 467 31.24 19.39 37.44
N MET C 468 31.98 20.32 36.84
CA MET C 468 32.86 21.19 37.62
C MET C 468 32.06 22.18 38.47
N ASN C 469 30.80 22.42 38.13
CA ASN C 469 29.98 23.35 38.91
C ASN C 469 29.55 22.80 40.28
N SER C 470 29.87 21.54 40.61
CA SER C 470 30.08 21.07 41.98
C SER C 470 28.86 21.19 42.90
N ARG C 471 27.84 20.38 42.64
CA ARG C 471 26.71 20.27 43.54
C ARG C 471 26.68 18.91 44.23
N SER C 472 26.82 18.94 45.56
CA SER C 472 26.48 17.84 46.47
C SER C 472 27.28 16.55 46.20
N THR C 473 28.49 16.68 45.66
CA THR C 473 29.46 15.61 45.41
C THR C 473 28.85 14.58 44.44
N SER C 474 28.00 15.05 43.53
CA SER C 474 27.72 14.31 42.30
C SER C 474 28.78 14.60 41.25
N LEU C 475 29.71 15.50 41.57
CA LEU C 475 30.71 15.96 40.64
C LEU C 475 31.69 14.87 40.26
N SER C 476 31.83 13.84 41.11
CA SER C 476 32.72 12.74 40.78
C SER C 476 32.18 11.91 39.62
N VAL C 477 31.02 11.25 39.85
CA VAL C 477 30.38 10.34 38.88
C VAL C 477 29.91 11.12 37.66
N SER C 478 29.69 12.42 37.84
CA SER C 478 29.73 13.43 36.80
C SER C 478 31.19 13.61 36.40
N LEU C 479 31.64 14.86 36.48
CA LEU C 479 32.91 15.43 36.03
C LEU C 479 34.10 14.50 35.83
N VAL C 480 34.56 13.75 36.84
CA VAL C 480 35.88 13.15 36.64
C VAL C 480 35.77 11.88 35.82
N LEU C 481 34.77 11.05 36.14
CA LEU C 481 34.51 9.82 35.39
C LEU C 481 34.11 10.14 33.96
N VAL C 482 33.16 11.06 33.78
CA VAL C 482 32.62 11.31 32.46
C VAL C 482 33.62 12.09 31.62
N GLY C 483 34.39 13.01 32.24
CA GLY C 483 35.39 13.74 31.49
C GLY C 483 36.53 12.88 31.02
N VAL C 484 37.00 11.97 31.88
CA VAL C 484 38.03 11.01 31.49
C VAL C 484 37.52 10.14 30.35
N VAL C 485 36.32 9.56 30.48
CA VAL C 485 35.90 8.60 29.45
C VAL C 485 35.58 9.30 28.14
N THR C 486 35.02 10.51 28.20
CA THR C 486 34.69 11.25 26.99
C THR C 486 35.93 11.77 26.28
N LEU C 487 36.90 12.34 27.00
CA LEU C 487 38.07 12.86 26.32
C LEU C 487 38.97 11.74 25.82
N TYR C 488 39.24 10.74 26.67
CA TYR C 488 40.13 9.64 26.26
C TYR C 488 39.44 8.72 25.28
N LEU C 489 38.12 8.86 25.11
CA LEU C 489 37.49 8.17 24.01
C LEU C 489 37.45 9.02 22.75
N GLY C 490 37.19 10.32 22.86
CA GLY C 490 37.05 11.18 21.71
C GLY C 490 38.33 11.44 20.97
N VAL C 491 39.46 11.53 21.69
CA VAL C 491 40.70 11.77 20.96
C VAL C 491 41.26 10.48 20.38
N MET C 492 40.69 9.33 20.73
CA MET C 492 41.22 8.07 20.24
C MET C 492 40.37 7.49 19.12
N VAL C 493 39.10 7.86 19.03
CA VAL C 493 38.21 7.32 18.00
C VAL C 493 38.47 7.98 16.66
N GLN C 494 37.76 7.46 15.64
CA GLN C 494 37.84 7.88 14.23
C GLN C 494 39.18 7.52 13.64
N ALA C 495 39.84 6.54 14.24
CA ALA C 495 41.03 5.96 13.66
C ALA C 495 40.58 5.03 12.55
N SER D 1 21.39 14.00 -0.40
CA SER D 1 21.84 12.75 -0.99
C SER D 1 22.60 11.94 0.04
N VAL D 2 23.68 11.31 -0.40
CA VAL D 2 24.61 10.64 0.50
C VAL D 2 25.79 11.57 0.72
N ALA D 3 25.57 12.85 0.45
CA ALA D 3 26.52 13.89 0.79
C ALA D 3 26.71 13.94 2.29
N LEU D 4 25.67 13.61 3.05
CA LEU D 4 25.75 13.62 4.49
C LEU D 4 25.32 12.27 5.03
N VAL D 5 25.04 12.26 6.33
CA VAL D 5 25.00 11.07 7.20
C VAL D 5 26.28 10.28 6.95
N PRO D 6 27.45 10.82 7.31
CA PRO D 6 28.72 10.27 6.82
C PRO D 6 29.32 9.18 7.71
N HIS D 7 28.47 8.31 8.24
CA HIS D 7 28.82 7.09 8.99
C HIS D 7 29.91 7.31 10.04
N VAL D 8 29.63 8.13 11.04
CA VAL D 8 30.72 8.60 11.89
C VAL D 8 30.81 7.85 13.22
N GLY D 9 29.82 8.00 14.08
CA GLY D 9 29.92 7.49 15.43
C GLY D 9 29.14 6.20 15.60
N MET D 10 28.97 5.48 14.50
CA MET D 10 28.19 4.26 14.44
C MET D 10 28.77 3.15 15.31
N GLY D 11 30.07 3.19 15.52
CA GLY D 11 30.74 2.12 16.24
C GLY D 11 31.69 1.44 15.31
N LEU D 12 31.81 0.13 15.47
CA LEU D 12 32.39 -0.79 14.49
C LEU D 12 33.85 -0.50 14.22
N GLU D 13 34.56 0.12 15.15
CA GLU D 13 35.94 0.48 14.89
C GLU D 13 36.85 -0.72 14.99
N THR D 14 38.12 -0.49 14.72
CA THR D 14 39.13 -1.53 14.81
C THR D 14 40.45 -0.85 15.12
N ARG D 15 41.53 -1.62 15.14
CA ARG D 15 42.84 -1.04 15.38
C ARG D 15 43.29 -0.17 14.20
N THR D 16 42.82 -0.48 13.00
CA THR D 16 43.34 0.13 11.79
C THR D 16 42.52 1.32 11.36
N GLU D 17 43.14 2.18 10.57
CA GLU D 17 42.49 3.40 10.09
C GLU D 17 41.40 3.04 9.10
N THR D 18 40.30 3.81 9.13
CA THR D 18 39.10 3.26 8.51
C THR D 18 38.97 3.62 7.04
N TRP D 19 38.63 4.85 6.70
CA TRP D 19 38.59 5.17 5.27
C TRP D 19 39.39 6.39 4.88
N MET D 20 39.11 7.53 5.49
CA MET D 20 39.81 8.76 5.11
C MET D 20 41.03 9.03 5.96
N SER D 21 41.19 8.30 7.07
CA SER D 21 42.38 8.33 7.92
C SER D 21 42.66 9.73 8.47
N SER D 22 41.75 10.22 9.31
CA SER D 22 41.84 11.52 10.00
C SER D 22 41.92 12.69 9.03
N GLU D 23 41.34 12.54 7.85
CA GLU D 23 41.26 13.65 6.91
C GLU D 23 39.86 14.24 6.88
N GLY D 24 38.84 13.45 7.21
CA GLY D 24 37.48 13.99 7.24
C GLY D 24 37.24 14.95 8.38
N ALA D 25 37.94 14.74 9.50
CA ALA D 25 37.80 15.65 10.65
C ALA D 25 38.36 17.02 10.33
N TRP D 26 39.58 17.06 9.81
CA TRP D 26 40.17 18.32 9.37
C TRP D 26 39.42 18.90 8.19
N LYS D 27 38.79 18.07 7.35
CA LYS D 27 37.92 18.53 6.28
C LYS D 27 36.76 19.34 6.84
N HIS D 28 36.08 18.77 7.83
CA HIS D 28 34.95 19.43 8.47
C HIS D 28 35.34 20.74 9.13
N ALA D 29 36.45 20.72 9.88
CA ALA D 29 36.88 21.92 10.59
C ALA D 29 37.34 23.01 9.63
N GLN D 30 38.06 22.63 8.57
CA GLN D 30 38.56 23.64 7.63
C GLN D 30 37.44 24.23 6.80
N ARG D 31 36.41 23.43 6.47
CA ARG D 31 35.34 24.03 5.69
C ARG D 31 34.47 24.94 6.53
N ILE D 32 34.28 24.64 7.83
CA ILE D 32 33.48 25.56 8.61
C ILE D 32 34.28 26.83 8.94
N GLU D 33 35.61 26.70 9.07
CA GLU D 33 36.43 27.89 9.26
C GLU D 33 36.46 28.75 8.00
N THR D 34 36.50 28.11 6.82
CA THR D 34 36.47 28.84 5.56
C THR D 34 35.14 29.56 5.38
N TRP D 35 34.03 28.90 5.74
CA TRP D 35 32.73 29.54 5.63
C TRP D 35 32.57 30.69 6.60
N ILE D 36 33.17 30.59 7.79
CA ILE D 36 33.17 31.74 8.70
C ILE D 36 33.99 32.88 8.11
N LEU D 37 35.11 32.54 7.47
CA LEU D 37 35.98 33.57 6.91
C LEU D 37 35.34 34.26 5.71
N ARG D 38 34.47 33.57 4.98
CA ARG D 38 33.85 34.21 3.83
C ARG D 38 32.68 35.11 4.25
N HIS D 39 31.96 34.76 5.30
CA HIS D 39 30.73 35.47 5.68
C HIS D 39 30.87 36.02 7.08
N PRO D 40 31.53 37.17 7.24
CA PRO D 40 31.76 37.68 8.60
C PRO D 40 30.52 38.28 9.23
N GLY D 41 29.57 38.72 8.40
CA GLY D 41 28.40 39.42 8.93
C GLY D 41 27.51 38.52 9.75
N PHE D 42 27.38 37.26 9.33
CA PHE D 42 26.60 36.31 10.11
C PHE D 42 27.30 35.96 11.41
N THR D 43 28.64 35.98 11.41
CA THR D 43 29.38 35.76 12.64
C THR D 43 29.15 36.90 13.62
N ILE D 44 29.11 38.14 13.11
CA ILE D 44 28.83 39.29 13.96
C ILE D 44 27.40 39.22 14.50
N MET D 45 26.47 38.77 13.66
CA MET D 45 25.07 38.63 14.08
C MET D 45 24.93 37.56 15.16
N ALA D 46 25.68 36.47 15.02
CA ALA D 46 25.65 35.41 16.01
C ALA D 46 26.28 35.88 17.32
N ALA D 47 27.32 36.70 17.23
CA ALA D 47 27.94 37.25 18.43
C ALA D 47 26.99 38.19 19.17
N ILE D 48 26.24 38.98 18.42
CA ILE D 48 25.26 39.90 19.03
C ILE D 48 24.15 39.10 19.70
N LEU D 49 23.68 38.03 19.04
CA LEU D 49 22.66 37.19 19.63
C LEU D 49 23.16 36.48 20.88
N ALA D 50 24.43 36.07 20.85
CA ALA D 50 25.03 35.44 22.03
C ALA D 50 25.14 36.43 23.18
N TYR D 51 25.45 37.68 22.87
CA TYR D 51 25.50 38.68 23.93
C TYR D 51 24.11 39.05 24.45
N THR D 52 23.07 38.93 23.62
CA THR D 52 21.75 39.35 24.08
C THR D 52 21.03 38.25 24.87
N ILE D 53 20.98 37.04 24.34
CA ILE D 53 20.25 35.96 25.01
C ILE D 53 21.27 35.13 25.78
N GLY D 54 20.83 34.49 26.86
CA GLY D 54 21.80 33.86 27.73
C GLY D 54 22.25 34.77 28.86
N THR D 55 23.32 35.52 28.58
CA THR D 55 23.94 36.62 29.34
C THR D 55 24.80 36.13 30.50
N THR D 56 24.76 34.84 30.83
CA THR D 56 25.89 34.29 31.58
C THR D 56 26.93 33.81 30.57
N TYR D 57 28.20 34.09 30.87
CA TYR D 57 29.31 34.07 29.92
C TYR D 57 29.50 32.71 29.24
N PHE D 58 29.32 31.64 30.01
CA PHE D 58 29.48 30.29 29.48
C PHE D 58 28.39 29.97 28.48
N GLN D 59 27.15 30.41 28.79
CA GLN D 59 26.03 30.22 27.87
C GLN D 59 26.25 30.99 26.59
N ARG D 60 26.82 32.19 26.70
CA ARG D 60 27.14 33.01 25.55
C ARG D 60 28.12 32.31 24.63
N VAL D 61 29.21 31.78 25.20
CA VAL D 61 30.24 31.12 24.40
C VAL D 61 29.69 29.86 23.74
N LEU D 62 28.87 29.12 24.48
CA LEU D 62 28.23 27.91 23.97
C LEU D 62 27.34 28.19 22.77
N ILE D 63 26.43 29.16 22.90
CA ILE D 63 25.52 29.36 21.79
C ILE D 63 26.20 30.08 20.64
N PHE D 64 27.30 30.79 20.91
CA PHE D 64 28.03 31.39 19.80
C PHE D 64 28.75 30.33 18.98
N ILE D 65 29.39 29.37 19.63
CA ILE D 65 30.07 28.34 18.85
C ILE D 65 29.06 27.43 18.17
N LEU D 66 27.87 27.29 18.75
CA LEU D 66 26.82 26.53 18.10
C LEU D 66 26.29 27.25 16.87
N LEU D 67 25.99 28.55 16.97
CA LEU D 67 25.54 29.29 15.78
C LEU D 67 26.63 29.49 14.75
N THR D 68 27.89 29.29 15.10
CA THR D 68 28.86 29.14 14.03
C THR D 68 28.76 27.76 13.40
N ALA D 69 28.36 26.76 14.19
CA ALA D 69 28.29 25.42 13.64
C ALA D 69 26.92 25.04 13.09
N VAL D 70 25.95 25.94 13.08
CA VAL D 70 24.61 25.57 12.60
C VAL D 70 24.53 25.55 11.08
N THR D 71 25.56 26.00 10.39
CA THR D 71 25.51 26.03 8.93
C THR D 71 25.50 24.62 8.36
N PRO D 72 24.72 24.36 7.30
CA PRO D 72 24.68 23.03 6.69
C PRO D 72 25.90 22.76 5.83
N MET E 1 -51.50 31.92 -16.49
CA MET E 1 -51.73 30.65 -17.16
C MET E 1 -50.41 29.94 -17.36
N ARG E 2 -50.47 28.60 -17.51
CA ARG E 2 -49.37 27.65 -17.32
C ARG E 2 -48.76 27.73 -15.93
N CYS E 3 -49.48 28.36 -14.99
CA CYS E 3 -48.92 28.74 -13.71
C CYS E 3 -49.94 28.61 -12.59
N ILE E 4 -51.05 27.90 -12.82
CA ILE E 4 -52.06 27.81 -11.78
C ILE E 4 -51.89 26.48 -11.07
N GLY E 5 -51.93 26.51 -9.75
CA GLY E 5 -51.82 25.31 -8.96
C GLY E 5 -50.42 24.76 -8.87
N ILE E 6 -49.41 25.56 -9.22
CA ILE E 6 -48.02 25.14 -9.17
C ILE E 6 -47.33 25.79 -7.97
N SER E 7 -48.08 25.93 -6.88
CA SER E 7 -47.99 26.83 -5.72
C SER E 7 -46.58 26.85 -5.15
N ASN E 8 -46.28 27.94 -4.42
CA ASN E 8 -45.06 28.76 -4.24
C ASN E 8 -44.80 29.71 -5.42
N ARG E 9 -45.83 30.43 -5.87
CA ARG E 9 -45.71 31.28 -7.05
C ARG E 9 -45.75 32.77 -6.70
N ASP E 10 -44.62 33.31 -6.24
CA ASP E 10 -43.97 34.49 -6.79
C ASP E 10 -44.82 35.55 -7.52
N PHE E 11 -45.71 36.22 -6.81
CA PHE E 11 -46.34 37.42 -7.34
C PHE E 11 -45.39 38.61 -7.31
N VAL E 12 -45.40 39.42 -8.36
CA VAL E 12 -44.50 40.56 -8.52
C VAL E 12 -45.35 41.78 -8.87
N GLU E 13 -45.24 42.83 -8.08
CA GLU E 13 -45.92 44.09 -8.32
C GLU E 13 -44.91 45.15 -8.69
N GLY E 14 -45.31 46.13 -9.48
CA GLY E 14 -44.47 47.29 -9.74
C GLY E 14 -43.58 47.15 -10.96
N VAL E 15 -43.47 48.22 -11.74
CA VAL E 15 -42.70 48.19 -12.97
C VAL E 15 -41.79 49.42 -13.03
N SER E 16 -41.92 50.28 -12.02
CA SER E 16 -41.36 51.63 -11.93
C SER E 16 -39.84 51.61 -12.10
N GLY E 17 -39.28 52.75 -12.54
CA GLY E 17 -37.93 52.78 -13.03
C GLY E 17 -38.02 52.79 -14.54
N GLY E 18 -39.20 53.09 -15.04
CA GLY E 18 -39.49 52.97 -16.44
C GLY E 18 -40.08 51.63 -16.83
N SER E 19 -39.26 50.61 -16.99
CA SER E 19 -39.84 49.30 -17.29
C SER E 19 -39.15 48.13 -16.60
N TRP E 20 -37.98 48.35 -16.03
CA TRP E 20 -37.17 47.22 -15.59
C TRP E 20 -37.69 46.69 -14.26
N VAL E 21 -37.89 45.37 -14.23
CA VAL E 21 -38.25 44.65 -13.02
C VAL E 21 -37.27 43.51 -12.89
N ASP E 22 -36.73 43.31 -11.69
CA ASP E 22 -35.78 42.24 -11.46
C ASP E 22 -36.53 41.00 -10.97
N ILE E 23 -36.36 39.89 -11.68
CA ILE E 23 -37.04 38.65 -11.36
C ILE E 23 -35.98 37.58 -11.18
N VAL E 24 -36.10 36.78 -10.13
CA VAL E 24 -35.29 35.60 -9.95
C VAL E 24 -36.21 34.40 -10.06
N LEU E 25 -35.95 33.53 -11.03
CA LEU E 25 -36.85 32.43 -11.29
C LEU E 25 -36.07 31.13 -11.35
N GLU E 26 -36.73 30.04 -10.99
CA GLU E 26 -36.08 28.74 -10.91
C GLU E 26 -37.00 27.67 -11.47
N HIS E 27 -36.46 26.44 -11.56
CA HIS E 27 -37.17 25.33 -12.19
C HIS E 27 -38.42 24.94 -11.42
N GLY E 28 -38.36 25.01 -10.10
CA GLY E 28 -39.48 24.60 -9.29
C GLY E 28 -40.68 25.50 -9.39
N SER E 29 -40.51 26.79 -9.17
CA SER E 29 -41.62 27.71 -9.16
C SER E 29 -41.70 28.44 -10.49
N CYS E 30 -42.55 29.46 -10.52
CA CYS E 30 -42.71 30.33 -11.67
C CYS E 30 -43.16 31.67 -11.13
N VAL E 31 -43.12 32.70 -11.98
CA VAL E 31 -43.27 34.07 -11.54
C VAL E 31 -44.39 34.73 -12.33
N THR E 32 -45.33 35.37 -11.62
CA THR E 32 -46.39 36.15 -12.25
C THR E 32 -46.17 37.61 -11.95
N THR E 33 -46.10 38.44 -12.98
CA THR E 33 -45.80 39.86 -12.84
C THR E 33 -47.02 40.71 -13.13
N MET E 34 -47.01 41.92 -12.60
CA MET E 34 -48.12 42.85 -12.72
C MET E 34 -47.61 44.27 -12.88
N ALA E 35 -48.40 45.11 -13.51
CA ALA E 35 -48.14 46.54 -13.61
C ALA E 35 -49.47 47.26 -13.79
N LYS E 36 -49.41 48.59 -13.80
CA LYS E 36 -50.62 49.39 -13.97
C LYS E 36 -51.16 49.34 -15.38
N ASN E 37 -50.34 48.94 -16.33
CA ASN E 37 -50.72 48.57 -17.68
C ASN E 37 -49.93 47.33 -18.01
N LYS E 38 -49.79 47.03 -19.31
CA LYS E 38 -48.79 46.08 -19.82
C LYS E 38 -49.02 44.68 -19.27
N PRO E 39 -49.96 43.92 -19.86
CA PRO E 39 -50.71 42.90 -19.11
C PRO E 39 -49.86 41.78 -18.58
N THR E 40 -50.44 41.04 -17.63
CA THR E 40 -49.70 40.17 -16.73
C THR E 40 -49.09 38.99 -17.46
N LEU E 41 -47.78 38.86 -17.32
CA LEU E 41 -47.02 37.78 -17.95
C LEU E 41 -46.68 36.73 -16.92
N ASP E 42 -46.46 35.51 -17.40
CA ASP E 42 -46.12 34.38 -16.56
C ASP E 42 -44.80 33.78 -16.99
N PHE E 43 -43.87 33.70 -16.05
CA PHE E 43 -42.50 33.28 -16.34
C PHE E 43 -42.25 31.93 -15.72
N GLU E 44 -42.40 30.88 -16.51
CA GLU E 44 -42.10 29.53 -16.07
C GLU E 44 -40.75 29.14 -16.64
N LEU E 45 -39.89 28.58 -15.81
CA LEU E 45 -38.61 28.07 -16.24
C LEU E 45 -38.75 26.59 -16.57
N ILE E 46 -38.20 26.18 -17.71
CA ILE E 46 -38.13 24.77 -18.06
C ILE E 46 -36.66 24.49 -18.33
N LYS E 47 -36.38 23.32 -18.90
CA LYS E 47 -35.08 22.63 -18.87
C LYS E 47 -33.87 23.51 -19.19
N THR E 48 -32.78 23.23 -18.48
CA THR E 48 -31.47 23.79 -18.76
C THR E 48 -30.70 22.74 -19.55
N GLU E 49 -29.89 23.15 -20.51
CA GLU E 49 -29.13 22.20 -21.30
C GLU E 49 -27.70 22.69 -21.42
N ALA E 50 -26.78 22.00 -20.74
CA ALA E 50 -25.35 22.25 -20.90
C ALA E 50 -24.85 21.37 -22.02
N LYS E 51 -24.43 21.99 -23.12
CA LYS E 51 -24.28 21.25 -24.38
C LYS E 51 -23.00 20.42 -24.42
N HIS E 52 -21.85 21.03 -24.10
CA HIS E 52 -20.58 20.37 -24.33
C HIS E 52 -19.88 20.14 -23.00
N PRO E 53 -19.96 18.96 -22.41
CA PRO E 53 -19.21 18.71 -21.18
C PRO E 53 -17.83 18.19 -21.50
N ALA E 54 -16.99 18.05 -20.48
CA ALA E 54 -15.67 17.46 -20.64
C ALA E 54 -15.42 16.54 -19.46
N THR E 55 -14.98 15.32 -19.76
CA THR E 55 -14.93 14.25 -18.77
C THR E 55 -13.74 14.41 -17.84
N LEU E 56 -14.02 14.70 -16.56
CA LEU E 56 -13.00 14.70 -15.53
C LEU E 56 -13.50 13.81 -14.40
N ARG E 57 -13.39 12.50 -14.59
CA ARG E 57 -12.73 11.50 -13.74
C ARG E 57 -13.38 10.18 -14.06
N LYS E 58 -12.72 9.08 -13.73
CA LYS E 58 -13.40 7.80 -13.69
C LYS E 58 -13.11 7.14 -12.36
N TYR E 59 -14.16 6.84 -11.63
CA TYR E 59 -14.09 6.04 -10.42
C TYR E 59 -14.64 4.66 -10.74
N CYS E 60 -13.91 3.62 -10.34
CA CYS E 60 -14.40 2.27 -10.48
C CYS E 60 -15.26 1.95 -9.27
N VAL E 61 -16.35 1.22 -9.50
CA VAL E 61 -17.26 0.86 -8.42
C VAL E 61 -17.19 -0.62 -8.11
N GLU E 62 -17.13 -1.47 -9.12
CA GLU E 62 -16.95 -2.90 -8.90
C GLU E 62 -15.70 -3.31 -9.67
N ALA E 63 -14.94 -4.23 -9.08
CA ALA E 63 -13.70 -4.66 -9.68
C ALA E 63 -13.57 -6.15 -9.50
N LYS E 64 -12.70 -6.77 -10.31
CA LYS E 64 -12.40 -8.18 -10.14
C LYS E 64 -10.90 -8.36 -10.24
N LEU E 65 -10.43 -9.49 -9.75
CA LEU E 65 -9.00 -9.77 -9.67
C LEU E 65 -8.67 -11.03 -10.44
N THR E 66 -7.44 -11.09 -10.94
CA THR E 66 -6.96 -12.26 -11.65
C THR E 66 -5.43 -12.31 -11.56
N ASN E 67 -4.91 -13.50 -11.84
CA ASN E 67 -3.51 -13.89 -12.03
C ASN E 67 -2.67 -13.91 -10.76
N THR E 68 -3.17 -13.29 -9.68
CA THR E 68 -2.96 -13.57 -8.26
C THR E 68 -1.56 -14.09 -7.87
N THR E 69 -0.52 -13.33 -8.18
CA THR E 69 0.81 -13.79 -7.82
C THR E 69 1.22 -13.26 -6.45
N THR E 70 2.14 -13.98 -5.82
CA THR E 70 2.64 -13.62 -4.50
C THR E 70 3.98 -14.31 -4.29
N ALA E 71 4.74 -13.78 -3.33
CA ALA E 71 6.13 -14.21 -3.14
C ALA E 71 6.62 -13.80 -1.77
N SER E 72 7.59 -14.56 -1.26
CA SER E 72 8.25 -14.22 -0.01
C SER E 72 9.74 -14.48 -0.03
N ARG E 73 10.51 -13.53 0.49
CA ARG E 73 11.94 -13.76 0.55
C ARG E 73 12.49 -14.86 1.43
N CYS E 74 12.70 -14.56 2.71
CA CYS E 74 13.51 -15.42 3.57
C CYS E 74 13.46 -14.62 4.87
N PRO E 75 13.81 -15.20 6.00
CA PRO E 75 13.85 -14.43 7.25
C PRO E 75 14.99 -13.44 7.35
N THR E 76 14.69 -12.21 6.93
CA THR E 76 15.44 -10.96 7.13
C THR E 76 16.62 -10.82 6.20
N GLN E 77 16.92 -11.82 5.41
CA GLN E 77 17.69 -11.55 4.21
C GLN E 77 16.71 -11.45 3.05
N GLY E 78 16.78 -10.34 2.33
CA GLY E 78 15.82 -10.23 1.26
C GLY E 78 14.49 -9.68 1.72
N GLU E 79 14.02 -8.67 1.00
CA GLU E 79 12.62 -8.29 1.02
C GLU E 79 12.09 -8.62 -0.35
N PRO E 80 10.90 -9.21 -0.48
CA PRO E 80 10.60 -9.99 -1.68
C PRO E 80 10.29 -9.11 -2.87
N SER E 81 10.63 -9.61 -4.05
CA SER E 81 10.33 -8.91 -5.26
C SER E 81 9.59 -9.84 -6.20
N LEU E 82 8.92 -9.26 -7.17
CA LEU E 82 8.11 -10.03 -8.09
C LEU E 82 8.05 -9.23 -9.39
N ASN E 83 8.19 -9.92 -10.51
CA ASN E 83 8.36 -9.23 -11.78
C ASN E 83 7.08 -8.58 -12.26
N GLU E 84 5.94 -9.04 -11.77
CA GLU E 84 4.67 -8.43 -12.14
C GLU E 84 4.25 -7.33 -11.18
N GLU E 85 5.16 -6.88 -10.30
CA GLU E 85 5.01 -5.61 -9.61
C GLU E 85 5.36 -4.45 -10.53
N GLN E 86 5.91 -4.75 -11.70
CA GLN E 86 6.39 -3.73 -12.64
C GLN E 86 5.25 -2.89 -13.19
N ASP E 87 4.10 -3.49 -13.42
CA ASP E 87 2.94 -2.76 -13.92
C ASP E 87 2.23 -2.13 -12.74
N LYS E 88 1.76 -0.89 -12.91
CA LYS E 88 0.90 -0.31 -11.90
C LYS E 88 -0.54 -0.82 -12.04
N ARG E 89 -0.84 -1.53 -13.14
CA ARG E 89 -2.11 -2.20 -13.28
C ARG E 89 -2.30 -3.27 -12.20
N PHE E 90 -1.22 -3.92 -11.79
CA PHE E 90 -1.27 -4.81 -10.65
C PHE E 90 -1.28 -4.01 -9.35
N VAL E 91 -2.05 -4.50 -8.39
CA VAL E 91 -2.03 -4.00 -7.03
C VAL E 91 -1.12 -4.91 -6.22
N CYS E 92 -0.33 -4.31 -5.33
CA CYS E 92 0.73 -5.01 -4.63
C CYS E 92 0.77 -4.56 -3.18
N LYS E 93 1.16 -5.48 -2.30
CA LYS E 93 1.39 -5.11 -0.91
C LYS E 93 2.43 -6.02 -0.27
N HIS E 94 3.30 -5.39 0.50
CA HIS E 94 4.26 -6.06 1.36
C HIS E 94 3.61 -6.35 2.71
N SER E 95 4.02 -7.46 3.32
CA SER E 95 3.63 -7.82 4.68
C SER E 95 4.74 -8.67 5.26
N MET E 96 4.57 -9.11 6.50
CA MET E 96 5.55 -9.99 7.13
C MET E 96 4.79 -11.14 7.75
N VAL E 97 5.25 -12.37 7.51
CA VAL E 97 4.42 -13.48 7.99
C VAL E 97 5.08 -14.31 9.09
N ASP E 98 5.92 -15.28 8.70
CA ASP E 98 6.85 -16.08 9.49
C ASP E 98 7.47 -17.08 8.54
N ARG E 99 8.66 -17.59 8.84
CA ARG E 99 9.26 -18.62 8.02
C ARG E 99 10.17 -19.47 8.90
N GLY E 100 10.22 -20.76 8.58
CA GLY E 100 11.10 -21.67 9.29
C GLY E 100 11.35 -22.81 8.32
N TRP E 101 12.02 -23.84 8.83
CA TRP E 101 12.31 -25.01 8.02
C TRP E 101 11.06 -25.76 7.61
N GLY E 102 10.04 -25.65 8.44
CA GLY E 102 8.79 -26.31 8.11
C GLY E 102 8.43 -25.71 6.77
N ASN E 103 8.52 -24.39 6.68
CA ASN E 103 8.39 -23.72 5.40
C ASN E 103 9.56 -24.02 4.50
N GLY E 104 10.71 -24.33 5.07
CA GLY E 104 11.82 -24.87 4.32
C GLY E 104 13.07 -24.04 4.34
N CYS E 105 12.95 -22.73 4.52
CA CYS E 105 14.07 -21.82 4.28
C CYS E 105 15.19 -21.95 5.27
N GLY E 106 14.94 -21.61 6.53
CA GLY E 106 15.99 -21.56 7.51
C GLY E 106 15.93 -20.29 8.32
N LEU E 107 16.67 -20.27 9.44
CA LEU E 107 16.99 -19.12 10.29
C LEU E 107 15.81 -18.66 11.15
N PHE E 108 14.61 -19.21 10.89
CA PHE E 108 13.42 -19.12 11.75
C PHE E 108 13.02 -17.71 12.14
N GLY E 109 12.58 -16.94 11.16
CA GLY E 109 12.30 -15.56 11.48
C GLY E 109 10.90 -15.18 11.09
N LYS E 110 10.64 -13.89 11.13
CA LYS E 110 9.40 -13.33 10.62
C LYS E 110 9.73 -12.64 9.30
N GLY E 111 9.76 -13.40 8.22
CA GLY E 111 10.20 -12.91 6.93
C GLY E 111 9.10 -12.21 6.16
N GLY E 112 9.53 -11.30 5.28
CA GLY E 112 8.60 -10.53 4.50
C GLY E 112 7.96 -11.35 3.39
N ILE E 113 6.91 -10.78 2.81
CA ILE E 113 6.09 -11.45 1.80
C ILE E 113 5.44 -10.35 0.98
N VAL E 114 5.16 -10.63 -0.29
CA VAL E 114 4.40 -9.71 -1.13
C VAL E 114 3.16 -10.43 -1.62
N THR E 115 2.22 -9.64 -2.12
CA THR E 115 1.13 -10.21 -2.89
C THR E 115 0.73 -9.21 -3.97
N CYS E 116 0.20 -9.76 -5.06
CA CYS E 116 -0.04 -9.02 -6.29
C CYS E 116 -1.32 -9.53 -6.93
N ALA E 117 -2.01 -8.64 -7.64
CA ALA E 117 -3.25 -9.00 -8.32
C ALA E 117 -3.53 -8.03 -9.46
N MET E 118 -3.96 -8.59 -10.59
CA MET E 118 -4.35 -7.75 -11.72
C MET E 118 -5.73 -7.16 -11.49
N PHE E 119 -5.89 -5.90 -11.88
CA PHE E 119 -7.05 -5.11 -11.50
C PHE E 119 -7.89 -4.81 -12.74
N THR E 120 -9.07 -5.43 -12.83
CA THR E 120 -9.99 -5.22 -13.94
C THR E 120 -11.24 -4.57 -13.37
N CYS E 121 -11.91 -3.75 -14.16
CA CYS E 121 -12.93 -2.84 -13.66
C CYS E 121 -14.29 -3.12 -14.27
N LYS E 122 -15.33 -3.03 -13.47
CA LYS E 122 -16.71 -3.04 -13.93
C LYS E 122 -17.16 -1.61 -14.14
N LYS E 123 -18.48 -1.42 -14.22
CA LYS E 123 -19.12 -0.14 -14.51
C LYS E 123 -18.71 0.97 -13.54
N ASN E 124 -18.65 2.20 -14.06
CA ASN E 124 -17.87 3.26 -13.45
C ASN E 124 -18.72 4.50 -13.23
N MET E 125 -18.18 5.43 -12.47
CA MET E 125 -18.69 6.79 -12.40
C MET E 125 -17.97 7.62 -13.45
N GLU E 126 -18.74 8.27 -14.32
CA GLU E 126 -18.17 8.96 -15.47
C GLU E 126 -18.16 10.47 -15.32
N GLY E 127 -17.81 10.98 -14.15
CA GLY E 127 -17.85 12.40 -13.81
C GLY E 127 -17.34 13.41 -14.82
N LYS E 128 -18.16 14.42 -15.11
CA LYS E 128 -17.89 15.41 -16.13
C LYS E 128 -18.03 16.80 -15.54
N VAL E 129 -17.43 17.79 -16.21
CA VAL E 129 -17.58 19.18 -15.84
C VAL E 129 -18.08 19.95 -17.05
N VAL E 130 -18.62 21.13 -16.80
CA VAL E 130 -19.06 22.05 -17.85
C VAL E 130 -18.55 23.43 -17.53
N GLN E 131 -18.18 24.16 -18.55
CA GLN E 131 -17.77 25.54 -18.41
C GLN E 131 -19.03 26.40 -18.26
N PRO E 132 -18.89 27.66 -17.82
CA PRO E 132 -20.07 28.54 -17.82
C PRO E 132 -20.33 29.18 -19.17
N GLU E 133 -20.17 28.40 -20.22
CA GLU E 133 -20.77 28.61 -21.52
C GLU E 133 -21.29 27.25 -21.95
N ASN E 134 -21.65 27.14 -23.24
CA ASN E 134 -22.20 25.94 -23.84
C ASN E 134 -23.43 25.44 -23.09
N LEU E 135 -24.19 26.36 -22.53
CA LEU E 135 -25.34 26.01 -21.71
C LEU E 135 -26.44 27.02 -21.98
N GLU E 136 -27.66 26.53 -22.10
CA GLU E 136 -28.78 27.40 -22.41
C GLU E 136 -29.87 27.15 -21.39
N TYR E 137 -30.55 28.22 -21.03
CA TYR E 137 -31.77 28.15 -20.27
C TYR E 137 -32.92 28.39 -21.23
N THR E 138 -33.94 27.56 -21.12
CA THR E 138 -35.14 27.74 -21.93
C THR E 138 -36.23 28.29 -21.03
N ILE E 139 -36.77 29.44 -21.38
CA ILE E 139 -37.83 30.05 -20.60
C ILE E 139 -39.07 30.16 -21.49
N VAL E 140 -40.18 29.61 -21.00
CA VAL E 140 -41.48 29.89 -21.59
C VAL E 140 -42.06 31.08 -20.86
N ILE E 141 -42.38 32.12 -21.62
CA ILE E 141 -43.05 33.29 -21.08
C ILE E 141 -44.45 33.25 -21.66
N THR E 142 -45.44 33.23 -20.78
CA THR E 142 -46.74 33.12 -21.41
C THR E 142 -47.70 34.15 -20.86
N PRO E 143 -48.56 34.69 -21.71
CA PRO E 143 -49.50 35.71 -21.25
C PRO E 143 -50.82 35.10 -20.79
N HIS E 144 -51.55 35.91 -20.04
CA HIS E 144 -52.91 35.62 -19.61
C HIS E 144 -53.92 35.92 -20.72
N SER E 145 -55.13 36.25 -20.29
CA SER E 145 -56.22 36.77 -21.12
C SER E 145 -56.75 35.74 -22.10
N GLY E 146 -57.36 34.69 -21.55
CA GLY E 146 -58.26 33.91 -22.36
C GLY E 146 -57.59 32.67 -22.89
N GLU E 147 -58.03 32.28 -24.08
CA GLU E 147 -57.54 31.11 -24.81
C GLU E 147 -57.71 29.85 -23.96
N GLU E 148 -58.92 29.31 -23.90
CA GLU E 148 -59.12 28.01 -23.26
C GLU E 148 -58.38 26.93 -24.05
N ASN E 149 -58.47 25.67 -23.60
CA ASN E 149 -57.35 24.76 -23.37
C ASN E 149 -56.49 25.28 -22.24
N ALA E 150 -57.03 25.18 -21.02
CA ALA E 150 -56.19 24.81 -19.88
C ALA E 150 -55.21 25.87 -19.39
N VAL E 151 -55.62 26.63 -18.37
CA VAL E 151 -54.71 27.44 -17.57
C VAL E 151 -53.45 26.72 -17.05
N GLY E 152 -53.41 25.39 -17.09
CA GLY E 152 -52.16 24.65 -17.00
C GLY E 152 -51.55 24.44 -18.38
N ASN E 153 -51.38 23.16 -18.75
CA ASN E 153 -50.72 22.58 -19.94
C ASN E 153 -49.51 23.37 -20.45
N ASP E 154 -48.40 23.31 -19.69
CA ASP E 154 -47.14 23.83 -20.20
C ASP E 154 -46.71 23.22 -21.54
N THR E 155 -47.12 21.99 -21.82
CA THR E 155 -47.08 21.50 -23.19
C THR E 155 -48.12 22.22 -24.04
N GLY E 156 -47.69 22.76 -25.17
CA GLY E 156 -48.57 23.50 -26.03
C GLY E 156 -48.00 24.85 -26.42
N LYS E 157 -48.41 25.34 -27.59
CA LYS E 157 -47.80 26.52 -28.19
C LYS E 157 -48.72 27.72 -27.98
N HIS E 158 -48.60 28.37 -26.83
CA HIS E 158 -49.22 29.67 -26.61
C HIS E 158 -48.18 30.62 -26.06
N GLY E 159 -47.31 30.11 -25.20
CA GLY E 159 -46.19 30.86 -24.69
C GLY E 159 -44.93 30.55 -25.47
N LYS E 160 -44.15 31.55 -25.82
CA LYS E 160 -42.96 31.32 -26.62
C LYS E 160 -41.83 30.72 -25.80
N GLU E 161 -41.02 29.89 -26.44
CA GLU E 161 -40.07 29.02 -25.78
C GLU E 161 -38.65 29.56 -25.77
N ILE E 162 -38.45 30.84 -25.46
CA ILE E 162 -37.22 31.56 -25.80
C ILE E 162 -35.98 31.02 -25.08
N LYS E 163 -34.91 30.83 -25.85
CA LYS E 163 -33.63 30.38 -25.31
C LYS E 163 -32.83 31.57 -24.80
N VAL E 164 -31.87 31.27 -23.93
CA VAL E 164 -30.91 32.27 -23.51
C VAL E 164 -29.61 31.56 -23.14
N THR E 165 -28.48 32.17 -23.50
CA THR E 165 -27.17 31.63 -23.18
C THR E 165 -26.31 32.80 -22.73
N PRO E 166 -25.26 32.55 -21.94
CA PRO E 166 -24.32 33.63 -21.63
C PRO E 166 -23.52 34.15 -22.82
N GLN E 167 -23.58 33.48 -23.97
CA GLN E 167 -23.07 34.09 -25.19
C GLN E 167 -24.11 35.00 -25.82
N SER E 168 -25.26 35.17 -25.20
CA SER E 168 -26.33 36.03 -25.68
C SER E 168 -26.60 37.14 -24.68
N SER E 169 -27.72 37.80 -24.87
CA SER E 169 -27.90 39.20 -24.52
C SER E 169 -29.36 39.42 -24.17
N ILE E 170 -29.84 40.62 -24.46
CA ILE E 170 -31.08 41.26 -24.03
C ILE E 170 -32.38 40.46 -24.25
N THR E 171 -32.30 39.32 -24.93
CA THR E 171 -33.34 38.30 -25.12
C THR E 171 -34.67 38.87 -25.61
N GLU E 172 -34.70 39.31 -26.85
CA GLU E 172 -35.92 39.83 -27.45
C GLU E 172 -36.86 38.69 -27.76
N ALA E 173 -38.09 38.76 -27.24
CA ALA E 173 -39.11 37.76 -27.53
C ALA E 173 -40.36 38.44 -28.07
N GLU E 174 -41.04 37.76 -28.97
CA GLU E 174 -42.24 38.29 -29.59
C GLU E 174 -43.41 37.40 -29.22
N LEU E 175 -44.58 37.99 -29.07
CA LEU E 175 -45.80 37.24 -28.83
C LEU E 175 -46.82 37.60 -29.90
N THR E 176 -48.05 37.16 -29.67
CA THR E 176 -49.13 37.57 -30.55
C THR E 176 -49.43 39.04 -30.33
N GLY E 177 -49.05 39.85 -31.32
CA GLY E 177 -49.25 41.27 -31.22
C GLY E 177 -48.33 41.94 -30.22
N TYR E 178 -48.91 42.27 -29.08
CA TYR E 178 -48.37 43.15 -28.05
C TYR E 178 -47.05 42.71 -27.43
N GLY E 179 -46.76 41.43 -27.45
CA GLY E 179 -45.74 40.92 -26.57
C GLY E 179 -44.28 41.00 -26.98
N THR E 180 -43.81 42.18 -27.37
CA THR E 180 -42.38 42.36 -27.52
C THR E 180 -41.75 42.59 -26.15
N VAL E 181 -41.12 41.56 -25.61
CA VAL E 181 -40.61 41.61 -24.24
C VAL E 181 -39.11 41.37 -24.28
N THR E 182 -38.34 42.21 -23.62
CA THR E 182 -36.90 42.01 -23.62
C THR E 182 -36.45 41.52 -22.25
N MET E 183 -35.70 40.44 -22.25
CA MET E 183 -35.21 39.80 -21.04
C MET E 183 -33.69 39.79 -21.06
N GLU E 184 -33.11 40.32 -19.99
CA GLU E 184 -31.66 40.40 -19.88
C GLU E 184 -31.25 39.47 -18.74
N CYS E 185 -30.85 38.27 -19.10
CA CYS E 185 -30.50 37.28 -18.09
C CYS E 185 -29.07 37.51 -17.63
N SER E 186 -28.78 37.10 -16.41
CA SER E 186 -27.40 37.05 -15.91
C SER E 186 -27.10 35.63 -15.46
N PRO E 187 -26.82 34.74 -16.42
CA PRO E 187 -26.66 33.33 -16.07
C PRO E 187 -25.37 33.02 -15.32
N ARG E 188 -24.41 33.94 -15.33
CA ARG E 188 -23.16 33.67 -14.63
C ARG E 188 -23.28 33.83 -13.13
N THR E 189 -24.29 34.54 -12.66
CA THR E 189 -24.59 34.63 -11.25
C THR E 189 -25.57 33.56 -10.80
N GLY E 190 -25.70 32.48 -11.57
CA GLY E 190 -26.66 31.44 -11.28
C GLY E 190 -26.09 30.38 -10.36
N LEU E 191 -25.95 29.17 -10.87
CA LEU E 191 -25.43 28.06 -10.07
C LEU E 191 -23.95 28.20 -9.73
N ASP E 192 -23.23 29.12 -10.36
CA ASP E 192 -21.79 29.33 -10.18
C ASP E 192 -21.02 28.06 -10.55
N PHE E 193 -21.05 27.76 -11.84
CA PHE E 193 -20.25 26.68 -12.41
C PHE E 193 -18.76 27.00 -12.32
N ASN E 194 -17.96 25.99 -12.71
CA ASN E 194 -16.55 25.74 -12.38
C ASN E 194 -16.40 25.38 -10.91
N GLU E 195 -17.52 25.15 -10.25
CA GLU E 195 -17.58 24.50 -8.96
C GLU E 195 -18.54 23.33 -8.98
N MET E 196 -18.90 22.85 -10.16
CA MET E 196 -19.87 21.79 -10.32
C MET E 196 -19.24 20.60 -11.01
N VAL E 197 -19.76 19.43 -10.67
CA VAL E 197 -19.41 18.19 -11.33
C VAL E 197 -20.71 17.43 -11.56
N LEU E 198 -21.02 17.17 -12.82
CA LEU E 198 -22.09 16.25 -13.16
C LEU E 198 -21.53 14.86 -13.00
N LEU E 199 -22.30 13.95 -12.43
CA LEU E 199 -21.80 12.64 -12.04
C LEU E 199 -22.74 11.58 -12.56
N GLN E 200 -22.27 10.80 -13.52
CA GLN E 200 -23.12 9.81 -14.19
C GLN E 200 -22.77 8.43 -13.69
N MET E 201 -23.76 7.76 -13.13
CA MET E 201 -23.72 6.33 -12.82
C MET E 201 -24.34 5.63 -14.03
N GLU E 202 -24.76 4.37 -13.86
CA GLU E 202 -25.28 3.53 -14.94
C GLU E 202 -26.46 4.16 -15.66
N ASN E 203 -27.34 4.85 -14.93
CA ASN E 203 -28.50 5.41 -15.59
C ASN E 203 -28.74 6.85 -15.14
N LYS E 204 -28.26 7.20 -13.96
CA LYS E 204 -28.65 8.47 -13.36
C LYS E 204 -27.47 9.44 -13.34
N ALA E 205 -27.74 10.66 -12.89
CA ALA E 205 -26.66 11.61 -12.72
C ALA E 205 -26.98 12.50 -11.54
N TRP E 206 -25.95 13.13 -11.01
CA TRP E 206 -26.12 14.00 -9.85
C TRP E 206 -25.26 15.23 -10.05
N LEU E 207 -25.58 16.28 -9.31
CA LEU E 207 -24.83 17.52 -9.41
C LEU E 207 -24.15 17.76 -8.06
N VAL E 208 -22.86 17.47 -7.98
CA VAL E 208 -22.14 17.60 -6.73
C VAL E 208 -20.98 18.56 -6.93
N HIS E 209 -20.58 19.24 -5.87
CA HIS E 209 -19.56 20.25 -6.08
C HIS E 209 -18.18 19.61 -6.13
N ARG E 210 -17.22 20.41 -6.54
CA ARG E 210 -16.01 19.88 -7.15
C ARG E 210 -15.05 19.32 -6.10
N GLN E 211 -14.87 20.04 -4.99
CA GLN E 211 -13.86 19.67 -4.00
C GLN E 211 -14.20 18.34 -3.34
N TRP E 212 -15.50 18.13 -3.08
CA TRP E 212 -16.00 16.87 -2.55
C TRP E 212 -15.72 15.71 -3.51
N PHE E 213 -16.01 15.96 -4.79
CA PHE E 213 -15.84 14.93 -5.81
C PHE E 213 -14.38 14.58 -6.05
N LEU E 214 -13.48 15.56 -5.95
CA LEU E 214 -12.06 15.25 -6.00
C LEU E 214 -11.62 14.52 -4.74
N ASP E 215 -12.20 14.90 -3.60
CA ASP E 215 -11.77 14.37 -2.32
C ASP E 215 -12.27 12.95 -2.07
N LEU E 216 -13.20 12.48 -2.89
CA LEU E 216 -13.83 11.20 -2.64
C LEU E 216 -12.88 10.04 -2.92
N PRO E 217 -12.96 8.93 -2.15
CA PRO E 217 -12.21 7.70 -2.42
C PRO E 217 -12.70 6.91 -3.65
N LEU E 218 -12.51 5.58 -3.67
CA LEU E 218 -12.99 4.70 -4.75
C LEU E 218 -12.31 4.96 -6.08
N PRO E 219 -11.22 4.24 -6.35
CA PRO E 219 -10.05 4.75 -7.09
C PRO E 219 -10.21 5.78 -8.19
N TRP E 220 -9.39 6.81 -8.07
CA TRP E 220 -8.97 7.78 -9.07
C TRP E 220 -8.71 7.13 -10.42
N LEU E 221 -9.10 7.84 -11.50
CA LEU E 221 -8.49 7.72 -12.82
C LEU E 221 -8.77 8.97 -13.64
N PRO E 222 -7.79 9.52 -14.33
CA PRO E 222 -8.02 10.77 -15.07
C PRO E 222 -8.72 10.51 -16.40
N GLY E 223 -9.04 11.61 -17.08
CA GLY E 223 -9.92 11.54 -18.24
C GLY E 223 -9.28 10.97 -19.49
N ALA E 224 -7.97 10.76 -19.45
CA ALA E 224 -7.25 10.19 -20.59
C ALA E 224 -7.03 8.70 -20.39
N ASP E 225 -8.12 7.93 -20.42
CA ASP E 225 -8.05 6.49 -20.23
C ASP E 225 -7.78 5.74 -21.53
N THR E 226 -8.84 5.53 -22.31
CA THR E 226 -8.74 4.82 -23.59
C THR E 226 -8.02 3.49 -23.45
N GLN E 227 -6.70 3.58 -23.27
CA GLN E 227 -5.86 2.41 -23.07
C GLN E 227 -5.17 2.64 -21.73
N GLY E 228 -5.92 3.20 -20.79
CA GLY E 228 -5.41 3.52 -19.47
C GLY E 228 -5.36 2.42 -18.44
N SER E 229 -6.45 2.25 -17.69
CA SER E 229 -6.54 1.27 -16.60
C SER E 229 -5.35 1.47 -15.69
N ASN E 230 -5.08 2.74 -15.38
CA ASN E 230 -3.94 3.14 -14.58
C ASN E 230 -4.36 3.69 -13.21
N TRP E 231 -5.22 2.98 -12.49
CA TRP E 231 -5.93 3.49 -11.33
C TRP E 231 -4.99 3.76 -10.16
N ILE E 232 -4.66 5.03 -9.93
CA ILE E 232 -3.67 5.38 -8.91
C ILE E 232 -4.38 5.59 -7.58
N GLN E 233 -4.73 4.47 -6.92
CA GLN E 233 -5.37 4.33 -5.62
C GLN E 233 -5.24 2.86 -5.22
N LYS E 234 -6.37 2.30 -4.73
CA LYS E 234 -6.72 0.91 -4.47
C LYS E 234 -6.39 0.48 -3.06
N GLU E 235 -5.97 1.43 -2.21
CA GLU E 235 -6.00 1.16 -0.79
C GLU E 235 -7.41 1.32 -0.23
N THR E 236 -8.27 2.08 -0.92
CA THR E 236 -9.64 2.23 -0.48
C THR E 236 -10.50 1.06 -0.90
N LEU E 237 -10.27 0.53 -2.10
CA LEU E 237 -10.81 -0.73 -2.56
C LEU E 237 -9.77 -1.79 -2.20
N VAL E 238 -9.68 -2.86 -2.98
CA VAL E 238 -9.39 -4.26 -2.64
C VAL E 238 -8.51 -4.51 -1.41
N THR E 239 -9.03 -5.36 -0.52
CA THR E 239 -8.48 -5.55 0.81
C THR E 239 -7.81 -6.92 0.90
N PHE E 240 -6.72 -6.99 1.66
CA PHE E 240 -5.91 -8.19 1.73
C PHE E 240 -6.08 -8.88 3.07
N LYS E 241 -6.63 -10.09 3.05
CA LYS E 241 -6.72 -10.87 4.26
C LYS E 241 -5.34 -11.35 4.65
N ASN E 242 -5.04 -11.22 5.95
CA ASN E 242 -3.89 -11.90 6.54
C ASN E 242 -4.40 -12.59 7.79
N PRO E 243 -4.46 -13.91 7.76
CA PRO E 243 -4.68 -14.65 9.01
C PRO E 243 -3.48 -14.59 9.95
N HIS E 244 -3.54 -15.38 11.02
CA HIS E 244 -2.60 -15.33 12.14
C HIS E 244 -1.12 -15.33 11.76
N ALA E 245 -0.65 -16.33 11.02
CA ALA E 245 0.73 -16.30 10.60
C ALA E 245 0.89 -16.35 9.09
N LYS E 246 0.31 -17.38 8.46
CA LYS E 246 0.70 -17.79 7.13
C LYS E 246 0.06 -16.92 6.04
N LYS E 247 0.16 -17.43 4.82
CA LYS E 247 -0.03 -16.82 3.48
C LYS E 247 -1.18 -15.83 3.47
N GLN E 248 -0.99 -14.68 2.84
CA GLN E 248 -2.05 -13.68 2.76
C GLN E 248 -2.74 -13.76 1.42
N ASP E 249 -3.86 -13.05 1.27
CA ASP E 249 -4.72 -13.30 0.12
C ASP E 249 -5.47 -12.02 -0.24
N VAL E 250 -6.04 -12.01 -1.44
CA VAL E 250 -6.66 -10.84 -2.03
C VAL E 250 -8.17 -10.95 -1.92
N VAL E 251 -8.85 -9.81 -1.78
CA VAL E 251 -10.31 -9.77 -1.61
C VAL E 251 -10.85 -8.55 -2.33
N VAL E 252 -11.70 -8.77 -3.33
CA VAL E 252 -12.47 -7.68 -3.92
C VAL E 252 -13.45 -7.15 -2.89
N LEU E 253 -13.59 -5.84 -2.82
CA LEU E 253 -14.41 -5.26 -1.78
C LEU E 253 -15.88 -5.20 -2.20
N GLY E 254 -16.17 -5.39 -3.48
CA GLY E 254 -17.54 -5.45 -3.94
C GLY E 254 -18.01 -4.12 -4.51
N SER E 255 -19.22 -4.13 -5.06
CA SER E 255 -19.80 -2.91 -5.61
C SER E 255 -20.13 -1.95 -4.48
N GLN E 256 -19.71 -0.69 -4.65
CA GLN E 256 -20.12 0.36 -3.74
C GLN E 256 -21.16 1.28 -4.34
N GLU E 257 -22.11 0.76 -5.10
CA GLU E 257 -23.12 1.64 -5.68
C GLU E 257 -24.08 2.15 -4.62
N GLY E 258 -24.45 1.28 -3.69
CA GLY E 258 -25.31 1.69 -2.59
C GLY E 258 -24.63 2.68 -1.66
N ALA E 259 -23.37 2.41 -1.38
CA ALA E 259 -22.59 3.31 -0.54
C ALA E 259 -22.35 4.63 -1.26
N MET E 260 -22.22 4.58 -2.58
CA MET E 260 -22.14 5.78 -3.40
C MET E 260 -23.41 6.61 -3.29
N HIS E 261 -24.58 5.98 -3.37
CA HIS E 261 -25.84 6.71 -3.28
C HIS E 261 -26.01 7.32 -1.89
N THR E 262 -25.63 6.56 -0.87
CA THR E 262 -25.65 7.06 0.51
C THR E 262 -24.66 8.20 0.69
N ALA E 263 -23.58 8.20 -0.08
CA ALA E 263 -22.68 9.35 -0.06
C ALA E 263 -23.32 10.55 -0.74
N LEU E 264 -23.92 10.37 -1.91
CA LEU E 264 -24.46 11.54 -2.56
C LEU E 264 -25.91 11.82 -2.19
N THR E 265 -26.36 11.40 -1.01
CA THR E 265 -27.53 12.07 -0.44
C THR E 265 -27.25 13.56 -0.21
N GLY E 266 -28.32 14.33 -0.12
CA GLY E 266 -28.19 15.76 0.01
C GLY E 266 -27.71 16.47 -1.23
N ALA E 267 -27.77 15.83 -2.39
CA ALA E 267 -27.37 16.42 -3.65
C ALA E 267 -28.50 16.28 -4.64
N THR E 268 -28.67 17.29 -5.47
CA THR E 268 -29.72 17.23 -6.47
C THR E 268 -29.38 16.23 -7.56
N GLU E 269 -30.41 15.54 -8.04
CA GLU E 269 -30.22 14.53 -9.06
C GLU E 269 -30.57 15.12 -10.41
N ILE E 270 -30.22 14.43 -11.47
CA ILE E 270 -30.49 14.90 -12.82
C ILE E 270 -30.50 13.73 -13.80
N GLN E 271 -31.54 13.73 -14.63
CA GLN E 271 -31.58 12.92 -15.84
C GLN E 271 -30.55 13.42 -16.82
N MET E 272 -29.69 12.53 -17.29
CA MET E 272 -28.73 12.85 -18.33
C MET E 272 -28.62 11.67 -19.27
N SER E 273 -29.44 11.66 -20.31
CA SER E 273 -29.40 10.63 -21.33
C SER E 273 -29.10 11.27 -22.70
N SER E 274 -29.84 12.30 -23.07
CA SER E 274 -29.66 12.94 -24.38
C SER E 274 -28.81 14.18 -24.18
N GLY E 275 -27.49 13.98 -24.15
CA GLY E 275 -26.55 15.09 -24.07
C GLY E 275 -26.51 15.68 -22.68
N ASN E 276 -27.56 16.42 -22.34
CA ASN E 276 -27.86 16.87 -21.00
C ASN E 276 -29.30 17.37 -20.97
N LEU E 277 -29.96 17.22 -19.84
CA LEU E 277 -31.28 17.79 -19.63
C LEU E 277 -31.38 18.47 -18.27
N LEU E 278 -30.44 19.35 -17.94
CA LEU E 278 -30.23 19.84 -16.57
C LEU E 278 -31.45 20.55 -16.03
N PHE E 279 -31.70 20.33 -14.75
CA PHE E 279 -32.83 20.76 -13.97
C PHE E 279 -32.30 21.53 -12.79
N THR E 280 -33.08 21.52 -11.72
CA THR E 280 -33.35 22.46 -10.62
C THR E 280 -32.11 23.31 -10.32
N GLY E 281 -32.28 24.63 -10.30
CA GLY E 281 -31.32 25.71 -10.22
C GLY E 281 -32.04 26.96 -10.70
N HIS E 282 -31.48 28.10 -10.35
CA HIS E 282 -32.18 29.36 -10.56
C HIS E 282 -31.37 30.26 -11.46
N LEU E 283 -32.01 31.32 -11.93
CA LEU E 283 -31.32 32.35 -12.69
C LEU E 283 -32.02 33.67 -12.44
N LYS E 284 -31.42 34.74 -12.95
CA LYS E 284 -31.81 36.10 -12.60
C LYS E 284 -31.99 36.93 -13.86
N CYS E 285 -33.23 37.29 -14.15
CA CYS E 285 -33.55 38.16 -15.27
C CYS E 285 -33.73 39.58 -14.77
N ARG E 286 -33.37 40.52 -15.62
CA ARG E 286 -33.91 41.87 -15.57
C ARG E 286 -34.84 42.02 -16.75
N LEU E 287 -35.99 42.61 -16.51
CA LEU E 287 -37.12 42.52 -17.42
C LEU E 287 -37.50 43.91 -17.89
N ARG E 288 -37.53 44.12 -19.20
CA ARG E 288 -37.93 45.40 -19.75
C ARG E 288 -39.13 45.19 -20.65
N MET E 289 -40.12 46.08 -20.51
CA MET E 289 -41.50 45.86 -20.90
C MET E 289 -42.13 46.99 -21.67
N ASP E 290 -41.38 47.78 -22.46
CA ASP E 290 -42.03 48.97 -23.01
C ASP E 290 -43.10 48.66 -24.04
N LYS E 291 -42.74 48.54 -25.32
CA LYS E 291 -43.05 47.47 -26.27
C LYS E 291 -44.19 46.51 -25.91
N LEU E 292 -45.31 47.00 -25.37
CA LEU E 292 -46.40 46.13 -24.92
C LEU E 292 -47.73 46.87 -24.99
N GLN E 293 -48.61 46.39 -25.86
CA GLN E 293 -50.00 46.82 -25.79
C GLN E 293 -50.76 45.90 -24.83
N LEU E 294 -52.03 46.23 -24.60
CA LEU E 294 -52.87 45.43 -23.73
C LEU E 294 -53.76 44.45 -24.48
N LYS E 295 -53.31 43.96 -25.64
CA LYS E 295 -54.13 43.22 -26.61
C LYS E 295 -55.39 44.02 -26.95
N GLY E 296 -55.14 45.25 -27.36
CA GLY E 296 -56.19 46.14 -27.78
C GLY E 296 -56.91 46.79 -26.61
N MET E 297 -57.04 48.11 -26.67
CA MET E 297 -57.99 48.75 -25.77
C MET E 297 -59.26 48.89 -26.59
N SER E 298 -59.18 49.73 -27.63
CA SER E 298 -59.70 49.52 -28.99
C SER E 298 -60.98 48.70 -29.15
N TYR E 299 -61.91 48.81 -28.22
CA TYR E 299 -63.07 47.91 -28.21
C TYR E 299 -64.25 48.57 -27.51
N SER E 300 -65.22 47.75 -27.13
CA SER E 300 -66.37 48.21 -26.38
C SER E 300 -66.59 47.34 -25.15
N MET E 301 -67.25 47.92 -24.16
CA MET E 301 -67.87 47.14 -23.10
C MET E 301 -68.93 46.31 -23.81
N CYS E 302 -69.03 45.03 -23.44
CA CYS E 302 -69.83 44.12 -24.26
C CYS E 302 -71.32 44.25 -23.97
N THR E 303 -72.12 43.45 -24.67
CA THR E 303 -73.57 43.58 -24.59
C THR E 303 -74.13 42.94 -23.33
N GLY E 304 -73.98 41.64 -23.20
CA GLY E 304 -74.47 40.95 -22.03
C GLY E 304 -74.78 39.51 -22.33
N LYS E 305 -75.40 38.86 -21.35
CA LYS E 305 -75.76 37.43 -21.35
C LYS E 305 -74.51 36.56 -21.51
N PHE E 306 -73.68 36.60 -20.46
CA PHE E 306 -72.63 35.62 -20.29
C PHE E 306 -73.16 34.38 -19.61
N LYS E 307 -72.29 33.39 -19.44
CA LYS E 307 -72.66 32.10 -18.91
C LYS E 307 -71.42 31.41 -18.35
N VAL E 308 -71.47 30.99 -17.09
CA VAL E 308 -70.38 30.22 -16.51
C VAL E 308 -70.47 28.78 -17.00
N VAL E 309 -69.32 28.15 -17.20
CA VAL E 309 -69.24 26.77 -17.65
C VAL E 309 -68.25 26.03 -16.77
N LYS E 310 -67.85 26.66 -15.67
CA LYS E 310 -66.84 26.06 -14.80
C LYS E 310 -67.13 26.56 -13.39
N GLU E 311 -66.49 25.97 -12.39
CA GLU E 311 -66.80 26.22 -10.99
C GLU E 311 -66.22 27.53 -10.49
N ILE E 312 -66.23 27.69 -9.18
CA ILE E 312 -65.67 28.82 -8.44
C ILE E 312 -64.15 28.82 -8.41
N ALA E 313 -63.54 27.66 -8.12
CA ALA E 313 -62.15 27.35 -8.41
C ALA E 313 -61.16 28.31 -7.76
N GLU E 314 -61.06 28.21 -6.43
CA GLU E 314 -60.05 28.95 -5.68
C GLU E 314 -58.72 28.22 -5.74
N THR E 315 -57.68 28.92 -6.16
CA THR E 315 -56.32 28.41 -6.05
C THR E 315 -55.53 29.34 -5.16
N GLN E 316 -54.90 28.77 -4.12
CA GLN E 316 -53.66 29.27 -3.52
C GLN E 316 -53.66 30.75 -3.18
N HIS E 317 -54.37 31.11 -2.10
CA HIS E 317 -54.51 32.45 -1.53
C HIS E 317 -54.98 33.49 -2.54
N GLY E 318 -56.20 33.33 -3.05
CA GLY E 318 -56.92 34.47 -3.57
C GLY E 318 -57.13 34.41 -5.08
N THR E 319 -56.28 33.66 -5.77
CA THR E 319 -56.09 33.76 -7.22
C THR E 319 -57.27 33.37 -8.12
N ILE E 320 -58.49 33.26 -7.57
CA ILE E 320 -59.63 32.47 -8.04
C ILE E 320 -59.94 32.62 -9.53
N VAL E 321 -60.25 31.52 -10.21
CA VAL E 321 -60.50 31.60 -11.63
C VAL E 321 -61.96 31.30 -11.92
N ILE E 322 -62.49 31.93 -12.97
CA ILE E 322 -63.86 31.75 -13.43
C ILE E 322 -63.82 31.68 -14.93
N ARG E 323 -64.39 30.62 -15.50
CA ARG E 323 -64.45 30.48 -16.95
C ARG E 323 -65.85 30.80 -17.43
N VAL E 324 -65.97 31.89 -18.15
CA VAL E 324 -67.26 32.32 -18.67
C VAL E 324 -67.34 32.02 -20.16
N GLN E 325 -68.57 31.86 -20.61
CA GLN E 325 -68.91 31.58 -22.00
C GLN E 325 -69.81 32.70 -22.47
N TYR E 326 -69.28 33.57 -23.33
CA TYR E 326 -70.12 34.63 -23.85
C TYR E 326 -71.17 34.07 -24.79
N GLU E 327 -72.39 34.57 -24.65
CA GLU E 327 -73.46 34.27 -25.58
C GLU E 327 -73.98 35.59 -26.14
N GLY E 328 -74.09 35.66 -27.44
CA GLY E 328 -74.64 36.84 -28.06
C GLY E 328 -73.96 37.11 -29.39
N ASP E 329 -73.92 38.39 -29.74
CA ASP E 329 -73.39 38.89 -31.01
C ASP E 329 -72.17 39.78 -30.82
N GLY E 330 -71.22 39.32 -30.01
CA GLY E 330 -70.13 40.10 -29.46
C GLY E 330 -69.27 40.93 -30.39
N SER E 331 -68.82 40.32 -31.51
CA SER E 331 -67.88 40.92 -32.45
C SER E 331 -66.65 41.37 -31.67
N PRO E 332 -65.75 40.44 -31.32
CA PRO E 332 -65.20 40.33 -29.96
C PRO E 332 -64.98 41.59 -29.15
N CYS E 333 -65.58 41.66 -27.97
CA CYS E 333 -65.48 42.82 -27.10
C CYS E 333 -64.77 42.47 -25.80
N LYS E 334 -64.69 43.47 -24.92
CA LYS E 334 -64.13 43.27 -23.60
C LYS E 334 -65.15 42.57 -22.71
N ILE E 335 -64.72 42.25 -21.50
CA ILE E 335 -65.58 41.59 -20.51
C ILE E 335 -65.72 42.53 -19.31
N PRO E 336 -66.90 43.02 -19.01
CA PRO E 336 -67.04 43.94 -17.89
C PRO E 336 -66.95 43.23 -16.56
N PHE E 337 -65.73 42.93 -16.16
CA PHE E 337 -65.46 42.18 -14.94
C PHE E 337 -65.29 43.16 -13.79
N GLU E 338 -65.97 42.90 -12.67
CA GLU E 338 -65.71 43.68 -11.46
C GLU E 338 -65.79 42.78 -10.24
N ILE E 339 -65.05 43.15 -9.21
CA ILE E 339 -65.15 42.53 -7.90
C ILE E 339 -65.67 43.57 -6.95
N MET E 340 -66.94 43.47 -6.57
CA MET E 340 -67.55 44.49 -5.77
C MET E 340 -67.78 43.96 -4.36
N ASP E 341 -68.06 44.90 -3.49
CA ASP E 341 -68.61 44.63 -2.18
C ASP E 341 -70.13 44.59 -2.32
N LEU E 342 -70.85 44.72 -1.21
CA LEU E 342 -72.30 44.73 -1.18
C LEU E 342 -72.86 46.06 -1.70
N GLU E 343 -74.12 46.33 -1.40
CA GLU E 343 -74.82 47.57 -1.73
C GLU E 343 -74.09 48.79 -1.11
N LYS E 344 -74.42 50.01 -1.56
CA LYS E 344 -73.68 51.27 -1.42
C LYS E 344 -72.22 51.03 -1.79
N ARG E 345 -72.04 50.74 -3.09
CA ARG E 345 -70.88 50.15 -3.74
C ARG E 345 -69.52 50.64 -3.29
N HIS E 346 -68.68 49.70 -2.90
CA HIS E 346 -67.34 49.98 -2.39
C HIS E 346 -66.30 49.12 -3.08
N VAL E 347 -66.24 49.14 -4.41
CA VAL E 347 -65.57 48.14 -5.24
C VAL E 347 -64.08 47.99 -4.92
N LEU E 348 -63.72 46.82 -4.41
CA LEU E 348 -62.39 46.57 -3.88
C LEU E 348 -62.00 45.12 -4.14
N GLY E 349 -61.29 44.91 -5.23
CA GLY E 349 -60.58 43.68 -5.49
C GLY E 349 -59.40 43.96 -6.37
N ARG E 350 -58.89 42.93 -7.04
CA ARG E 350 -58.01 43.20 -8.17
C ARG E 350 -58.18 42.10 -9.21
N LEU E 351 -58.01 42.46 -10.46
CA LEU E 351 -58.17 41.56 -11.58
C LEU E 351 -56.79 41.22 -12.13
N ILE E 352 -56.45 39.92 -12.20
CA ILE E 352 -55.14 39.64 -12.77
C ILE E 352 -55.42 38.96 -14.09
N THR E 353 -55.94 39.70 -15.06
CA THR E 353 -56.13 39.21 -16.42
C THR E 353 -55.99 40.37 -17.39
N VAL E 354 -55.51 41.51 -16.89
CA VAL E 354 -55.97 42.88 -17.18
C VAL E 354 -56.34 43.12 -18.63
N ASN E 355 -57.53 43.70 -18.84
CA ASN E 355 -58.29 43.74 -20.08
C ASN E 355 -58.51 42.33 -20.60
N PRO E 356 -59.39 41.52 -19.99
CA PRO E 356 -59.75 40.24 -20.59
C PRO E 356 -60.60 40.48 -21.82
N ILE E 357 -60.59 39.51 -22.73
CA ILE E 357 -61.18 39.74 -24.03
C ILE E 357 -61.79 38.44 -24.55
N VAL E 358 -62.97 38.56 -25.17
CA VAL E 358 -63.61 37.43 -25.82
C VAL E 358 -62.90 37.17 -27.14
N THR E 359 -62.88 35.92 -27.57
CA THR E 359 -62.34 35.56 -28.87
C THR E 359 -63.49 35.64 -29.86
N GLU E 360 -63.34 35.08 -31.07
CA GLU E 360 -64.21 35.25 -32.23
C GLU E 360 -65.70 35.00 -32.01
N LYS E 361 -66.04 34.00 -31.21
CA LYS E 361 -67.41 33.56 -31.04
C LYS E 361 -67.42 32.79 -29.73
N ASP E 362 -68.39 31.89 -29.56
CA ASP E 362 -68.41 30.95 -28.45
C ASP E 362 -67.08 30.23 -28.30
N SER E 363 -66.39 30.56 -27.23
CA SER E 363 -65.14 29.96 -26.80
C SER E 363 -64.98 30.30 -25.34
N PRO E 364 -64.83 29.34 -24.46
CA PRO E 364 -64.95 29.60 -23.02
C PRO E 364 -63.75 30.33 -22.43
N VAL E 365 -63.82 31.66 -22.51
CA VAL E 365 -62.74 32.50 -22.00
C VAL E 365 -62.70 32.41 -20.47
N ASN E 366 -61.52 32.56 -19.87
CA ASN E 366 -61.39 32.37 -18.45
C ASN E 366 -60.55 33.49 -17.84
N ILE E 367 -60.87 33.81 -16.59
CA ILE E 367 -60.48 35.05 -15.93
C ILE E 367 -60.03 34.71 -14.52
N GLU E 368 -58.87 35.21 -14.12
CA GLU E 368 -58.47 35.04 -12.73
C GLU E 368 -58.35 36.38 -12.03
N ALA E 369 -58.69 36.38 -10.74
CA ALA E 369 -58.75 37.61 -9.99
C ALA E 369 -58.63 37.31 -8.51
N GLU E 370 -58.35 38.34 -7.73
CA GLU E 370 -58.12 38.22 -6.30
C GLU E 370 -59.14 39.05 -5.53
N PRO E 371 -60.03 38.40 -4.79
CA PRO E 371 -60.97 39.11 -3.93
C PRO E 371 -60.30 39.52 -2.64
N PRO E 372 -60.99 40.31 -1.78
CA PRO E 372 -60.46 40.52 -0.42
C PRO E 372 -60.70 39.31 0.48
N PHE E 373 -60.36 39.45 1.76
CA PHE E 373 -60.23 38.30 2.66
C PHE E 373 -61.55 37.77 3.19
N GLY E 374 -62.69 38.18 2.64
CA GLY E 374 -63.98 37.87 3.23
C GLY E 374 -65.09 37.68 2.22
N ASP E 375 -66.22 38.35 2.45
CA ASP E 375 -67.31 38.35 1.50
C ASP E 375 -66.94 39.14 0.26
N SER E 376 -67.47 38.72 -0.88
CA SER E 376 -67.23 39.40 -2.14
C SER E 376 -68.29 39.01 -3.15
N TYR E 377 -68.66 39.96 -4.01
CA TYR E 377 -69.60 39.72 -5.09
C TYR E 377 -68.86 39.93 -6.39
N ILE E 378 -68.56 38.85 -7.10
CA ILE E 378 -67.90 38.91 -8.39
C ILE E 378 -68.96 39.02 -9.48
N ILE E 379 -68.92 40.11 -10.24
CA ILE E 379 -69.99 40.45 -11.17
C ILE E 379 -69.39 40.58 -12.57
N ILE E 380 -70.13 40.14 -13.59
CA ILE E 380 -69.61 40.23 -14.95
C ILE E 380 -70.59 40.83 -15.96
N GLY E 381 -71.88 40.86 -15.67
CA GLY E 381 -72.85 41.39 -16.61
C GLY E 381 -73.07 42.88 -16.44
N VAL E 382 -73.77 43.49 -17.40
CA VAL E 382 -73.98 44.93 -17.34
C VAL E 382 -75.44 45.39 -17.35
N GLU E 383 -76.16 45.23 -18.48
CA GLU E 383 -77.33 46.08 -18.68
C GLU E 383 -78.56 45.52 -17.97
N PRO E 384 -78.92 44.21 -18.08
CA PRO E 384 -79.78 43.66 -17.03
C PRO E 384 -78.97 43.06 -15.89
N GLY E 385 -77.90 43.74 -15.48
CA GLY E 385 -77.01 43.33 -14.39
C GLY E 385 -76.51 41.89 -14.41
N GLN E 386 -76.39 41.32 -15.61
CA GLN E 386 -76.65 39.91 -15.94
C GLN E 386 -76.30 38.85 -14.91
N LEU E 387 -75.12 38.92 -14.30
CA LEU E 387 -74.72 37.82 -13.44
C LEU E 387 -73.81 38.28 -12.32
N LYS E 388 -74.25 38.00 -11.09
CA LYS E 388 -73.44 38.12 -9.90
C LYS E 388 -73.12 36.73 -9.40
N LEU E 389 -72.04 36.61 -8.64
CA LEU E 389 -71.71 35.38 -7.93
C LEU E 389 -71.21 35.76 -6.55
N SER E 390 -71.66 35.04 -5.54
CA SER E 390 -71.14 35.25 -4.20
C SER E 390 -69.90 34.41 -3.99
N TRP E 391 -68.96 34.95 -3.23
CA TRP E 391 -67.75 34.22 -2.91
C TRP E 391 -67.22 34.68 -1.57
N PHE E 392 -66.66 33.74 -0.83
CA PHE E 392 -66.15 34.03 0.51
C PHE E 392 -64.73 33.51 0.60
N LYS E 393 -63.76 34.39 0.38
CA LYS E 393 -62.37 34.08 0.66
C LYS E 393 -62.18 34.13 2.16
N LYS E 394 -61.81 32.97 2.73
CA LYS E 394 -61.81 32.73 4.17
C LYS E 394 -60.76 33.61 4.84
N GLY E 395 -59.49 33.32 4.54
CA GLY E 395 -58.36 34.23 4.68
C GLY E 395 -58.17 34.95 6.00
N SER E 396 -57.40 36.02 5.89
CA SER E 396 -57.18 37.05 6.89
C SER E 396 -56.37 38.15 6.22
N SER E 397 -56.19 39.27 6.91
CA SER E 397 -55.17 40.22 6.51
C SER E 397 -53.86 39.87 7.22
N ILE E 398 -53.96 39.55 8.51
CA ILE E 398 -52.77 39.28 9.32
C ILE E 398 -52.17 37.94 8.92
N GLY E 399 -53.01 36.95 8.64
CA GLY E 399 -52.51 35.67 8.18
C GLY E 399 -51.86 35.75 6.82
N GLN E 400 -52.37 36.62 5.96
CA GLN E 400 -51.76 36.84 4.65
C GLN E 400 -50.39 37.50 4.81
N MET E 401 -50.29 38.48 5.71
CA MET E 401 -49.01 39.13 5.95
C MET E 401 -48.01 38.18 6.58
N PHE E 402 -48.48 37.28 7.45
CA PHE E 402 -47.58 36.33 8.09
C PHE E 402 -47.11 35.28 7.09
N GLU E 403 -47.98 34.85 6.18
CA GLU E 403 -47.56 33.90 5.16
C GLU E 403 -46.60 34.54 4.17
N THR E 404 -46.80 35.83 3.88
CA THR E 404 -45.85 36.56 3.04
C THR E 404 -44.51 36.69 3.74
N THR E 405 -44.54 36.85 5.06
CA THR E 405 -43.31 36.89 5.85
C THR E 405 -42.60 35.53 5.82
N MET E 406 -43.37 34.45 5.81
CA MET E 406 -42.77 33.13 5.70
C MET E 406 -42.15 32.91 4.33
N ARG E 407 -42.80 33.42 3.27
CA ARG E 407 -42.21 33.39 1.93
C ARG E 407 -40.91 34.18 1.90
N GLY E 408 -40.89 35.34 2.57
CA GLY E 408 -39.67 36.13 2.63
C GLY E 408 -38.59 35.46 3.45
N ALA E 409 -38.96 34.67 4.43
CA ALA E 409 -37.98 33.92 5.19
C ALA E 409 -37.42 32.78 4.36
N LYS E 410 -38.25 32.18 3.52
CA LYS E 410 -37.77 31.11 2.65
C LYS E 410 -36.90 31.67 1.53
N ARG E 411 -37.15 32.93 1.18
CA ARG E 411 -36.26 33.62 0.25
C ARG E 411 -34.98 34.10 0.95
N MET E 412 -35.01 34.38 2.24
CA MET E 412 -33.76 34.63 2.97
C MET E 412 -32.99 33.33 3.12
N ALA E 413 -33.72 32.23 3.14
CA ALA E 413 -33.26 30.87 2.90
C ALA E 413 -33.08 30.69 1.39
N ILE E 414 -33.33 29.49 0.90
CA ILE E 414 -32.57 28.77 -0.15
C ILE E 414 -31.93 29.62 -1.24
N LEU E 415 -32.69 30.50 -1.89
CA LEU E 415 -32.10 31.38 -2.89
C LEU E 415 -31.39 32.54 -2.21
N GLY E 416 -30.15 32.79 -2.58
CA GLY E 416 -29.30 33.69 -1.80
C GLY E 416 -29.60 35.16 -2.03
N ASP E 417 -28.54 35.94 -2.24
CA ASP E 417 -28.68 37.38 -2.36
C ASP E 417 -29.39 37.79 -3.65
N THR E 418 -29.54 36.85 -4.58
CA THR E 418 -30.51 36.99 -5.66
C THR E 418 -31.92 37.25 -5.14
N ALA E 419 -32.27 36.74 -3.95
CA ALA E 419 -33.60 37.02 -3.42
C ALA E 419 -33.67 38.43 -2.86
N TRP E 420 -32.53 39.03 -2.54
CA TRP E 420 -32.54 40.48 -2.37
C TRP E 420 -32.70 41.17 -3.70
N ASP E 421 -32.25 40.53 -4.78
CA ASP E 421 -32.55 41.08 -6.09
C ASP E 421 -33.95 40.69 -6.58
N PHE E 422 -34.72 39.93 -5.81
CA PHE E 422 -36.00 39.41 -6.30
C PHE E 422 -37.07 40.47 -6.42
N GLY E 423 -36.97 41.55 -5.65
CA GLY E 423 -37.84 42.68 -5.87
C GLY E 423 -37.31 43.54 -6.99
N SER E 424 -37.67 44.82 -7.01
CA SER E 424 -37.16 45.72 -8.03
C SER E 424 -37.24 47.14 -7.49
N LEU E 425 -36.68 48.08 -8.26
CA LEU E 425 -36.91 49.53 -8.16
C LEU E 425 -36.64 50.07 -6.76
N GLY E 426 -35.67 49.44 -6.10
CA GLY E 426 -35.45 49.70 -4.69
C GLY E 426 -34.52 50.85 -4.43
N GLY E 427 -33.63 51.12 -5.38
CA GLY E 427 -32.69 52.22 -5.26
C GLY E 427 -31.71 52.03 -4.13
N VAL E 428 -31.89 52.79 -3.06
CA VAL E 428 -30.96 52.80 -1.95
C VAL E 428 -31.12 51.56 -1.08
N PHE E 429 -32.34 51.33 -0.59
CA PHE E 429 -32.56 50.37 0.48
C PHE E 429 -32.34 48.94 0.02
N THR E 430 -32.85 48.58 -1.17
CA THR E 430 -32.71 47.22 -1.66
C THR E 430 -31.27 46.91 -2.00
N SER E 431 -30.55 47.86 -2.59
CA SER E 431 -29.16 47.63 -2.95
C SER E 431 -28.28 47.53 -1.71
N ILE E 432 -28.54 48.38 -0.71
CA ILE E 432 -27.71 48.32 0.50
C ILE E 432 -28.06 47.08 1.31
N GLY E 433 -29.29 46.60 1.21
CA GLY E 433 -29.63 45.34 1.85
C GLY E 433 -28.97 44.16 1.18
N LYS E 434 -28.88 44.21 -0.16
CA LYS E 434 -28.22 43.14 -0.89
C LYS E 434 -26.73 43.10 -0.59
N ALA E 435 -26.10 44.27 -0.51
CA ALA E 435 -24.67 44.30 -0.21
C ALA E 435 -24.40 43.89 1.24
N LEU E 436 -25.26 44.30 2.17
CA LEU E 436 -25.07 43.95 3.56
C LEU E 436 -25.28 42.47 3.79
N HIS E 437 -26.31 41.90 3.17
CA HIS E 437 -26.52 40.47 3.29
C HIS E 437 -25.51 39.68 2.50
N GLN E 438 -24.91 40.29 1.48
CA GLN E 438 -23.80 39.70 0.74
C GLN E 438 -22.61 39.47 1.65
N VAL E 439 -22.16 40.54 2.30
CA VAL E 439 -20.98 40.39 3.16
C VAL E 439 -21.32 39.58 4.42
N PHE E 440 -22.57 39.65 4.89
CA PHE E 440 -22.98 38.92 6.08
C PHE E 440 -23.05 37.42 5.81
N GLY E 441 -23.65 37.03 4.69
CA GLY E 441 -23.69 35.63 4.33
C GLY E 441 -22.35 35.12 3.84
N ALA E 442 -21.47 36.01 3.43
CA ALA E 442 -20.09 35.59 3.16
C ALA E 442 -19.38 35.24 4.45
N ILE E 443 -19.63 36.01 5.50
CA ILE E 443 -19.05 35.69 6.81
C ILE E 443 -19.69 34.43 7.39
N TYR E 444 -20.96 34.19 7.09
CA TYR E 444 -21.55 32.90 7.44
C TYR E 444 -21.56 31.96 6.25
N GLY E 445 -20.54 32.06 5.39
CA GLY E 445 -20.47 31.23 4.20
C GLY E 445 -19.90 29.86 4.50
N ALA E 446 -18.79 29.53 3.83
CA ALA E 446 -18.02 28.30 4.03
C ALA E 446 -17.71 28.12 5.52
N ALA E 447 -16.85 28.99 6.04
CA ALA E 447 -17.21 29.96 7.08
C ALA E 447 -18.44 29.54 7.88
N PHE E 448 -18.35 28.42 8.63
CA PHE E 448 -19.48 27.74 9.26
C PHE E 448 -20.46 27.27 8.20
N SER E 449 -20.05 26.27 7.43
CA SER E 449 -20.95 25.45 6.63
C SER E 449 -20.49 24.00 6.71
N GLY E 450 -21.02 23.17 5.83
CA GLY E 450 -20.62 21.78 5.80
C GLY E 450 -21.22 20.94 6.91
N VAL E 451 -22.16 21.49 7.66
CA VAL E 451 -22.73 20.82 8.82
C VAL E 451 -24.13 20.36 8.49
N SER E 452 -24.55 19.30 9.16
CA SER E 452 -25.82 18.65 8.90
C SER E 452 -26.91 19.29 9.75
N TRP E 453 -28.14 18.84 9.49
CA TRP E 453 -29.39 19.24 10.13
C TRP E 453 -29.30 19.28 11.66
N THR E 454 -29.01 18.12 12.24
CA THR E 454 -28.87 17.92 13.67
C THR E 454 -27.81 18.82 14.28
N MET E 455 -26.61 18.83 13.69
CA MET E 455 -25.53 19.60 14.29
C MET E 455 -25.75 21.08 14.12
N LYS E 456 -26.49 21.49 13.09
CA LYS E 456 -26.80 22.90 12.92
C LYS E 456 -27.81 23.36 13.97
N ILE E 457 -28.83 22.54 14.25
CA ILE E 457 -29.79 22.97 15.26
C ILE E 457 -29.18 22.88 16.66
N LEU E 458 -28.20 21.99 16.85
CA LEU E 458 -27.55 21.89 18.15
C LEU E 458 -26.58 23.05 18.37
N ILE E 459 -25.85 23.45 17.32
CA ILE E 459 -24.96 24.58 17.47
C ILE E 459 -25.78 25.86 17.60
N GLY E 460 -26.98 25.87 17.02
CA GLY E 460 -27.92 26.95 17.21
C GLY E 460 -28.38 27.08 18.65
N VAL E 461 -28.74 25.97 19.30
CA VAL E 461 -29.26 26.10 20.66
C VAL E 461 -28.13 26.41 21.64
N VAL E 462 -26.91 25.93 21.36
CA VAL E 462 -25.84 26.26 22.30
C VAL E 462 -25.40 27.72 22.13
N ILE E 463 -25.43 28.24 20.90
CA ILE E 463 -25.04 29.62 20.73
C ILE E 463 -26.17 30.55 21.18
N THR E 464 -27.41 30.08 21.15
CA THR E 464 -28.48 30.94 21.64
C THR E 464 -28.52 30.91 23.17
N TRP E 465 -28.01 29.85 23.79
CA TRP E 465 -27.90 29.86 25.24
C TRP E 465 -26.77 30.78 25.69
N ILE E 466 -25.64 30.73 24.98
CA ILE E 466 -24.52 31.58 25.37
C ILE E 466 -24.82 33.04 25.03
N GLY E 467 -25.77 33.27 24.12
CA GLY E 467 -26.28 34.62 23.97
C GLY E 467 -27.27 34.99 25.06
N MET E 468 -28.01 34.00 25.55
CA MET E 468 -28.98 34.26 26.62
C MET E 468 -28.28 34.58 27.94
N ASN E 469 -27.01 34.19 28.09
CA ASN E 469 -26.28 34.51 29.32
C ASN E 469 -25.91 35.98 29.49
N SER E 470 -26.20 36.84 28.51
CA SER E 470 -26.48 38.27 28.71
C SER E 470 -25.32 39.07 29.32
N ARG E 471 -24.25 39.24 28.55
CA ARG E 471 -23.17 40.13 28.95
C ARG E 471 -23.12 41.37 28.07
N SER E 472 -23.35 42.54 28.69
CA SER E 472 -23.01 43.86 28.16
C SER E 472 -23.73 44.19 26.84
N THR E 473 -24.91 43.61 26.63
CA THR E 473 -25.81 43.84 25.50
C THR E 473 -25.11 43.49 24.18
N SER E 474 -24.22 42.50 24.23
CA SER E 474 -23.84 41.77 23.03
C SER E 474 -24.84 40.66 22.74
N LEU E 475 -25.83 40.51 23.62
CA LEU E 475 -26.79 39.42 23.54
C LEU E 475 -27.69 39.56 22.32
N SER E 476 -27.84 40.78 21.79
CA SER E 476 -28.66 40.97 20.60
C SER E 476 -28.01 40.35 19.38
N VAL E 477 -26.85 40.89 18.97
CA VAL E 477 -26.10 40.47 17.78
C VAL E 477 -25.60 39.05 17.93
N SER E 478 -25.45 38.62 19.17
CA SER E 478 -25.46 37.22 19.59
C SER E 478 -26.91 36.74 19.46
N LEU E 479 -27.41 36.21 20.57
CA LEU E 479 -28.67 35.52 20.78
C LEU E 479 -29.81 35.72 19.80
N VAL E 480 -30.30 36.95 19.57
CA VAL E 480 -31.58 37.00 18.86
C VAL E 480 -31.36 36.88 17.36
N LEU E 481 -30.34 37.58 16.83
CA LEU E 481 -30.00 37.48 15.42
C LEU E 481 -29.52 36.08 15.07
N VAL E 482 -28.60 35.54 15.87
CA VAL E 482 -27.98 34.26 15.53
C VAL E 482 -28.98 33.12 15.76
N GLY E 483 -29.81 33.23 16.79
CA GLY E 483 -30.79 32.19 17.05
C GLY E 483 -31.87 32.13 15.99
N VAL E 484 -32.35 33.30 15.55
CA VAL E 484 -33.30 33.36 14.44
C VAL E 484 -32.71 32.77 13.18
N VAL E 485 -31.48 33.20 12.81
CA VAL E 485 -30.96 32.76 11.52
C VAL E 485 -30.59 31.27 11.56
N THR E 486 -30.09 30.78 12.70
CA THR E 486 -29.73 29.38 12.81
C THR E 486 -30.94 28.47 12.86
N LEU E 487 -31.97 28.81 13.63
CA LEU E 487 -33.12 27.93 13.71
C LEU E 487 -33.94 27.98 12.42
N TYR E 488 -34.22 29.18 11.90
CA TYR E 488 -35.03 29.30 10.69
C TYR E 488 -34.24 28.88 9.45
N LEU E 489 -32.92 28.70 9.59
CA LEU E 489 -32.18 28.07 8.52
C LEU E 489 -32.11 26.57 8.70
N GLY E 490 -31.92 26.07 9.91
CA GLY E 490 -31.75 24.67 10.15
C GLY E 490 -33.00 23.84 9.95
N VAL E 491 -34.17 24.40 10.30
CA VAL E 491 -35.37 23.60 10.10
C VAL E 491 -35.83 23.66 8.64
N MET E 492 -35.24 24.52 7.83
CA MET E 492 -35.68 24.66 6.45
C MET E 492 -34.74 23.97 5.47
N VAL E 493 -33.48 23.75 5.85
CA VAL E 493 -32.51 23.12 4.96
C VAL E 493 -32.71 21.62 4.90
N GLN E 494 -31.92 20.98 4.03
CA GLN E 494 -31.92 19.54 3.74
C GLN E 494 -33.22 19.13 3.05
N ALA E 495 -33.87 20.10 2.42
CA ALA E 495 -34.99 19.81 1.56
C ALA E 495 -34.43 19.27 0.26
N SER F 1 -14.88 4.07 3.46
CA SER F 1 -15.22 4.11 2.04
C SER F 1 -15.98 5.38 1.71
N VAL F 2 -16.99 5.24 0.87
CA VAL F 2 -17.92 6.33 0.61
C VAL F 2 -19.17 6.09 1.45
N ALA F 3 -19.01 5.28 2.50
CA ALA F 3 -20.04 5.09 3.49
C ALA F 3 -20.31 6.42 4.19
N LEU F 4 -19.28 7.26 4.31
CA LEU F 4 -19.43 8.53 4.97
C LEU F 4 -18.94 9.63 4.04
N VAL F 5 -18.74 10.81 4.62
CA VAL F 5 -18.67 12.11 3.97
C VAL F 5 -19.88 12.22 3.06
N PRO F 6 -21.10 12.28 3.61
CA PRO F 6 -22.31 12.08 2.81
C PRO F 6 -22.89 13.35 2.18
N HIS F 7 -22.01 14.23 1.70
CA HIS F 7 -22.32 15.44 0.92
C HIS F 7 -23.47 16.26 1.51
N VAL F 8 -23.29 16.79 2.71
CA VAL F 8 -24.45 17.32 3.42
C VAL F 8 -24.56 18.83 3.34
N GLY F 9 -23.63 19.55 3.94
CA GLY F 9 -23.76 20.99 4.08
C GLY F 9 -22.92 21.74 3.08
N MET F 10 -22.66 21.08 1.95
CA MET F 10 -21.80 21.60 0.90
C MET F 10 -22.36 22.86 0.26
N GLY F 11 -23.66 23.00 0.29
CA GLY F 11 -24.29 24.11 -0.39
C GLY F 11 -25.17 23.56 -1.50
N LEU F 12 -25.20 24.31 -2.60
CA LEU F 12 -25.68 23.84 -3.90
C LEU F 12 -27.14 23.44 -3.88
N GLU F 13 -27.94 23.99 -2.96
CA GLU F 13 -29.31 23.55 -2.85
C GLU F 13 -30.16 24.17 -3.96
N THR F 14 -31.43 23.81 -3.97
CA THR F 14 -32.37 24.33 -4.93
C THR F 14 -33.75 24.28 -4.29
N ARG F 15 -34.78 24.63 -5.05
CA ARG F 15 -36.13 24.55 -4.51
C ARG F 15 -36.57 23.11 -4.31
N THR F 16 -36.02 22.18 -5.08
CA THR F 16 -36.53 20.82 -5.13
C THR F 16 -35.75 19.92 -4.20
N GLU F 17 -36.38 18.80 -3.83
CA GLU F 17 -35.78 17.84 -2.92
C GLU F 17 -34.62 17.14 -3.59
N THR F 18 -33.59 16.84 -2.80
CA THR F 18 -32.33 16.55 -3.48
C THR F 18 -32.14 15.08 -3.81
N TRP F 19 -31.86 14.23 -2.84
CA TRP F 19 -31.77 12.81 -3.20
C TRP F 19 -32.62 11.90 -2.34
N MET F 20 -32.44 11.94 -1.03
CA MET F 20 -33.18 11.04 -0.15
C MET F 20 -34.46 11.65 0.38
N SER F 21 -34.63 12.96 0.21
CA SER F 21 -35.86 13.69 0.53
C SER F 21 -36.25 13.54 1.99
N SER F 22 -35.42 14.09 2.87
CA SER F 22 -35.62 14.12 4.33
C SER F 22 -35.73 12.73 4.93
N GLU F 23 -35.07 11.75 4.33
CA GLU F 23 -35.02 10.42 4.89
C GLU F 23 -33.66 10.15 5.52
N GLY F 24 -32.60 10.81 5.04
CA GLY F 24 -31.29 10.62 5.64
C GLY F 24 -31.17 11.21 7.02
N ALA F 25 -31.90 12.30 7.29
CA ALA F 25 -31.87 12.91 8.61
C ALA F 25 -32.50 12.00 9.66
N TRP F 26 -33.69 11.50 9.36
CA TRP F 26 -34.33 10.53 10.23
C TRP F 26 -33.56 9.22 10.28
N LYS F 27 -32.85 8.86 9.22
CA LYS F 27 -31.96 7.71 9.22
C LYS F 27 -30.87 7.86 10.28
N HIS F 28 -30.21 9.02 10.27
CA HIS F 28 -29.15 9.32 11.22
C HIS F 28 -29.66 9.30 12.66
N ALA F 29 -30.80 9.97 12.89
CA ALA F 29 -31.34 10.05 14.25
C ALA F 29 -31.81 8.70 14.75
N GLN F 30 -32.45 7.91 13.89
CA GLN F 30 -32.96 6.61 14.32
C GLN F 30 -31.83 5.62 14.56
N ARG F 31 -30.75 5.70 13.79
CA ARG F 31 -29.68 4.75 14.05
C ARG F 31 -28.91 5.11 15.31
N ILE F 32 -28.77 6.41 15.62
CA ILE F 32 -28.07 6.70 16.87
C ILE F 32 -28.95 6.41 18.07
N GLU F 33 -30.27 6.57 17.92
CA GLU F 33 -31.19 6.18 19.00
C GLU F 33 -31.19 4.67 19.20
N THR F 34 -31.13 3.92 18.10
CA THR F 34 -31.08 2.45 18.19
C THR F 34 -29.80 1.99 18.85
N TRP F 35 -28.68 2.63 18.51
CA TRP F 35 -27.41 2.26 19.13
C TRP F 35 -27.36 2.62 20.60
N ILE F 36 -28.01 3.71 21.00
CA ILE F 36 -28.14 4.00 22.43
C ILE F 36 -28.99 2.95 23.12
N LEU F 37 -30.06 2.51 22.45
CA LEU F 37 -30.95 1.53 23.04
C LEU F 37 -30.30 0.17 23.17
N ARG F 38 -29.36 -0.16 22.29
CA ARG F 38 -28.71 -1.46 22.40
C ARG F 38 -27.64 -1.48 23.47
N HIS F 39 -26.94 -0.37 23.69
CA HIS F 39 -25.78 -0.32 24.58
C HIS F 39 -26.02 0.67 25.70
N PRO F 40 -26.75 0.29 26.74
CA PRO F 40 -27.08 1.27 27.78
C PRO F 40 -25.91 1.58 28.70
N GLY F 41 -24.95 0.66 28.80
CA GLY F 41 -23.86 0.84 29.74
C GLY F 41 -22.95 1.99 29.37
N PHE F 42 -22.73 2.19 28.07
CA PHE F 42 -21.93 3.33 27.63
C PHE F 42 -22.67 4.62 27.85
N THR F 43 -24.01 4.59 27.77
CA THR F 43 -24.80 5.78 28.07
C THR F 43 -24.68 6.15 29.54
N ILE F 44 -24.68 5.13 30.42
CA ILE F 44 -24.52 5.38 31.84
C ILE F 44 -23.12 5.92 32.14
N MET F 45 -22.12 5.38 31.43
CA MET F 45 -20.75 5.85 31.60
C MET F 45 -20.60 7.30 31.14
N ALA F 46 -21.27 7.65 30.05
CA ALA F 46 -21.23 9.01 29.55
C ALA F 46 -21.94 9.96 30.50
N ALA F 47 -23.02 9.49 31.12
CA ALA F 47 -23.73 10.31 32.09
C ALA F 47 -22.89 10.56 33.34
N ILE F 48 -22.14 9.54 33.77
CA ILE F 48 -21.26 9.70 34.92
C ILE F 48 -20.13 10.67 34.60
N LEU F 49 -19.57 10.57 33.39
CA LEU F 49 -18.52 11.50 32.98
C LEU F 49 -19.04 12.93 32.86
N ALA F 50 -20.28 13.07 32.40
CA ALA F 50 -20.90 14.39 32.31
C ALA F 50 -21.13 14.97 33.69
N TYR F 51 -21.50 14.13 34.66
CA TYR F 51 -21.66 14.61 36.02
C TYR F 51 -20.33 14.93 36.69
N THR F 52 -19.24 14.27 36.28
CA THR F 52 -17.97 14.52 36.95
C THR F 52 -17.23 15.71 36.40
N ILE F 53 -17.08 15.80 35.08
CA ILE F 53 -16.32 16.89 34.48
C ILE F 53 -17.32 17.93 34.00
N GLY F 54 -16.90 19.20 33.95
CA GLY F 54 -17.87 20.24 33.70
C GLY F 54 -18.44 20.83 34.98
N THR F 55 -19.52 20.22 35.46
CA THR F 55 -20.26 20.40 36.72
C THR F 55 -21.14 21.64 36.73
N THR F 56 -21.04 22.51 35.73
CA THR F 56 -22.16 23.41 35.49
C THR F 56 -23.13 22.71 34.54
N TYR F 57 -24.42 22.83 34.83
CA TYR F 57 -25.47 21.97 34.29
C TYR F 57 -25.55 21.98 32.77
N PHE F 58 -25.35 23.15 32.18
CA PHE F 58 -25.40 23.28 30.73
C PHE F 58 -24.24 22.55 30.08
N GLN F 59 -23.06 22.64 30.69
CA GLN F 59 -21.88 21.94 30.20
C GLN F 59 -22.08 20.43 30.29
N ARG F 60 -22.73 19.99 31.37
CA ARG F 60 -23.04 18.58 31.58
C ARG F 60 -23.93 18.06 30.46
N VAL F 61 -25.01 18.78 30.16
CA VAL F 61 -25.96 18.35 29.13
C VAL F 61 -25.29 18.34 27.76
N LEU F 62 -24.47 19.36 27.49
CA LEU F 62 -23.74 19.45 26.24
C LEU F 62 -22.81 18.27 26.02
N ILE F 63 -21.97 17.96 27.01
CA ILE F 63 -21.01 16.89 26.75
C ILE F 63 -21.68 15.53 26.84
N PHE F 64 -22.84 15.44 27.50
CA PHE F 64 -23.55 14.17 27.48
C PHE F 64 -24.14 13.89 26.11
N ILE F 65 -24.77 14.90 25.50
CA ILE F 65 -25.35 14.65 24.18
C ILE F 65 -24.25 14.48 23.14
N LEU F 66 -23.08 15.08 23.37
CA LEU F 66 -21.95 14.85 22.49
C LEU F 66 -21.41 13.44 22.61
N LEU F 67 -21.19 12.95 23.84
CA LEU F 67 -20.73 11.57 24.00
C LEU F 67 -21.78 10.53 23.63
N THR F 68 -23.04 10.91 23.52
CA THR F 68 -23.95 10.01 22.83
C THR F 68 -23.72 10.07 21.33
N ALA F 69 -23.31 11.23 20.82
CA ALA F 69 -23.14 11.35 19.37
C ALA F 69 -21.72 11.04 18.90
N VAL F 70 -20.80 10.65 19.79
CA VAL F 70 -19.43 10.41 19.32
C VAL F 70 -19.27 9.08 18.64
N THR F 71 -20.29 8.23 18.65
CA THR F 71 -20.17 6.92 18.03
C THR F 71 -20.04 7.04 16.51
N PRO F 72 -19.20 6.23 15.87
CA PRO F 72 -19.04 6.28 14.42
C PRO F 72 -20.20 5.61 13.69
N MET G 1 7.42 -29.76 17.81
CA MET G 1 7.33 -29.96 16.37
C MET G 1 5.91 -29.71 15.91
N ARG G 2 5.76 -29.39 14.61
CA ARG G 2 4.60 -28.73 14.00
C ARG G 2 4.29 -27.40 14.66
N CYS G 3 5.25 -26.84 15.39
CA CYS G 3 5.02 -25.71 16.27
C CYS G 3 6.20 -24.76 16.31
N ILE G 4 7.13 -24.88 15.37
CA ILE G 4 8.30 -24.02 15.41
C ILE G 4 8.10 -22.87 14.45
N GLY G 5 8.40 -21.66 14.89
CA GLY G 5 8.28 -20.50 14.07
C GLY G 5 6.86 -20.03 13.85
N ILE G 6 5.92 -20.50 14.68
CA ILE G 6 4.52 -20.11 14.59
C ILE G 6 4.17 -19.15 15.71
N SER G 7 5.14 -18.29 16.05
CA SER G 7 5.40 -17.51 17.27
C SER G 7 4.13 -16.80 17.75
N ASN G 8 4.14 -16.47 19.06
CA ASN G 8 3.11 -16.43 20.10
C ASN G 8 2.75 -17.81 20.65
N ARG G 9 3.76 -18.63 20.97
CA ARG G 9 3.53 -20.00 21.41
C ARG G 9 3.85 -20.20 22.90
N ASP G 10 2.92 -19.82 23.76
CA ASP G 10 2.34 -20.67 24.81
C ASP G 10 3.18 -21.82 25.38
N PHE G 11 4.26 -21.52 26.07
CA PHE G 11 4.95 -22.52 26.88
C PHE G 11 4.19 -22.78 28.17
N VAL G 12 4.10 -24.04 28.57
CA VAL G 12 3.36 -24.46 29.75
C VAL G 12 4.28 -25.34 30.61
N GLU G 13 4.47 -24.96 31.86
CA GLU G 13 5.26 -25.73 32.81
C GLU G 13 4.35 -26.30 33.88
N GLY G 14 4.73 -27.44 34.44
CA GLY G 14 4.03 -27.96 35.60
C GLY G 14 2.91 -28.92 35.25
N VAL G 15 2.79 -30.01 36.01
CA VAL G 15 1.81 -31.04 35.73
C VAL G 15 1.08 -31.41 37.03
N SER G 16 1.52 -30.78 38.12
CA SER G 16 1.19 -31.10 39.52
C SER G 16 -0.33 -31.07 39.75
N GLY G 17 -0.79 -31.78 40.76
CA GLY G 17 -2.21 -32.07 40.90
C GLY G 17 -2.41 -33.48 40.40
N GLY G 18 -1.31 -34.20 40.29
CA GLY G 18 -1.31 -35.51 39.67
C GLY G 18 -1.00 -35.48 38.19
N SER G 19 -1.98 -35.16 37.35
CA SER G 19 -1.66 -35.05 35.92
C SER G 19 -2.35 -33.91 35.20
N TRP G 20 -3.35 -33.30 35.82
CA TRP G 20 -4.21 -32.39 35.07
C TRP G 20 -3.52 -31.04 34.91
N VAL G 21 -3.49 -30.57 33.66
CA VAL G 21 -3.01 -29.24 33.31
C VAL G 21 -4.11 -28.58 32.49
N ASP G 22 -4.42 -27.33 32.80
CA ASP G 22 -5.45 -26.62 32.07
C ASP G 22 -4.81 -25.83 30.95
N ILE G 23 -5.25 -26.07 29.72
CA ILE G 23 -4.70 -25.42 28.53
C ILE G 23 -5.85 -24.74 27.81
N VAL G 24 -5.63 -23.50 27.40
CA VAL G 24 -6.56 -22.80 26.51
C VAL G 24 -5.85 -22.61 25.19
N LEU G 25 -6.41 -23.17 24.12
CA LEU G 25 -5.73 -23.14 22.83
C LEU G 25 -6.68 -22.64 21.77
N GLU G 26 -6.12 -22.01 20.75
CA GLU G 26 -6.92 -21.39 19.70
C GLU G 26 -6.29 -21.65 18.35
N HIS G 27 -6.99 -21.24 17.29
CA HIS G 27 -6.58 -21.52 15.91
C HIS G 27 -5.28 -20.84 15.55
N GLY G 28 -5.07 -19.64 16.07
CA GLY G 28 -3.88 -18.88 15.73
C GLY G 28 -2.60 -19.46 16.29
N SER G 29 -2.56 -19.68 17.59
CA SER G 29 -1.34 -20.15 18.22
C SER G 29 -1.41 -21.65 18.46
N CYS G 30 -0.45 -22.16 19.22
CA CYS G 30 -0.41 -23.55 19.63
C CYS G 30 0.33 -23.58 20.95
N VAL G 31 0.26 -24.72 21.62
CA VAL G 31 0.69 -24.82 23.02
C VAL G 31 1.72 -25.93 23.15
N THR G 32 2.85 -25.63 23.79
CA THR G 32 3.86 -26.63 24.09
C THR G 32 3.91 -26.83 25.59
N THR G 33 3.76 -28.07 26.05
CA THR G 33 3.69 -28.40 27.46
C THR G 33 4.93 -29.13 27.90
N MET G 34 5.20 -29.07 29.21
CA MET G 34 6.38 -29.66 29.81
C MET G 34 6.04 -30.23 31.18
N ALA G 35 6.82 -31.23 31.59
CA ALA G 35 6.74 -31.77 32.93
C ALA G 35 8.09 -32.38 33.27
N LYS G 36 8.22 -32.85 34.52
CA LYS G 36 9.47 -33.44 34.97
C LYS G 36 9.72 -34.81 34.35
N ASN G 37 8.68 -35.45 33.84
CA ASN G 37 8.75 -36.62 32.99
C ASN G 37 7.73 -36.37 31.89
N LYS G 38 7.30 -37.45 31.21
CA LYS G 38 6.11 -37.46 30.37
C LYS G 38 6.24 -36.49 29.21
N PRO G 39 6.93 -36.89 28.14
CA PRO G 39 7.67 -35.94 27.29
C PRO G 39 6.78 -34.93 26.57
N THR G 40 7.44 -33.88 26.09
CA THR G 40 6.77 -32.64 25.72
C THR G 40 5.86 -32.82 24.51
N LEU G 41 4.61 -32.45 24.70
CA LEU G 41 3.61 -32.56 23.65
C LEU G 41 3.32 -31.19 23.08
N ASP G 42 2.85 -31.18 21.83
CA ASP G 42 2.52 -29.96 21.12
C ASP G 42 1.08 -29.97 20.69
N PHE G 43 0.34 -28.95 21.09
CA PHE G 43 -1.10 -28.89 20.89
C PHE G 43 -1.41 -27.80 19.88
N GLU G 44 -1.56 -28.18 18.62
CA GLU G 44 -1.96 -27.26 17.58
C GLU G 44 -3.44 -27.48 17.30
N LEU G 45 -4.18 -26.39 17.21
CA LEU G 45 -5.59 -26.44 16.85
C LEU G 45 -5.72 -26.24 15.35
N ILE G 46 -6.53 -27.07 14.72
CA ILE G 46 -6.87 -26.90 13.31
C ILE G 46 -8.38 -26.85 13.26
N LYS G 47 -8.93 -26.93 12.03
CA LYS G 47 -10.27 -26.48 11.67
C LYS G 47 -11.39 -26.92 12.61
N THR G 48 -12.35 -26.02 12.79
CA THR G 48 -13.60 -26.30 13.48
C THR G 48 -14.65 -26.56 12.41
N GLU G 49 -15.56 -27.48 12.65
CA GLU G 49 -16.59 -27.78 11.65
C GLU G 49 -17.93 -27.87 12.34
N ALA G 50 -18.78 -26.88 12.11
CA ALA G 50 -20.16 -26.92 12.58
C ALA G 50 -21.00 -27.59 11.49
N LYS G 51 -21.53 -28.76 11.78
CA LYS G 51 -22.03 -29.64 10.73
C LYS G 51 -23.39 -29.22 10.19
N HIS G 52 -24.35 -28.99 11.08
CA HIS G 52 -25.73 -28.79 10.65
C HIS G 52 -26.19 -27.38 11.02
N PRO G 53 -26.15 -26.43 10.09
CA PRO G 53 -26.69 -25.11 10.40
C PRO G 53 -28.16 -25.03 10.08
N ALA G 54 -28.79 -23.93 10.45
CA ALA G 54 -30.19 -23.69 10.12
C ALA G 54 -30.33 -22.24 9.69
N THR G 55 -30.99 -22.03 8.55
CA THR G 55 -30.99 -20.72 7.89
C THR G 55 -31.94 -19.76 8.59
N LEU G 56 -31.39 -18.73 9.20
CA LEU G 56 -32.18 -17.62 9.74
C LEU G 56 -31.59 -16.34 9.18
N ARG G 57 -31.91 -16.03 7.93
CA ARG G 57 -32.53 -14.80 7.41
C ARG G 57 -32.15 -14.73 5.95
N LYS G 58 -32.88 -13.95 5.17
CA LYS G 58 -32.39 -13.55 3.87
C LYS G 58 -32.50 -12.05 3.75
N TYR G 59 -31.37 -11.40 3.50
CA TYR G 59 -31.32 -10.00 3.16
C TYR G 59 -31.05 -9.88 1.67
N CYS G 60 -31.81 -9.04 0.99
CA CYS G 60 -31.56 -8.76 -0.40
C CYS G 60 -30.53 -7.64 -0.49
N VAL G 61 -29.62 -7.75 -1.44
CA VAL G 61 -28.58 -6.74 -1.61
C VAL G 61 -28.79 -5.93 -2.87
N GLU G 62 -29.16 -6.55 -3.97
CA GLU G 62 -29.49 -5.83 -5.18
C GLU G 62 -30.92 -6.21 -5.56
N ALA G 63 -31.66 -5.25 -6.08
CA ALA G 63 -33.05 -5.48 -6.43
C ALA G 63 -33.35 -4.78 -7.72
N LYS G 64 -34.43 -5.19 -8.39
CA LYS G 64 -34.88 -4.50 -9.58
C LYS G 64 -36.38 -4.32 -9.48
N LEU G 65 -36.91 -3.41 -10.27
CA LEU G 65 -38.30 -3.05 -10.22
C LEU G 65 -38.96 -3.27 -11.58
N THR G 66 -40.26 -3.54 -11.55
CA THR G 66 -41.02 -3.73 -12.78
C THR G 66 -42.49 -3.42 -12.49
N ASN G 67 -43.23 -3.19 -13.58
CA ASN G 67 -44.67 -3.05 -13.73
C ASN G 67 -45.24 -1.75 -13.17
N THR G 68 -44.47 -1.03 -12.35
CA THR G 68 -44.44 0.42 -12.11
C THR G 68 -45.79 1.14 -12.18
N THR G 69 -46.76 0.73 -11.38
CA THR G 69 -48.05 1.40 -11.43
C THR G 69 -48.10 2.53 -10.42
N THR G 70 -48.97 3.50 -10.69
CA THR G 70 -49.16 4.66 -9.84
C THR G 70 -50.51 5.28 -10.13
N ALA G 71 -51.00 6.08 -9.19
CA ALA G 71 -52.36 6.60 -9.26
C ALA G 71 -52.52 7.79 -8.33
N SER G 72 -53.47 8.66 -8.69
CA SER G 72 -53.81 9.79 -7.84
C SER G 72 -55.30 10.06 -8.01
N ARG G 73 -55.97 10.40 -6.91
CA ARG G 73 -57.40 10.58 -7.02
C ARG G 73 -57.80 11.98 -7.47
N CYS G 74 -57.67 12.98 -6.59
CA CYS G 74 -58.40 14.23 -6.75
C CYS G 74 -57.99 15.14 -5.60
N PRO G 75 -58.19 16.45 -5.70
CA PRO G 75 -57.88 17.33 -4.59
C PRO G 75 -58.82 17.22 -3.41
N THR G 76 -58.45 16.37 -2.45
CA THR G 76 -58.96 16.22 -1.09
C THR G 76 -60.28 15.46 -1.03
N GLN G 77 -60.86 15.13 -2.16
CA GLN G 77 -61.79 14.02 -2.15
C GLN G 77 -61.06 12.77 -2.63
N GLY G 78 -61.11 11.73 -1.82
CA GLY G 78 -60.37 10.57 -2.25
C GLY G 78 -58.91 10.62 -1.84
N GLU G 79 -58.45 9.54 -1.24
CA GLU G 79 -57.04 9.24 -1.16
C GLU G 79 -56.84 8.02 -2.01
N PRO G 80 -55.80 7.94 -2.84
CA PRO G 80 -55.84 7.07 -4.00
C PRO G 80 -55.64 5.61 -3.62
N SER G 81 -56.26 4.75 -4.41
CA SER G 81 -56.12 3.32 -4.21
C SER G 81 -55.71 2.69 -5.52
N LEU G 82 -55.16 1.50 -5.42
CA LEU G 82 -54.66 0.81 -6.59
C LEU G 82 -54.74 -0.69 -6.29
N ASN G 83 -55.19 -1.46 -7.27
CA ASN G 83 -55.52 -2.86 -7.00
C ASN G 83 -54.27 -3.70 -6.81
N GLU G 84 -53.13 -3.24 -7.29
CA GLU G 84 -51.88 -3.97 -7.10
C GLU G 84 -51.14 -3.52 -5.86
N GLU G 85 -51.79 -2.75 -4.98
CA GLU G 85 -51.33 -2.57 -3.62
C GLU G 85 -51.70 -3.78 -2.76
N GLN G 86 -52.50 -4.70 -3.31
CA GLN G 86 -53.00 -5.85 -2.58
C GLN G 86 -51.88 -6.81 -2.20
N ASP G 87 -50.88 -6.97 -3.06
CA ASP G 87 -49.77 -7.84 -2.77
C ASP G 87 -48.75 -7.08 -1.95
N LYS G 88 -48.17 -7.72 -0.94
CA LYS G 88 -47.04 -7.11 -0.25
C LYS G 88 -45.76 -7.25 -1.06
N ARG G 89 -45.78 -8.06 -2.12
CA ARG G 89 -44.65 -8.12 -3.05
C ARG G 89 -44.41 -6.78 -3.72
N PHE G 90 -45.47 -6.03 -3.98
CA PHE G 90 -45.33 -4.66 -4.44
C PHE G 90 -44.95 -3.74 -3.28
N VAL G 91 -44.09 -2.78 -3.57
CA VAL G 91 -43.78 -1.70 -2.67
C VAL G 91 -44.62 -0.50 -3.08
N CYS G 92 -45.14 0.22 -2.07
CA CYS G 92 -46.13 1.25 -2.28
C CYS G 92 -45.83 2.45 -1.39
N LYS G 93 -46.16 3.63 -1.88
CA LYS G 93 -46.06 4.83 -1.04
C LYS G 93 -47.07 5.87 -1.47
N HIS G 94 -47.69 6.49 -0.47
CA HIS G 94 -48.54 7.66 -0.63
C HIS G 94 -47.70 8.91 -0.58
N SER G 95 -48.13 9.93 -1.32
CA SER G 95 -47.54 11.25 -1.30
C SER G 95 -48.63 12.24 -1.68
N MET G 96 -48.28 13.53 -1.73
CA MET G 96 -49.22 14.55 -2.13
C MET G 96 -48.54 15.43 -3.15
N VAL G 97 -49.19 15.69 -4.29
CA VAL G 97 -48.45 16.41 -5.31
C VAL G 97 -49.00 17.82 -5.60
N ASP G 98 -50.01 17.91 -6.46
CA ASP G 98 -50.88 19.06 -6.76
C ASP G 98 -51.80 18.61 -7.88
N ARG G 99 -52.96 19.22 -8.02
CA ARG G 99 -53.85 18.91 -9.11
C ARG G 99 -54.68 20.15 -9.44
N GLY G 100 -54.98 20.30 -10.72
CA GLY G 100 -55.81 21.40 -11.16
C GLY G 100 -56.43 21.08 -12.51
N TRP G 101 -57.02 22.12 -13.12
CA TRP G 101 -57.70 21.92 -14.40
C TRP G 101 -56.72 21.70 -15.55
N GLY G 102 -55.46 22.03 -15.34
CA GLY G 102 -54.44 21.64 -16.30
C GLY G 102 -54.27 20.14 -16.24
N ASN G 103 -54.20 19.60 -15.03
CA ASN G 103 -54.21 18.16 -14.85
C ASN G 103 -55.58 17.58 -15.19
N GLY G 104 -56.62 18.39 -15.07
CA GLY G 104 -57.92 18.03 -15.59
C GLY G 104 -59.02 17.92 -14.57
N CYS G 105 -58.69 17.61 -13.33
CA CYS G 105 -59.68 17.21 -12.35
C CYS G 105 -60.62 18.34 -11.91
N GLY G 106 -60.07 19.34 -11.25
CA GLY G 106 -60.90 20.38 -10.68
C GLY G 106 -60.50 20.67 -9.26
N LEU G 107 -61.01 21.80 -8.74
CA LEU G 107 -61.00 22.23 -7.33
C LEU G 107 -59.62 22.70 -6.85
N PHE G 108 -58.57 22.49 -7.68
CA PHE G 108 -57.25 23.11 -7.56
C PHE G 108 -56.59 22.91 -6.19
N GLY G 109 -56.23 21.67 -5.90
CA GLY G 109 -55.71 21.44 -4.56
C GLY G 109 -54.37 20.76 -4.61
N LYS G 110 -53.93 20.31 -3.45
CA LYS G 110 -52.76 19.46 -3.34
C LYS G 110 -53.23 18.05 -3.07
N GLY G 111 -53.58 17.33 -4.12
CA GLY G 111 -54.18 16.02 -4.00
C GLY G 111 -53.18 14.91 -3.82
N GLY G 112 -53.63 13.84 -3.17
CA GLY G 112 -52.78 12.71 -2.89
C GLY G 112 -52.49 11.89 -4.13
N ILE G 113 -51.50 11.00 -4.00
CA ILE G 113 -50.99 10.20 -5.10
C ILE G 113 -50.36 8.97 -4.48
N VAL G 114 -50.37 7.85 -5.21
CA VAL G 114 -49.67 6.65 -4.78
C VAL G 114 -48.66 6.28 -5.85
N THR G 115 -47.74 5.41 -5.46
CA THR G 115 -46.89 4.75 -6.45
C THR G 115 -46.59 3.34 -5.96
N CYS G 116 -46.35 2.46 -6.93
CA CYS G 116 -46.26 1.02 -6.69
C CYS G 116 -45.21 0.43 -7.62
N ALA G 117 -44.55 -0.62 -7.15
CA ALA G 117 -43.54 -1.29 -7.95
C ALA G 117 -43.35 -2.72 -7.47
N MET G 118 -43.23 -3.64 -8.44
CA MET G 118 -42.95 -5.03 -8.11
C MET G 118 -41.48 -5.21 -7.76
N PHE G 119 -41.22 -6.04 -6.75
CA PHE G 119 -39.91 -6.12 -6.13
C PHE G 119 -39.29 -7.48 -6.42
N THR G 120 -38.25 -7.51 -7.25
CA THR G 120 -37.56 -8.73 -7.59
C THR G 120 -36.14 -8.60 -7.05
N CYS G 121 -35.52 -9.72 -6.68
CA CYS G 121 -34.31 -9.70 -5.87
C CYS G 121 -33.15 -10.36 -6.60
N LYS G 122 -31.97 -9.78 -6.47
CA LYS G 122 -30.72 -10.40 -6.90
C LYS G 122 -30.12 -11.16 -5.73
N LYS G 123 -28.83 -11.47 -5.83
CA LYS G 123 -28.09 -12.28 -4.87
C LYS G 123 -28.14 -11.72 -3.45
N ASN G 124 -28.13 -12.62 -2.47
CA ASN G 124 -28.62 -12.33 -1.14
C ASN G 124 -27.58 -12.67 -0.09
N MET G 125 -27.83 -12.23 1.14
CA MET G 125 -27.14 -12.71 2.32
C MET G 125 -27.92 -13.88 2.89
N GLU G 126 -27.25 -15.01 3.06
CA GLU G 126 -27.93 -16.24 3.43
C GLU G 126 -27.71 -16.65 4.88
N GLY G 127 -27.75 -15.69 5.81
CA GLY G 127 -27.44 -15.87 7.22
C GLY G 127 -28.00 -17.10 7.93
N LYS G 128 -27.12 -17.84 8.60
CA LYS G 128 -27.45 -19.09 9.24
C LYS G 128 -27.00 -19.05 10.70
N VAL G 129 -27.57 -19.94 11.51
CA VAL G 129 -27.16 -20.11 12.89
C VAL G 129 -26.81 -21.57 13.11
N VAL G 130 -26.06 -21.82 14.18
CA VAL G 130 -25.71 -23.17 14.59
C VAL G 130 -25.97 -23.31 16.09
N GLN G 131 -26.42 -24.46 16.50
CA GLN G 131 -26.60 -24.76 17.89
C GLN G 131 -25.24 -25.08 18.50
N PRO G 132 -25.11 -25.10 19.83
CA PRO G 132 -23.84 -25.58 20.42
C PRO G 132 -23.75 -27.09 20.52
N GLU G 133 -24.22 -27.77 19.49
CA GLU G 133 -23.86 -29.13 19.15
C GLU G 133 -23.63 -29.11 17.66
N ASN G 134 -23.54 -30.30 17.07
CA ASN G 134 -23.29 -30.51 15.64
C ASN G 134 -22.02 -29.81 15.19
N LEU G 135 -21.04 -29.72 16.07
CA LEU G 135 -19.82 -28.99 15.78
C LEU G 135 -18.67 -29.76 16.42
N GLU G 136 -17.57 -29.85 15.68
CA GLU G 136 -16.42 -30.58 16.17
C GLU G 136 -15.19 -29.71 16.05
N TYR G 137 -14.33 -29.83 17.04
CA TYR G 137 -13.00 -29.27 16.97
C TYR G 137 -12.03 -30.40 16.66
N THR G 138 -11.12 -30.15 15.72
CA THR G 138 -10.10 -31.12 15.40
C THR G 138 -8.79 -30.62 15.98
N ILE G 139 -8.18 -31.43 16.83
CA ILE G 139 -6.90 -31.06 17.42
C ILE G 139 -5.86 -32.09 17.00
N VAL G 140 -4.78 -31.60 16.43
CA VAL G 140 -3.59 -32.41 16.25
C VAL G 140 -2.71 -32.24 17.47
N ILE G 141 -2.41 -33.35 18.12
CA ILE G 141 -1.49 -33.35 19.25
C ILE G 141 -0.24 -34.06 18.75
N THR G 142 0.88 -33.37 18.83
CA THR G 142 2.01 -34.09 18.26
C THR G 142 3.20 -34.08 19.20
N PRO G 143 3.95 -35.17 19.26
CA PRO G 143 5.08 -35.22 20.17
C PRO G 143 6.36 -34.77 19.50
N HIS G 144 7.33 -34.44 20.34
CA HIS G 144 8.70 -34.14 19.94
C HIS G 144 9.50 -35.39 19.67
N SER G 145 10.81 -35.29 19.88
CA SER G 145 11.78 -36.38 19.87
C SER G 145 11.97 -36.99 18.50
N GLY G 146 12.51 -36.20 17.59
CA GLY G 146 13.12 -36.79 16.43
C GLY G 146 12.20 -36.76 15.25
N GLU G 147 12.35 -37.79 14.39
CA GLU G 147 11.57 -37.98 13.18
C GLU G 147 11.71 -36.78 12.26
N GLU G 148 12.83 -36.68 11.53
CA GLU G 148 12.97 -35.67 10.50
C GLU G 148 11.94 -35.92 9.39
N ASN G 149 11.95 -35.07 8.36
CA ASN G 149 10.79 -34.39 7.80
C ASN G 149 10.24 -33.41 8.82
N ALA G 150 10.98 -32.31 9.01
CA ALA G 150 10.34 -31.02 9.22
C ALA G 150 9.63 -30.80 10.54
N VAL G 151 10.33 -30.19 11.49
CA VAL G 151 9.71 -29.60 12.68
C VAL G 151 8.48 -28.70 12.43
N GLY G 152 8.25 -28.26 11.20
CA GLY G 152 6.96 -27.75 10.78
C GLY G 152 6.06 -28.87 10.26
N ASN G 153 5.65 -28.74 8.99
CA ASN G 153 4.70 -29.55 8.20
C ASN G 153 3.53 -30.13 9.01
N ASP G 154 2.60 -29.27 9.41
CA ASP G 154 1.34 -29.74 9.98
C ASP G 154 0.59 -30.72 9.07
N THR G 155 0.77 -30.61 7.75
CA THR G 155 0.39 -31.70 6.86
C THR G 155 1.34 -32.87 7.05
N GLY G 156 0.77 -34.04 7.27
CA GLY G 156 1.57 -35.23 7.51
C GLY G 156 1.12 -35.99 8.74
N LYS G 157 1.36 -37.30 8.74
CA LYS G 157 0.82 -38.19 9.76
C LYS G 157 1.91 -38.55 10.75
N HIS G 158 2.11 -37.69 11.75
CA HIS G 158 2.93 -38.03 12.90
C HIS G 158 2.15 -37.72 14.16
N GLY G 159 1.42 -36.61 14.14
CA GLY G 159 0.53 -36.27 15.22
C GLY G 159 -0.88 -36.70 14.92
N LYS G 160 -1.57 -37.28 15.90
CA LYS G 160 -2.92 -37.77 15.66
C LYS G 160 -3.93 -36.64 15.58
N GLU G 161 -4.96 -36.85 14.78
CA GLU G 161 -5.89 -35.80 14.37
C GLU G 161 -7.19 -35.79 15.15
N ILE G 162 -7.15 -35.92 16.47
CA ILE G 162 -8.31 -36.33 17.26
C ILE G 162 -9.45 -35.31 17.24
N LYS G 163 -10.66 -35.81 17.03
CA LYS G 163 -11.85 -34.98 17.04
C LYS G 163 -12.37 -34.81 18.46
N VAL G 164 -13.18 -33.77 18.66
CA VAL G 164 -13.89 -33.61 19.91
C VAL G 164 -15.18 -32.84 19.62
N THR G 165 -16.26 -33.23 20.30
CA THR G 165 -17.54 -32.58 20.16
C THR G 165 -18.14 -32.45 21.55
N PRO G 166 -19.04 -31.49 21.78
CA PRO G 166 -19.75 -31.46 23.07
C PRO G 166 -20.66 -32.64 23.32
N GLN G 167 -20.93 -33.48 22.31
CA GLN G 167 -21.57 -34.76 22.58
C GLN G 167 -20.57 -35.80 23.03
N SER G 168 -19.30 -35.44 23.16
CA SER G 168 -18.24 -36.34 23.58
C SER G 168 -17.63 -35.83 24.88
N SER G 169 -16.49 -36.40 25.21
CA SER G 169 -16.05 -36.59 26.58
C SER G 169 -14.53 -36.53 26.62
N ILE G 170 -13.96 -37.29 27.54
CA ILE G 170 -12.58 -37.28 28.02
C ILE G 170 -11.47 -37.38 26.96
N THR G 171 -11.83 -37.60 25.69
CA THR G 171 -11.01 -37.55 24.49
C THR G 171 -9.73 -38.39 24.59
N GLU G 172 -9.88 -39.70 24.60
CA GLU G 172 -8.74 -40.60 24.65
C GLU G 172 -8.04 -40.61 23.30
N ALA G 173 -6.74 -40.33 23.29
CA ALA G 173 -5.95 -40.38 22.07
C ALA G 173 -4.74 -41.26 22.30
N GLU G 174 -4.35 -41.97 21.23
CA GLU G 174 -3.22 -42.89 21.28
C GLU G 174 -2.14 -42.40 20.34
N LEU G 175 -0.89 -42.62 20.71
CA LEU G 175 0.23 -42.29 19.85
C LEU G 175 1.08 -43.54 19.65
N THR G 176 2.25 -43.34 19.07
CA THR G 176 3.19 -44.44 18.96
C THR G 176 3.72 -44.81 20.33
N GLY G 177 3.27 -45.96 20.83
CA GLY G 177 3.68 -46.39 22.14
C GLY G 177 3.07 -45.57 23.26
N TYR G 178 3.91 -44.71 23.82
CA TYR G 178 3.70 -44.00 25.07
C TYR G 178 2.48 -43.09 25.13
N GLY G 179 2.01 -42.61 23.99
CA GLY G 179 1.12 -41.48 24.00
C GLY G 179 -0.36 -41.70 24.24
N THR G 180 -0.73 -42.41 25.29
CA THR G 180 -2.13 -42.42 25.69
C THR G 180 -2.44 -41.15 26.47
N VAL G 181 -3.08 -40.19 25.82
CA VAL G 181 -3.31 -38.88 26.41
C VAL G 181 -4.81 -38.64 26.46
N THR G 182 -5.32 -38.20 27.62
CA THR G 182 -6.75 -37.95 27.71
C THR G 182 -6.98 -36.45 27.79
N MET G 183 -7.86 -35.96 26.93
CA MET G 183 -8.19 -34.55 26.83
C MET G 183 -9.67 -34.36 27.11
N GLU G 184 -9.97 -33.48 28.06
CA GLU G 184 -11.33 -33.20 28.46
C GLU G 184 -11.64 -31.78 28.05
N CYS G 185 -12.26 -31.63 26.89
CA CYS G 185 -12.54 -30.30 26.38
C CYS G 185 -13.81 -29.76 27.02
N SER G 186 -13.92 -28.44 27.09
CA SER G 186 -15.17 -27.78 27.48
C SER G 186 -15.58 -26.84 26.37
N PRO G 187 -16.14 -27.37 25.29
CA PRO G 187 -16.43 -26.51 24.13
C PRO G 187 -17.58 -25.55 24.34
N ARG G 188 -18.39 -25.75 25.38
CA ARG G 188 -19.51 -24.85 25.59
C ARG G 188 -19.08 -23.53 26.21
N THR G 189 -17.90 -23.48 26.82
CA THR G 189 -17.33 -22.23 27.29
C THR G 189 -16.43 -21.58 26.25
N GLY G 190 -16.61 -21.92 24.98
CA GLY G 190 -15.77 -21.41 23.93
C GLY G 190 -16.29 -20.12 23.36
N LEU G 191 -16.70 -20.14 22.09
CA LEU G 191 -17.20 -18.95 21.43
C LEU G 191 -18.54 -18.48 21.96
N ASP G 192 -19.24 -19.29 22.76
CA ASP G 192 -20.59 -19.01 23.29
C ASP G 192 -21.58 -18.80 22.15
N PHE G 193 -21.84 -19.90 21.45
CA PHE G 193 -22.87 -19.93 20.42
C PHE G 193 -24.26 -19.76 21.03
N ASN G 194 -25.26 -19.66 20.13
CA ASN G 194 -26.59 -19.08 20.28
C ASN G 194 -26.50 -17.57 20.45
N GLU G 195 -25.31 -17.02 20.22
CA GLU G 195 -25.08 -15.60 20.04
C GLU G 195 -24.33 -15.34 18.76
N MET G 196 -24.27 -16.32 17.86
CA MET G 196 -23.51 -16.23 16.64
C MET G 196 -24.43 -16.35 15.44
N VAL G 197 -24.01 -15.70 14.36
CA VAL G 197 -24.65 -15.83 13.06
C VAL G 197 -23.54 -15.94 12.04
N LEU G 198 -23.52 -17.05 11.32
CA LEU G 198 -22.67 -17.20 10.15
C LEU G 198 -23.39 -16.49 9.03
N LEU G 199 -22.65 -15.74 8.23
CA LEU G 199 -23.24 -14.84 7.24
C LEU G 199 -22.57 -15.09 5.90
N GLN G 200 -23.32 -15.64 4.95
CA GLN G 200 -22.76 -16.02 3.67
C GLN G 200 -23.19 -15.03 2.61
N MET G 201 -22.22 -14.40 1.98
CA MET G 201 -22.39 -13.61 0.77
C MET G 201 -22.13 -14.56 -0.41
N GLU G 202 -21.86 -14.02 -1.59
CA GLU G 202 -21.68 -14.80 -2.81
C GLU G 202 -20.58 -15.84 -2.70
N ASN G 203 -19.50 -15.53 -2.01
CA ASN G 203 -18.41 -16.49 -1.92
C ASN G 203 -17.90 -16.62 -0.49
N LYS G 204 -18.08 -15.59 0.31
CA LYS G 204 -17.42 -15.52 1.60
C LYS G 204 -18.42 -15.68 2.74
N ALA G 205 -17.91 -15.75 3.96
CA ALA G 205 -18.80 -15.76 5.10
C ALA G 205 -18.13 -15.03 6.25
N TRP G 206 -18.94 -14.62 7.21
CA TRP G 206 -18.42 -13.88 8.35
C TRP G 206 -19.13 -14.38 9.60
N LEU G 207 -18.53 -14.11 10.74
CA LEU G 207 -19.11 -14.53 12.01
C LEU G 207 -19.47 -13.29 12.79
N VAL G 208 -20.75 -12.93 12.80
CA VAL G 208 -21.19 -11.72 13.48
C VAL G 208 -22.22 -12.09 14.53
N HIS G 209 -22.32 -11.30 15.59
CA HIS G 209 -23.20 -11.71 16.64
C HIS G 209 -24.63 -11.35 16.31
N ARG G 210 -25.55 -11.89 17.11
CA ARG G 210 -26.91 -12.08 16.65
C ARG G 210 -27.73 -10.80 16.67
N GLN G 211 -27.57 -10.00 17.73
CA GLN G 211 -28.42 -8.82 17.89
C GLN G 211 -28.14 -7.77 16.82
N TRP G 212 -26.87 -7.64 16.45
CA TRP G 212 -26.45 -6.77 15.35
C TRP G 212 -27.06 -7.23 14.04
N PHE G 213 -27.00 -8.53 13.79
CA PHE G 213 -27.50 -9.08 12.54
C PHE G 213 -29.02 -8.99 12.43
N LEU G 214 -29.74 -9.12 13.54
CA LEU G 214 -31.17 -8.87 13.51
C LEU G 214 -31.46 -7.38 13.34
N ASP G 215 -30.62 -6.54 13.95
CA ASP G 215 -30.86 -5.12 13.95
C ASP G 215 -30.52 -4.46 12.62
N LEU G 216 -29.84 -5.16 11.74
CA LEU G 216 -29.35 -4.56 10.50
C LEU G 216 -30.50 -4.29 9.53
N PRO G 217 -30.42 -3.20 8.74
CA PRO G 217 -31.39 -2.92 7.65
C PRO G 217 -31.25 -3.84 6.44
N LEU G 218 -31.63 -3.37 5.22
CA LEU G 218 -31.48 -4.11 3.97
C LEU G 218 -32.36 -5.35 3.91
N PRO G 219 -33.57 -5.19 3.38
CA PRO G 219 -34.78 -5.90 3.85
C PRO G 219 -34.69 -7.32 4.41
N TRP G 220 -35.33 -7.45 5.56
CA TRP G 220 -35.80 -8.67 6.22
C TRP G 220 -36.40 -9.66 5.22
N LEU G 221 -36.13 -10.95 5.46
CA LEU G 221 -37.00 -12.05 5.04
C LEU G 221 -36.71 -13.29 5.87
N PRO G 222 -37.72 -13.99 6.36
CA PRO G 222 -37.46 -15.15 7.22
C PRO G 222 -37.08 -16.39 6.43
N GLY G 223 -36.74 -17.45 7.16
CA GLY G 223 -36.13 -18.61 6.54
C GLY G 223 -37.07 -19.48 5.74
N ALA G 224 -38.37 -19.22 5.79
CA ALA G 224 -39.33 -20.13 5.16
C ALA G 224 -39.86 -19.56 3.86
N ASP G 225 -39.01 -18.91 3.07
CA ASP G 225 -39.46 -18.19 1.88
C ASP G 225 -40.13 -19.00 0.80
N THR G 226 -39.54 -20.15 0.46
CA THR G 226 -39.14 -20.53 -0.90
C THR G 226 -40.03 -19.92 -2.01
N GLN G 227 -41.35 -20.06 -1.84
CA GLN G 227 -42.28 -19.39 -2.73
C GLN G 227 -42.26 -17.87 -2.60
N GLY G 228 -42.14 -17.37 -1.36
CA GLY G 228 -42.82 -16.13 -0.98
C GLY G 228 -42.35 -14.88 -1.69
N SER G 229 -41.07 -14.52 -1.52
CA SER G 229 -40.56 -13.16 -1.75
C SER G 229 -41.44 -12.12 -1.06
N ASN G 230 -41.49 -12.21 0.27
CA ASN G 230 -42.39 -11.45 1.13
C ASN G 230 -41.64 -10.45 1.99
N TRP G 231 -40.77 -9.65 1.39
CA TRP G 231 -39.78 -8.85 2.12
C TRP G 231 -40.43 -7.73 2.92
N ILE G 232 -40.52 -7.91 4.23
CA ILE G 232 -41.24 -6.95 5.08
C ILE G 232 -40.27 -5.89 5.56
N GLN G 233 -39.96 -4.94 4.68
CA GLN G 233 -39.10 -3.77 4.84
C GLN G 233 -39.34 -2.87 3.64
N LYS G 234 -38.22 -2.38 3.07
CA LYS G 234 -38.01 -1.69 1.79
C LYS G 234 -38.13 -0.18 1.92
N GLU G 235 -38.25 0.31 3.14
CA GLU G 235 -37.99 1.74 3.35
C GLU G 235 -36.49 2.01 3.40
N THR G 236 -35.69 0.99 3.71
CA THR G 236 -34.25 1.16 3.72
C THR G 236 -33.66 1.06 2.32
N LEU G 237 -34.19 0.17 1.51
CA LEU G 237 -33.93 0.11 0.09
C LEU G 237 -35.01 0.96 -0.58
N VAL G 238 -35.41 0.63 -1.81
CA VAL G 238 -35.82 1.47 -2.94
C VAL G 238 -36.46 2.82 -2.60
N THR G 239 -35.90 3.87 -3.19
CA THR G 239 -36.21 5.24 -2.83
C THR G 239 -37.03 5.90 -3.94
N PHE G 240 -37.95 6.78 -3.55
CA PHE G 240 -38.89 7.37 -4.47
C PHE G 240 -38.56 8.84 -4.70
N LYS G 241 -38.20 9.16 -5.95
CA LYS G 241 -37.99 10.56 -6.30
C LYS G 241 -39.32 11.28 -6.34
N ASN G 242 -39.34 12.46 -5.75
CA ASN G 242 -40.44 13.40 -5.95
C ASN G 242 -39.80 14.73 -6.29
N PRO G 243 -39.92 15.17 -7.53
CA PRO G 243 -39.58 16.55 -7.86
C PRO G 243 -40.55 17.56 -7.26
N HIS G 244 -40.39 18.83 -7.66
CA HIS G 244 -41.08 19.98 -7.07
C HIS G 244 -42.60 19.82 -6.89
N ALA G 245 -43.31 19.55 -7.97
CA ALA G 245 -44.75 19.33 -7.81
C ALA G 245 -45.19 17.97 -8.31
N LYS G 246 -44.90 17.68 -9.57
CA LYS G 246 -45.60 16.64 -10.30
C LYS G 246 -45.04 15.25 -10.00
N LYS G 247 -45.38 14.32 -10.89
CA LYS G 247 -45.34 12.84 -10.85
C LYS G 247 -44.11 12.32 -10.10
N GLN G 248 -44.31 11.36 -9.20
CA GLN G 248 -43.20 10.79 -8.47
C GLN G 248 -42.79 9.47 -9.11
N ASP G 249 -41.65 8.93 -8.72
CA ASP G 249 -41.06 7.84 -9.49
C ASP G 249 -40.23 6.96 -8.57
N VAL G 250 -39.91 5.76 -9.06
CA VAL G 250 -39.25 4.72 -8.29
C VAL G 250 -37.78 4.66 -8.65
N VAL G 251 -36.93 4.30 -7.69
CA VAL G 251 -35.49 4.25 -7.88
C VAL G 251 -34.93 3.07 -7.09
N VAL G 252 -34.33 2.11 -7.79
CA VAL G 252 -33.55 1.08 -7.11
C VAL G 252 -32.31 1.71 -6.49
N LEU G 253 -31.99 1.29 -5.28
CA LEU G 253 -30.90 1.94 -4.57
C LEU G 253 -29.55 1.34 -4.94
N GLY G 254 -29.55 0.18 -5.58
CA GLY G 254 -28.31 -0.40 -6.05
C GLY G 254 -27.78 -1.47 -5.11
N SER G 255 -26.71 -2.14 -5.53
CA SER G 255 -26.09 -3.15 -4.69
C SER G 255 -25.42 -2.49 -3.49
N GLN G 256 -25.68 -3.03 -2.31
CA GLN G 256 -24.97 -2.61 -1.12
C GLN G 256 -23.95 -3.62 -0.66
N GLU G 257 -23.23 -4.28 -1.58
CA GLU G 257 -22.26 -5.27 -1.15
C GLU G 257 -21.03 -4.60 -0.53
N GLY G 258 -20.61 -3.47 -1.10
CA GLY G 258 -19.51 -2.71 -0.53
C GLY G 258 -19.86 -2.11 0.81
N ALA G 259 -21.07 -1.58 0.91
CA ALA G 259 -21.53 -1.02 2.17
C ALA G 259 -21.73 -2.11 3.20
N MET G 260 -22.12 -3.31 2.75
CA MET G 260 -22.18 -4.48 3.61
C MET G 260 -20.82 -4.84 4.17
N HIS G 261 -19.79 -4.85 3.33
CA HIS G 261 -18.45 -5.19 3.79
C HIS G 261 -17.92 -4.14 4.76
N THR G 262 -18.20 -2.87 4.47
CA THR G 262 -17.84 -1.79 5.37
C THR G 262 -18.61 -1.88 6.68
N ALA G 263 -19.81 -2.45 6.64
CA ALA G 263 -20.52 -2.72 7.89
C ALA G 263 -19.86 -3.85 8.65
N LEU G 264 -19.53 -4.95 7.99
CA LEU G 264 -18.97 -6.04 8.76
C LEU G 264 -17.45 -5.99 8.86
N THR G 265 -16.84 -4.81 8.76
CA THR G 265 -15.51 -4.68 9.33
C THR G 265 -15.53 -4.94 10.84
N GLY G 266 -14.37 -5.29 11.37
CA GLY G 266 -14.27 -5.64 12.77
C GLY G 266 -14.88 -6.98 13.12
N ALA G 267 -15.11 -7.84 12.14
CA ALA G 267 -15.68 -9.15 12.36
C ALA G 267 -14.80 -10.17 11.69
N THR G 268 -14.65 -11.34 12.32
CA THR G 268 -13.82 -12.37 11.72
C THR G 268 -14.51 -12.98 10.51
N GLU G 269 -13.70 -13.33 9.52
CA GLU G 269 -14.22 -13.89 8.28
C GLU G 269 -14.06 -15.40 8.34
N ILE G 270 -14.71 -16.08 7.41
CA ILE G 270 -14.64 -17.54 7.36
C ILE G 270 -14.98 -18.03 5.97
N GLN G 271 -14.13 -18.94 5.49
CA GLN G 271 -14.43 -19.78 4.35
C GLN G 271 -15.55 -20.74 4.70
N MET G 272 -16.60 -20.74 3.88
CA MET G 272 -17.69 -21.70 4.04
C MET G 272 -18.15 -22.12 2.65
N SER G 273 -17.55 -23.19 2.16
CA SER G 273 -17.94 -23.78 0.88
C SER G 273 -18.40 -25.21 1.08
N SER G 274 -17.62 -26.03 1.77
CA SER G 274 -17.95 -27.44 1.98
C SER G 274 -18.57 -27.58 3.35
N GLY G 275 -19.86 -27.31 3.44
CA GLY G 275 -20.61 -27.49 4.67
C GLY G 275 -20.30 -26.41 5.68
N ASN G 276 -19.10 -26.50 6.27
CA ASN G 276 -18.49 -25.45 7.06
C ASN G 276 -17.03 -25.80 7.25
N LEU G 277 -16.19 -24.78 7.35
CA LEU G 277 -14.78 -24.97 7.69
C LEU G 277 -14.33 -23.95 8.74
N LEU G 278 -15.06 -23.84 9.85
CA LEU G 278 -14.94 -22.73 10.77
C LEU G 278 -13.54 -22.63 11.37
N PHE G 279 -13.08 -21.41 11.53
CA PHE G 279 -11.77 -20.98 11.96
C PHE G 279 -11.95 -20.08 13.17
N THR G 280 -10.98 -19.20 13.34
CA THR G 280 -10.39 -18.54 14.52
C THR G 280 -11.41 -18.40 15.65
N GLY G 281 -11.06 -18.87 16.84
CA GLY G 281 -11.83 -19.04 18.05
C GLY G 281 -11.04 -20.03 18.91
N HIS G 282 -11.37 -20.04 20.19
CA HIS G 282 -10.55 -20.76 21.15
C HIS G 282 -11.40 -21.80 21.85
N LEU G 283 -10.72 -22.70 22.56
CA LEU G 283 -11.39 -23.67 23.40
C LEU G 283 -10.47 -24.00 24.56
N LYS G 284 -11.00 -24.77 25.50
CA LYS G 284 -10.37 -24.97 26.80
C LYS G 284 -10.32 -26.45 27.13
N CYS G 285 -9.14 -27.03 27.12
CA CYS G 285 -8.92 -28.40 27.50
C CYS G 285 -8.45 -28.47 28.94
N ARG G 286 -8.83 -29.55 29.61
CA ARG G 286 -8.11 -30.03 30.77
C ARG G 286 -7.41 -31.31 30.35
N LEU G 287 -6.17 -31.46 30.75
CA LEU G 287 -5.27 -32.41 30.14
C LEU G 287 -4.79 -33.39 31.20
N ARG G 288 -4.99 -34.69 30.97
CA ARG G 288 -4.52 -35.70 31.89
C ARG G 288 -3.55 -36.62 31.17
N MET G 289 -2.45 -36.92 31.86
CA MET G 289 -1.22 -37.39 31.24
C MET G 289 -0.60 -38.60 31.93
N ASP G 290 -1.37 -39.51 32.54
CA ASP G 290 -0.68 -40.52 33.34
C ASP G 290 0.13 -41.51 32.51
N LYS G 291 -0.50 -42.60 32.06
CA LYS G 291 -0.51 -43.15 30.70
C LYS G 291 0.52 -42.63 29.70
N LEU G 292 1.78 -42.45 30.11
CA LEU G 292 2.81 -41.89 29.25
C LEU G 292 4.18 -42.38 29.63
N GLN G 293 4.81 -43.13 28.74
CA GLN G 293 6.22 -43.41 28.88
C GLN G 293 7.02 -42.30 28.21
N LEU G 294 8.34 -42.37 28.33
CA LEU G 294 9.23 -41.39 27.70
C LEU G 294 9.80 -41.87 26.37
N LYS G 295 9.07 -42.71 25.63
CA LYS G 295 9.58 -43.46 24.48
C LYS G 295 10.85 -44.22 24.86
N GLY G 296 10.69 -45.00 25.92
CA GLY G 296 11.76 -45.84 26.40
C GLY G 296 12.78 -45.09 27.23
N MET G 297 13.08 -45.62 28.41
CA MET G 297 14.25 -45.15 29.11
C MET G 297 15.35 -46.12 28.73
N SER G 298 15.19 -47.37 29.18
CA SER G 298 15.41 -48.63 28.45
C SER G 298 16.50 -48.65 27.39
N TYR G 299 17.61 -47.96 27.60
CA TYR G 299 18.61 -47.80 26.55
C TYR G 299 19.97 -47.53 27.15
N SER G 300 20.88 -47.02 26.33
CA SER G 300 22.21 -46.65 26.77
C SER G 300 22.53 -45.23 26.33
N MET G 301 23.45 -44.61 27.05
CA MET G 301 24.16 -43.43 26.55
C MET G 301 24.93 -43.93 25.34
N CYS G 302 24.91 -43.17 24.25
CA CYS G 302 25.41 -43.71 22.99
C CYS G 302 26.92 -43.68 22.91
N THR G 303 27.47 -44.15 21.78
CA THR G 303 28.91 -44.33 21.65
C THR G 303 29.61 -43.01 21.35
N GLY G 304 29.30 -42.40 20.21
CA GLY G 304 29.91 -41.14 19.87
C GLY G 304 29.95 -40.96 18.37
N LYS G 305 30.65 -39.90 17.97
CA LYS G 305 30.80 -39.45 16.58
C LYS G 305 29.44 -39.12 15.96
N PHE G 306 28.85 -38.05 16.50
CA PHE G 306 27.72 -37.41 15.86
C PHE G 306 28.20 -36.42 14.81
N LYS G 307 27.24 -35.78 14.14
CA LYS G 307 27.52 -34.89 13.04
C LYS G 307 26.33 -33.97 12.83
N VAL G 308 26.57 -32.66 12.83
CA VAL G 308 25.51 -31.71 12.52
C VAL G 308 25.31 -31.67 11.01
N VAL G 309 24.06 -31.47 10.59
CA VAL G 309 23.70 -31.39 9.18
C VAL G 309 22.80 -30.18 9.04
N LYS G 310 22.69 -29.40 10.10
CA LYS G 310 21.81 -28.24 10.10
C LYS G 310 22.47 -27.10 10.88
N GLU G 311 21.93 -25.89 10.77
CA GLU G 311 22.57 -24.70 11.31
C GLU G 311 22.27 -24.62 12.80
N ILE G 312 22.56 -23.46 13.37
CA ILE G 312 22.32 -23.10 14.76
C ILE G 312 20.84 -22.87 15.06
N ALA G 313 20.15 -22.11 14.22
CA ALA G 313 18.69 -22.09 14.10
C ALA G 313 17.99 -21.68 15.40
N GLU G 314 18.14 -20.40 15.76
CA GLU G 314 17.41 -19.84 16.88
C GLU G 314 16.00 -19.45 16.45
N THR G 315 15.00 -19.96 17.16
CA THR G 315 13.64 -19.49 16.99
C THR G 315 13.17 -18.89 18.30
N GLN G 316 12.67 -17.64 18.22
CA GLN G 316 11.66 -17.08 19.13
C GLN G 316 11.94 -17.30 20.61
N HIS G 317 12.88 -16.52 21.14
CA HIS G 317 13.31 -16.49 22.55
C HIS G 317 13.71 -17.85 23.10
N GLY G 318 14.77 -18.42 22.54
CA GLY G 318 15.55 -19.41 23.28
C GLY G 318 15.43 -20.81 22.70
N THR G 319 14.37 -21.08 21.95
CA THR G 319 13.93 -22.43 21.61
C THR G 319 14.85 -23.29 20.73
N ILE G 320 16.12 -22.89 20.56
CA ILE G 320 17.03 -23.21 19.46
C ILE G 320 17.05 -24.68 19.06
N VAL G 321 17.08 -24.96 17.75
CA VAL G 321 17.05 -26.35 17.31
C VAL G 321 18.38 -26.70 16.66
N ILE G 322 18.77 -27.96 16.79
CA ILE G 322 19.99 -28.51 16.21
C ILE G 322 19.65 -29.88 15.67
N ARG G 323 19.95 -30.11 14.40
CA ARG G 323 19.71 -31.41 13.78
C ARG G 323 21.02 -32.15 13.65
N VAL G 324 21.15 -33.23 14.41
CA VAL G 324 22.36 -34.03 14.38
C VAL G 324 22.12 -35.30 13.61
N GLN G 325 23.20 -35.84 13.07
CA GLN G 325 23.22 -37.06 12.30
C GLN G 325 24.15 -38.02 13.01
N TYR G 326 23.60 -39.05 13.63
CA TYR G 326 24.46 -40.02 14.28
C TYR G 326 25.21 -40.84 13.25
N GLU G 327 26.50 -41.03 13.52
CA GLU G 327 27.32 -41.95 12.74
C GLU G 327 27.90 -43.00 13.66
N GLY G 328 27.76 -44.24 13.29
CA GLY G 328 28.33 -45.31 14.08
C GLY G 328 27.46 -46.55 14.03
N ASP G 329 27.54 -47.31 15.11
CA ASP G 329 26.84 -48.58 15.27
C ASP G 329 25.82 -48.56 16.39
N GLY G 330 24.99 -47.51 16.41
CA GLY G 330 24.14 -47.14 17.54
C GLY G 330 23.25 -48.18 18.16
N SER G 331 22.50 -48.94 17.32
CA SER G 331 21.48 -49.90 17.76
C SER G 331 20.51 -49.18 18.68
N PRO G 332 19.57 -48.40 18.10
CA PRO G 332 19.29 -47.03 18.55
C PRO G 332 19.40 -46.69 20.02
N CYS G 333 20.23 -45.70 20.35
CA CYS G 333 20.46 -45.30 21.72
C CYS G 333 19.97 -43.87 21.96
N LYS G 334 20.20 -43.40 23.18
CA LYS G 334 19.89 -42.03 23.55
C LYS G 334 20.94 -41.09 22.97
N ILE G 335 20.73 -39.80 23.16
CA ILE G 335 21.66 -38.78 22.69
C ILE G 335 22.15 -38.01 23.91
N PRO G 336 23.42 -38.07 24.25
CA PRO G 336 23.92 -37.36 25.43
C PRO G 336 23.98 -35.87 25.22
N PHE G 337 22.83 -35.23 25.31
CA PHE G 337 22.70 -33.80 25.07
C PHE G 337 22.90 -33.05 26.37
N GLU G 338 23.73 -32.02 26.36
CA GLU G 338 23.83 -31.14 27.53
C GLU G 338 24.01 -29.71 27.07
N ILE G 339 23.55 -28.78 27.90
CA ILE G 339 23.80 -27.36 27.73
C ILE G 339 24.64 -26.91 28.90
N MET G 340 25.93 -26.70 28.67
CA MET G 340 26.82 -26.40 29.77
C MET G 340 27.24 -24.95 29.68
N ASP G 341 27.82 -24.51 30.78
CA ASP G 341 28.57 -23.26 30.85
C ASP G 341 30.02 -23.58 30.46
N LEU G 342 30.94 -22.70 30.80
CA LEU G 342 32.36 -22.88 30.53
C LEU G 342 32.98 -23.90 31.49
N GLU G 343 34.31 -23.89 31.59
CA GLU G 343 35.09 -24.73 32.50
C GLU G 343 34.68 -24.47 33.96
N LYS G 344 35.07 -25.37 34.88
CA LYS G 344 34.56 -25.58 36.24
C LYS G 344 33.03 -25.64 36.18
N ARG G 345 32.57 -26.71 35.53
CA ARG G 345 31.23 -26.97 35.01
C ARG G 345 30.07 -26.53 35.88
N HIS G 346 29.19 -25.73 35.29
CA HIS G 346 28.04 -25.19 35.98
C HIS G 346 26.77 -25.37 35.16
N VAL G 347 26.46 -26.61 34.77
CA VAL G 347 25.50 -26.93 33.70
C VAL G 347 24.11 -26.38 33.95
N LEU G 348 23.70 -25.45 33.11
CA LEU G 348 22.47 -24.69 33.31
C LEU G 348 21.84 -24.37 31.96
N GLY G 349 20.90 -25.21 31.55
CA GLY G 349 19.99 -24.91 30.47
C GLY G 349 18.70 -25.68 30.67
N ARG G 350 17.95 -25.87 29.61
CA ARG G 350 16.91 -26.89 29.66
C ARG G 350 16.73 -27.49 28.28
N LEU G 351 16.37 -28.76 28.24
CA LEU G 351 16.18 -29.49 27.01
C LEU G 351 14.69 -29.69 26.79
N ILE G 352 14.17 -29.26 25.63
CA ILE G 352 12.76 -29.51 25.45
C ILE G 352 12.67 -30.54 24.33
N THR G 353 13.09 -31.76 24.61
CA THR G 353 12.94 -32.87 23.67
C THR G 353 12.78 -34.17 24.46
N VAL G 354 12.56 -34.04 25.77
CA VAL G 354 13.15 -34.84 26.86
C VAL G 354 13.26 -36.32 26.53
N ASN G 355 14.45 -36.88 26.77
CA ASN G 355 14.97 -38.14 26.26
C ASN G 355 14.87 -38.17 24.74
N PRO G 356 15.74 -37.43 24.02
CA PRO G 356 15.80 -37.58 22.56
C PRO G 356 16.41 -38.92 22.22
N ILE G 357 16.09 -39.41 21.03
CA ILE G 357 16.45 -40.79 20.70
C ILE G 357 16.76 -40.90 19.22
N VAL G 358 17.80 -41.66 18.90
CA VAL G 358 18.14 -41.95 17.52
C VAL G 358 17.16 -42.98 16.99
N THR G 359 16.88 -42.94 15.69
CA THR G 359 16.05 -43.95 15.04
C THR G 359 16.99 -45.06 14.57
N GLU G 360 16.53 -45.95 13.69
CA GLU G 360 17.18 -47.21 13.31
C GLU G 360 18.63 -47.10 12.86
N LYS G 361 18.98 -46.06 12.12
CA LYS G 361 20.29 -45.95 11.50
C LYS G 361 20.44 -44.47 11.20
N ASP G 362 21.29 -44.11 10.24
CA ASP G 362 21.40 -42.76 9.73
C ASP G 362 20.05 -42.18 9.37
N SER G 363 19.61 -41.21 10.16
CA SER G 363 18.40 -40.44 9.97
C SER G 363 18.57 -39.18 10.81
N PRO G 364 18.46 -38.01 10.22
CA PRO G 364 18.89 -36.79 10.90
C PRO G 364 17.95 -36.34 12.01
N VAL G 365 18.18 -36.88 13.20
CA VAL G 365 17.35 -36.56 14.35
C VAL G 365 17.60 -35.11 14.77
N ASN G 366 16.57 -34.46 15.33
CA ASN G 366 16.71 -33.05 15.65
C ASN G 366 16.17 -32.76 17.04
N ILE G 367 16.77 -31.76 17.69
CA ILE G 367 16.68 -31.54 19.12
C ILE G 367 16.47 -30.05 19.36
N GLU G 368 15.48 -29.70 20.18
CA GLU G 368 15.35 -28.30 20.55
C GLU G 368 15.56 -28.12 22.04
N ALA G 369 16.12 -26.97 22.38
CA ALA G 369 16.50 -26.71 23.76
C ALA G 369 16.63 -25.21 23.97
N GLU G 370 16.66 -24.81 25.24
CA GLU G 370 16.69 -23.41 25.64
C GLU G 370 17.95 -23.14 26.46
N PRO G 371 18.88 -22.34 25.92
CA PRO G 371 20.05 -21.93 26.68
C PRO G 371 19.71 -20.78 27.60
N PRO G 372 20.64 -20.34 28.47
CA PRO G 372 20.42 -19.09 29.20
C PRO G 372 20.67 -17.87 28.33
N PHE G 373 20.59 -16.68 28.94
CA PHE G 373 20.48 -15.44 28.20
C PHE G 373 21.80 -14.93 27.62
N GLY G 374 22.85 -15.74 27.60
CA GLY G 374 24.17 -15.26 27.25
C GLY G 374 25.03 -16.27 26.53
N ASP G 375 26.26 -16.44 27.00
CA ASP G 375 27.15 -17.47 26.48
C ASP G 375 26.65 -18.85 26.88
N SER G 376 26.90 -19.83 26.01
CA SER G 376 26.51 -21.20 26.28
C SER G 376 27.29 -22.15 25.39
N TYR G 377 27.61 -23.32 25.92
CA TYR G 377 28.29 -24.36 25.15
C TYR G 377 27.34 -25.55 25.08
N ILE G 378 26.77 -25.78 23.91
CA ILE G 378 25.89 -26.91 23.69
C ILE G 378 26.71 -28.09 23.22
N ILE G 379 26.68 -29.18 24.00
CA ILE G 379 27.59 -30.30 23.80
C ILE G 379 26.76 -31.56 23.58
N ILE G 380 27.21 -32.46 22.70
CA ILE G 380 26.46 -33.68 22.44
C ILE G 380 27.30 -34.96 22.49
N GLY G 381 28.61 -34.86 22.35
CA GLY G 381 29.45 -36.06 22.35
C GLY G 381 29.90 -36.46 23.74
N VAL G 382 30.48 -37.66 23.84
CA VAL G 382 30.89 -38.14 25.16
C VAL G 382 32.37 -38.51 25.30
N GLU G 383 32.83 -39.59 24.65
CA GLU G 383 34.04 -40.23 25.14
C GLU G 383 35.30 -39.54 24.60
N PRO G 384 35.45 -39.23 23.29
CA PRO G 384 36.41 -38.19 22.96
C PRO G 384 35.76 -36.81 22.92
N GLY G 385 34.89 -36.52 23.90
CA GLY G 385 34.18 -35.24 24.04
C GLY G 385 33.49 -34.69 22.80
N GLN G 386 33.06 -35.58 21.90
CA GLN G 386 33.06 -35.43 20.45
C GLN G 386 32.77 -34.06 19.86
N LEU G 387 31.76 -33.36 20.36
CA LEU G 387 31.38 -32.13 19.69
C LEU G 387 30.78 -31.12 20.66
N LYS G 388 31.40 -29.95 20.72
CA LYS G 388 30.86 -28.77 21.38
C LYS G 388 30.45 -27.77 20.31
N LEU G 389 29.54 -26.88 20.65
CA LEU G 389 29.18 -25.75 19.81
C LEU G 389 29.01 -24.55 20.71
N SER G 390 29.55 -23.41 20.28
CA SER G 390 29.34 -22.18 21.01
C SER G 390 28.06 -21.53 20.55
N TRP G 391 27.36 -20.87 21.47
CA TRP G 391 26.14 -20.17 21.15
C TRP G 391 25.95 -19.02 22.10
N PHE G 392 25.43 -17.91 21.59
CA PHE G 392 25.23 -16.72 22.39
C PHE G 392 23.80 -16.25 22.22
N LYS G 393 22.94 -16.64 23.15
CA LYS G 393 21.60 -16.09 23.21
C LYS G 393 21.70 -14.68 23.79
N LYS G 394 21.29 -13.70 22.97
CA LYS G 394 21.54 -12.28 23.23
C LYS G 394 20.77 -11.83 24.46
N GLY G 395 19.44 -11.84 24.35
CA GLY G 395 18.50 -11.87 25.45
C GLY G 395 18.67 -10.88 26.58
N SER G 396 18.05 -11.26 27.69
CA SER G 396 18.18 -10.66 29.02
C SER G 396 17.40 -11.56 29.97
N SER G 397 17.51 -11.29 31.26
CA SER G 397 16.57 -11.86 32.22
C SER G 397 15.40 -10.91 32.37
N ILE G 398 15.70 -9.61 32.48
CA ILE G 398 14.67 -8.61 32.72
C ILE G 398 13.81 -8.42 31.48
N GLY G 399 14.44 -8.45 30.31
CA GLY G 399 13.69 -8.35 29.06
C GLY G 399 12.81 -9.56 28.83
N GLN G 400 13.27 -10.73 29.25
CA GLN G 400 12.44 -11.93 29.15
C GLN G 400 11.24 -11.84 30.07
N MET G 401 11.44 -11.34 31.29
CA MET G 401 10.34 -11.18 32.23
C MET G 401 9.36 -10.12 31.75
N PHE G 402 9.85 -9.06 31.10
CA PHE G 402 8.98 -8.02 30.61
C PHE G 402 8.18 -8.50 29.41
N GLU G 403 8.79 -9.31 28.54
CA GLU G 403 8.06 -9.87 27.41
C GLU G 403 7.02 -10.87 27.88
N THR G 404 7.34 -11.63 28.94
CA THR G 404 6.35 -12.54 29.52
C THR G 404 5.20 -11.75 30.15
N THR G 405 5.52 -10.58 30.72
CA THR G 405 4.47 -9.71 31.24
C THR G 405 3.60 -9.16 30.12
N MET G 406 4.19 -8.89 28.96
CA MET G 406 3.39 -8.45 27.82
C MET G 406 2.50 -9.57 27.29
N ARG G 407 2.99 -10.80 27.31
CA ARG G 407 2.17 -11.96 26.96
C ARG G 407 1.01 -12.10 27.93
N GLY G 408 1.27 -11.88 29.22
CA GLY G 408 0.22 -11.93 30.21
C GLY G 408 -0.78 -10.80 30.07
N ALA G 409 -0.32 -9.65 29.59
CA ALA G 409 -1.24 -8.55 29.34
C ALA G 409 -2.11 -8.84 28.12
N LYS G 410 -1.55 -9.53 27.12
CA LYS G 410 -2.33 -9.89 25.95
C LYS G 410 -3.31 -11.01 26.27
N ARG G 411 -2.96 -11.82 27.28
CA ARG G 411 -3.91 -12.80 27.80
C ARG G 411 -4.96 -12.15 28.71
N MET G 412 -4.63 -11.05 29.39
CA MET G 412 -5.68 -10.30 30.10
C MET G 412 -6.57 -9.61 29.08
N ALA G 413 -6.01 -9.28 27.93
CA ALA G 413 -6.70 -8.97 26.69
C ALA G 413 -7.17 -10.29 26.08
N ILE G 414 -7.21 -10.35 24.75
CA ILE G 414 -8.23 -10.97 23.90
C ILE G 414 -8.96 -12.19 24.45
N LEU G 415 -8.22 -13.19 24.91
CA LEU G 415 -8.86 -14.36 25.52
C LEU G 415 -9.26 -14.05 26.95
N GLY G 416 -10.51 -14.30 27.32
CA GLY G 416 -11.05 -13.79 28.55
C GLY G 416 -10.61 -14.55 29.79
N ASP G 417 -11.58 -14.88 30.65
CA ASP G 417 -11.25 -15.52 31.92
C ASP G 417 -10.76 -16.95 31.74
N THR G 418 -10.92 -17.50 30.53
CA THR G 418 -10.17 -18.68 30.12
C THR G 418 -8.67 -18.48 30.25
N ALA G 419 -8.17 -17.25 30.10
CA ALA G 419 -6.74 -17.04 30.28
C ALA G 419 -6.36 -17.02 31.75
N TRP G 420 -7.32 -16.79 32.63
CA TRP G 420 -7.08 -17.14 34.03
C TRP G 420 -7.09 -18.63 34.20
N ASP G 421 -7.82 -19.35 33.35
CA ASP G 421 -7.70 -20.80 33.37
C ASP G 421 -6.50 -21.31 32.58
N PHE G 422 -5.70 -20.42 31.96
CA PHE G 422 -4.63 -20.87 31.07
C PHE G 422 -3.47 -21.50 31.82
N GLY G 423 -3.26 -21.14 33.08
CA GLY G 423 -2.30 -21.87 33.89
C GLY G 423 -2.92 -23.15 34.43
N SER G 424 -2.40 -23.65 35.53
CA SER G 424 -2.96 -24.85 36.14
C SER G 424 -2.58 -24.85 37.60
N LEU G 425 -3.15 -25.83 38.34
CA LEU G 425 -2.69 -26.28 39.67
C LEU G 425 -2.62 -25.13 40.68
N GLY G 426 -3.52 -24.17 40.50
CA GLY G 426 -3.43 -22.93 41.24
C GLY G 426 -4.12 -22.97 42.57
N GLY G 427 -5.13 -23.82 42.68
CA GLY G 427 -5.86 -23.97 43.92
C GLY G 427 -6.64 -22.72 44.31
N VAL G 428 -6.14 -22.02 45.32
CA VAL G 428 -6.83 -20.88 45.87
C VAL G 428 -6.67 -19.67 44.97
N PHE G 429 -5.43 -19.28 44.69
CA PHE G 429 -5.15 -17.98 44.09
C PHE G 429 -5.64 -17.88 42.66
N THR G 430 -5.42 -18.92 41.86
CA THR G 430 -5.84 -18.89 40.45
C THR G 430 -7.36 -18.89 40.33
N SER G 431 -8.03 -19.68 41.18
CA SER G 431 -9.49 -19.74 41.12
C SER G 431 -10.11 -18.44 41.60
N ILE G 432 -9.55 -17.84 42.66
CA ILE G 432 -10.13 -16.60 43.15
C ILE G 432 -9.81 -15.45 42.21
N GLY G 433 -8.70 -15.54 41.48
CA GLY G 433 -8.41 -14.54 40.46
C GLY G 433 -9.35 -14.67 39.28
N LYS G 434 -9.69 -15.91 38.91
CA LYS G 434 -10.62 -16.13 37.81
C LYS G 434 -12.01 -15.64 38.17
N ALA G 435 -12.46 -15.90 39.40
CA ALA G 435 -13.78 -15.42 39.81
C ALA G 435 -13.82 -13.90 39.94
N LEU G 436 -12.74 -13.31 40.46
CA LEU G 436 -12.71 -11.87 40.63
C LEU G 436 -12.67 -11.17 39.28
N HIS G 437 -11.87 -11.68 38.35
CA HIS G 437 -11.83 -11.09 37.03
C HIS G 437 -13.08 -11.40 36.24
N GLN G 438 -13.78 -12.49 36.59
CA GLN G 438 -15.08 -12.81 36.01
C GLN G 438 -16.09 -11.73 36.34
N VAL G 439 -16.25 -11.43 37.62
CA VAL G 439 -17.25 -10.43 38.00
C VAL G 439 -16.79 -9.03 37.59
N PHE G 440 -15.48 -8.78 37.57
CA PHE G 440 -14.95 -7.48 37.19
C PHE G 440 -15.13 -7.21 35.70
N GLY G 441 -14.83 -8.20 34.86
CA GLY G 441 -15.05 -8.04 33.44
C GLY G 441 -16.51 -8.13 33.06
N ALA G 442 -17.34 -8.71 33.94
CA ALA G 442 -18.78 -8.63 33.73
C ALA G 442 -19.28 -7.21 33.96
N ILE G 443 -18.71 -6.54 34.97
CA ILE G 443 -19.08 -5.15 35.21
C ILE G 443 -18.51 -4.25 34.10
N TYR G 444 -17.37 -4.62 33.53
CA TYR G 444 -16.91 -3.91 32.34
C TYR G 444 -17.26 -4.69 31.08
N GLY G 445 -18.40 -5.37 31.10
CA GLY G 445 -18.80 -6.18 29.96
C GLY G 445 -19.50 -5.34 28.90
N ALA G 446 -20.75 -5.70 28.59
CA ALA G 446 -21.63 -4.97 27.68
C ALA G 446 -21.67 -3.49 28.05
N ALA G 447 -22.28 -3.19 29.19
CA ALA G 447 -21.60 -2.62 30.35
C ALA G 447 -20.31 -1.90 29.98
N PHE G 448 -20.41 -0.80 29.21
CA PHE G 448 -19.28 -0.13 28.56
C PHE G 448 -18.59 -1.08 27.58
N SER G 449 -19.28 -1.39 26.49
CA SER G 449 -18.68 -1.96 25.30
C SER G 449 -19.31 -1.30 24.08
N GLY G 450 -19.08 -1.90 22.91
CA GLY G 450 -19.67 -1.38 21.70
C GLY G 450 -18.99 -0.14 21.16
N VAL G 451 -17.85 0.22 21.73
CA VAL G 451 -17.17 1.46 21.37
C VAL G 451 -15.93 1.13 20.55
N SER G 452 -15.55 2.07 19.71
CA SER G 452 -14.45 1.88 18.79
C SER G 452 -13.14 2.30 19.44
N TRP G 453 -12.06 2.06 18.70
CA TRP G 453 -10.66 2.34 19.03
C TRP G 453 -10.45 3.75 19.58
N THR G 454 -10.78 4.74 18.74
CA THR G 454 -10.67 6.15 19.05
C THR G 454 -11.45 6.55 20.29
N MET G 455 -12.73 6.15 20.35
CA MET G 455 -13.55 6.58 21.46
C MET G 455 -13.17 5.88 22.74
N LYS G 456 -12.60 4.67 22.63
CA LYS G 456 -12.13 3.98 23.82
C LYS G 456 -10.89 4.66 24.39
N ILE G 457 -9.96 5.08 23.53
CA ILE G 457 -8.76 5.73 24.06
C ILE G 457 -9.10 7.14 24.55
N LEU G 458 -10.13 7.75 23.98
CA LEU G 458 -10.53 9.08 24.44
C LEU G 458 -11.26 9.01 25.77
N ILE G 459 -12.12 7.99 25.94
CA ILE G 459 -12.81 7.85 27.22
C ILE G 459 -11.81 7.41 28.28
N GLY G 460 -10.75 6.71 27.86
CA GLY G 460 -9.66 6.39 28.74
C GLY G 460 -8.90 7.61 29.24
N VAL G 461 -8.58 8.55 28.35
CA VAL G 461 -7.80 9.69 28.80
C VAL G 461 -8.67 10.64 29.62
N VAL G 462 -9.97 10.73 29.34
CA VAL G 462 -10.79 11.62 30.16
C VAL G 462 -11.03 11.00 31.54
N ILE G 463 -11.17 9.68 31.61
CA ILE G 463 -11.40 9.09 32.92
C ILE G 463 -10.10 9.02 33.70
N THR G 464 -8.94 8.99 33.01
CA THR G 464 -7.71 9.01 33.76
C THR G 464 -7.37 10.42 34.22
N TRP G 465 -7.89 11.44 33.53
CA TRP G 465 -7.72 12.79 34.04
C TRP G 465 -8.60 13.03 35.25
N ILE G 466 -9.84 12.56 35.20
CA ILE G 466 -10.73 12.77 36.33
C ILE G 466 -10.31 11.90 37.51
N GLY G 467 -9.54 10.84 37.26
CA GLY G 467 -8.87 10.16 38.35
C GLY G 467 -7.66 10.90 38.85
N MET G 468 -6.98 11.61 37.95
CA MET G 468 -5.80 12.38 38.34
C MET G 468 -6.17 13.58 39.20
N ASN G 469 -7.43 14.03 39.15
CA ASN G 469 -7.86 15.15 39.97
C ASN G 469 -7.98 14.85 41.47
N SER G 470 -7.77 13.59 41.89
CA SER G 470 -7.26 13.25 43.21
C SER G 470 -8.16 13.68 44.38
N ARG G 471 -9.32 13.05 44.51
CA ARG G 471 -10.18 13.25 45.67
C ARG G 471 -10.22 12.01 46.54
N SER G 472 -9.71 12.14 47.78
CA SER G 472 -9.96 11.22 48.90
C SER G 472 -9.47 9.79 48.64
N THR G 473 -8.45 9.64 47.79
CA THR G 473 -7.76 8.39 47.47
C THR G 473 -8.74 7.39 46.86
N SER G 474 -9.74 7.91 46.13
CA SER G 474 -10.44 7.11 45.14
C SER G 474 -9.68 7.09 43.82
N LEU G 475 -8.56 7.82 43.77
CA LEU G 475 -7.80 8.00 42.55
C LEU G 475 -7.14 6.70 42.12
N SER G 476 -6.93 5.77 43.03
CA SER G 476 -6.34 4.49 42.67
C SER G 476 -7.29 3.66 41.82
N VAL G 477 -8.42 3.25 42.42
CA VAL G 477 -9.43 2.38 41.80
C VAL G 477 -10.10 3.10 40.63
N SER G 478 -10.06 4.42 40.65
CA SER G 478 -10.16 5.30 39.50
C SER G 478 -8.85 5.16 38.73
N LEU G 479 -8.20 6.30 38.51
CA LEU G 479 -7.05 6.57 37.67
C LEU G 479 -6.10 5.44 37.33
N VAL G 480 -5.49 4.72 38.29
CA VAL G 480 -4.39 3.87 37.86
C VAL G 480 -4.91 2.55 37.30
N LEU G 481 -5.90 1.97 37.97
CA LEU G 481 -6.53 0.74 37.51
C LEU G 481 -7.25 0.97 36.19
N VAL G 482 -8.06 2.03 36.13
CA VAL G 482 -8.90 2.23 34.95
C VAL G 482 -8.05 2.72 33.78
N GLY G 483 -7.03 3.54 34.05
CA GLY G 483 -6.16 4.00 32.97
C GLY G 483 -5.34 2.89 32.37
N VAL G 484 -4.79 2.01 33.21
CA VAL G 484 -4.07 0.83 32.73
C VAL G 484 -4.98 -0.05 31.88
N VAL G 485 -6.18 -0.37 32.40
CA VAL G 485 -7.00 -1.34 31.68
C VAL G 485 -7.56 -0.74 30.39
N THR G 486 -7.89 0.56 30.40
CA THR G 486 -8.41 1.21 29.20
C THR G 486 -7.35 1.41 28.15
N LEU G 487 -6.15 1.87 28.51
CA LEU G 487 -5.14 2.09 27.49
C LEU G 487 -4.60 0.77 26.96
N TYR G 488 -4.25 -0.17 27.85
CA TYR G 488 -3.68 -1.43 27.41
C TYR G 488 -4.75 -2.33 26.78
N LEU G 489 -6.02 -1.96 26.92
CA LEU G 489 -7.03 -2.64 26.13
C LEU G 489 -7.28 -1.94 24.81
N GLY G 490 -7.30 -0.60 24.78
CA GLY G 490 -7.62 0.13 23.59
C GLY G 490 -6.55 0.07 22.53
N VAL G 491 -5.28 0.04 22.92
CA VAL G 491 -4.26 -0.03 21.87
C VAL G 491 -4.08 -1.46 21.38
N MET G 492 -4.70 -2.44 22.02
CA MET G 492 -4.52 -3.83 21.61
C MET G 492 -5.72 -4.36 20.84
N VAL G 493 -6.89 -3.76 21.01
CA VAL G 493 -8.10 -4.24 20.33
C VAL G 493 -8.12 -3.79 18.89
N GLN G 494 -9.15 -4.26 18.16
CA GLN G 494 -9.39 -4.02 16.73
C GLN G 494 -8.33 -4.69 15.88
N ALA G 495 -7.68 -5.70 16.44
CA ALA G 495 -6.80 -6.55 15.68
C ALA G 495 -7.67 -7.48 14.87
N SER H 1 -27.95 3.58 5.94
CA SER H 1 -27.91 2.21 5.45
C SER H 1 -27.05 1.36 6.38
N VAL H 2 -26.24 0.48 5.79
CA VAL H 2 -25.23 -0.26 6.52
C VAL H 2 -23.91 0.43 6.30
N ALA H 3 -23.97 1.70 5.91
CA ALA H 3 -22.80 2.54 5.85
C ALA H 3 -22.20 2.71 7.24
N LEU H 4 -23.04 2.67 8.25
CA LEU H 4 -22.59 2.82 9.62
C LEU H 4 -23.08 1.64 10.45
N VAL H 5 -22.99 1.81 11.76
CA VAL H 5 -23.02 0.76 12.78
C VAL H 5 -21.99 -0.29 12.34
N PRO H 6 -20.69 0.03 12.33
CA PRO H 6 -19.72 -0.81 11.64
C PRO H 6 -19.09 -1.91 12.51
N HIS H 7 -19.90 -2.54 13.35
CA HIS H 7 -19.58 -3.72 14.16
C HIS H 7 -18.22 -3.62 14.88
N VAL H 8 -18.08 -2.66 15.78
CA VAL H 8 -16.74 -2.34 16.25
C VAL H 8 -16.43 -2.95 17.62
N GLY H 9 -17.12 -2.52 18.67
CA GLY H 9 -16.75 -2.90 20.01
C GLY H 9 -17.65 -3.98 20.55
N MET H 10 -18.22 -4.76 19.65
CA MET H 10 -19.20 -5.80 19.97
C MET H 10 -18.60 -6.91 20.83
N GLY H 11 -17.30 -7.11 20.71
CA GLY H 11 -16.66 -8.20 21.39
C GLY H 11 -16.12 -9.16 20.36
N LEU H 12 -16.19 -10.45 20.69
CA LEU H 12 -16.06 -11.55 19.75
C LEU H 12 -14.69 -11.60 19.09
N GLU H 13 -13.66 -11.06 19.72
CA GLU H 13 -12.36 -11.00 19.07
C GLU H 13 -11.68 -12.35 19.13
N THR H 14 -10.51 -12.41 18.53
CA THR H 14 -9.70 -13.61 18.52
C THR H 14 -8.24 -13.18 18.39
N ARG H 15 -7.35 -14.16 18.27
CA ARG H 15 -5.94 -13.82 18.09
C ARG H 15 -5.69 -13.20 16.73
N THR H 16 -6.51 -13.52 15.73
CA THR H 16 -6.23 -13.16 14.36
C THR H 16 -6.93 -11.87 13.97
N GLU H 17 -6.40 -11.24 12.92
CA GLU H 17 -6.94 -9.97 12.44
C GLU H 17 -8.31 -10.19 11.81
N THR H 18 -9.20 -9.22 11.99
CA THR H 18 -10.60 -9.57 11.77
C THR H 18 -11.07 -9.35 10.34
N TRP H 19 -11.26 -8.10 9.90
CA TRP H 19 -11.63 -7.94 8.51
C TRP H 19 -10.76 -6.95 7.75
N MET H 20 -10.67 -5.72 8.24
CA MET H 20 -9.91 -4.71 7.53
C MET H 20 -8.48 -4.60 8.00
N SER H 21 -8.15 -5.23 9.13
CA SER H 21 -6.79 -5.35 9.66
C SER H 21 -6.14 -4.00 9.89
N SER H 22 -6.70 -3.26 10.86
CA SER H 22 -6.21 -1.94 11.30
C SER H 22 -6.19 -0.91 10.18
N GLU H 23 -7.08 -1.05 9.20
CA GLU H 23 -7.22 -0.06 8.16
C GLU H 23 -8.46 0.80 8.38
N GLY H 24 -9.47 0.27 9.07
CA GLY H 24 -10.66 1.07 9.35
C GLY H 24 -10.41 2.18 10.35
N ALA H 25 -9.49 1.95 11.29
CA ALA H 25 -9.16 2.97 12.29
C ALA H 25 -8.49 4.16 11.64
N TRP H 26 -7.46 3.90 10.83
CA TRP H 26 -6.81 4.96 10.08
C TRP H 26 -7.73 5.57 9.04
N LYS H 27 -8.69 4.79 8.52
CA LYS H 27 -9.72 5.32 7.64
C LYS H 27 -10.54 6.40 8.32
N HIS H 28 -11.02 6.08 9.52
CA HIS H 28 -11.81 7.00 10.33
C HIS H 28 -11.03 8.28 10.66
N ALA H 29 -9.79 8.11 11.11
CA ALA H 29 -8.98 9.26 11.52
C ALA H 29 -8.63 10.13 10.32
N GLN H 30 -8.29 9.52 9.19
CA GLN H 30 -7.89 10.30 8.02
C GLN H 30 -9.09 11.02 7.40
N ARG H 31 -10.28 10.41 7.45
CA ARG H 31 -11.40 11.13 6.86
C ARG H 31 -11.85 12.28 7.76
N ILE H 32 -11.73 12.16 9.09
CA ILE H 32 -12.13 13.30 9.90
C ILE H 32 -11.06 14.40 9.83
N GLU H 33 -9.79 14.02 9.65
CA GLU H 33 -8.75 15.03 9.45
C GLU H 33 -8.93 15.74 8.11
N THR H 34 -9.31 14.99 7.07
CA THR H 34 -9.56 15.57 5.76
C THR H 34 -10.74 16.53 5.79
N TRP H 35 -11.80 16.15 6.52
CA TRP H 35 -12.96 17.02 6.62
C TRP H 35 -12.66 18.27 7.42
N ILE H 36 -11.79 18.18 8.43
CA ILE H 36 -11.34 19.39 9.14
C ILE H 36 -10.53 20.28 8.19
N LEU H 37 -9.70 19.65 7.35
CA LEU H 37 -8.85 20.42 6.45
C LEU H 37 -9.66 21.10 5.35
N ARG H 38 -10.80 20.52 4.98
CA ARG H 38 -11.59 21.17 3.93
C ARG H 38 -12.43 22.32 4.47
N HIS H 39 -12.89 22.23 5.71
CA HIS H 39 -13.83 23.20 6.27
C HIS H 39 -13.24 23.86 7.50
N PRO H 40 -12.37 24.86 7.32
CA PRO H 40 -11.71 25.45 8.48
C PRO H 40 -12.61 26.35 9.30
N GLY H 41 -13.66 26.89 8.67
CA GLY H 41 -14.50 27.86 9.36
C GLY H 41 -15.29 27.23 10.50
N PHE H 42 -15.73 26.00 10.31
CA PHE H 42 -16.43 25.31 11.40
C PHE H 42 -15.47 24.96 12.53
N THR H 43 -14.21 24.71 12.19
CA THR H 43 -13.20 24.48 13.23
C THR H 43 -12.97 25.73 14.05
N ILE H 44 -12.94 26.88 13.39
CA ILE H 44 -12.77 28.15 14.10
C ILE H 44 -14.00 28.43 14.97
N MET H 45 -15.18 28.10 14.46
CA MET H 45 -16.41 28.28 15.23
C MET H 45 -16.44 27.38 16.45
N ALA H 46 -15.95 26.15 16.30
CA ALA H 46 -15.90 25.22 17.42
C ALA H 46 -14.88 25.68 18.45
N ALA H 47 -13.78 26.27 17.98
CA ALA H 47 -12.77 26.80 18.90
C ALA H 47 -13.30 27.97 19.69
N ILE H 48 -14.10 28.83 19.05
CA ILE H 48 -14.70 29.97 19.74
C ILE H 48 -15.71 29.49 20.76
N LEU H 49 -16.51 28.48 20.40
CA LEU H 49 -17.47 27.93 21.35
C LEU H 49 -16.78 27.26 22.52
N ALA H 50 -15.65 26.60 22.26
CA ALA H 50 -14.89 25.99 23.34
C ALA H 50 -14.30 27.03 24.26
N TYR H 51 -13.88 28.17 23.71
CA TYR H 51 -13.38 29.24 24.55
C TYR H 51 -14.49 29.93 25.33
N THR H 52 -15.71 29.93 24.81
CA THR H 52 -16.77 30.65 25.51
C THR H 52 -17.43 29.82 26.60
N ILE H 53 -17.83 28.60 26.29
CA ILE H 53 -18.52 27.77 27.27
C ILE H 53 -17.50 26.82 27.89
N GLY H 54 -17.73 26.40 29.13
CA GLY H 54 -16.68 25.67 29.82
C GLY H 54 -15.80 26.58 30.66
N THR H 55 -14.74 27.08 30.01
CA THR H 55 -13.75 28.09 30.43
C THR H 55 -12.72 27.55 31.40
N THR H 56 -12.87 26.34 31.92
CA THR H 56 -11.70 25.65 32.44
C THR H 56 -11.06 24.88 31.30
N TYR H 57 -9.72 24.91 31.24
CA TYR H 57 -8.94 24.57 30.05
C TYR H 57 -9.17 23.15 29.56
N PHE H 58 -9.32 22.22 30.51
CA PHE H 58 -9.54 20.82 30.16
C PHE H 58 -10.90 20.63 29.52
N GLN H 59 -11.91 21.34 30.04
CA GLN H 59 -13.24 21.28 29.47
C GLN H 59 -13.25 21.86 28.07
N ARG H 60 -12.48 22.93 27.86
CA ARG H 60 -12.34 23.56 26.56
C ARG H 60 -11.77 22.58 25.54
N VAL H 61 -10.68 21.90 25.89
CA VAL H 61 -10.03 20.96 24.97
C VAL H 61 -10.95 19.78 24.67
N LEU H 62 -11.65 19.30 25.70
CA LEU H 62 -12.60 18.20 25.54
C LEU H 62 -13.72 18.53 24.57
N ILE H 63 -14.38 19.68 24.77
CA ILE H 63 -15.51 19.94 23.89
C ILE H 63 -15.05 20.40 22.52
N PHE H 64 -13.81 20.88 22.40
CA PHE H 64 -13.31 21.20 21.08
C PHE H 64 -13.03 19.95 20.27
N ILE H 65 -12.40 18.94 20.89
CA ILE H 65 -12.14 17.72 20.12
C ILE H 65 -13.44 16.97 19.86
N LEU H 66 -14.43 17.14 20.73
CA LEU H 66 -15.74 16.56 20.47
C LEU H 66 -16.45 17.24 19.31
N LEU H 67 -16.49 18.57 19.28
CA LEU H 67 -17.11 19.25 18.15
C LEU H 67 -16.32 19.14 16.86
N THR H 68 -15.05 18.72 16.91
CA THR H 68 -14.45 18.26 15.67
C THR H 68 -14.95 16.88 15.30
N ALA H 69 -15.29 16.07 16.30
CA ALA H 69 -15.72 14.71 16.00
C ALA H 69 -17.23 14.57 15.85
N VAL H 70 -18.01 15.65 15.95
CA VAL H 70 -19.47 15.50 15.87
C VAL H 70 -19.95 15.34 14.45
N THR H 71 -19.08 15.50 13.45
CA THR H 71 -19.51 15.40 12.07
C THR H 71 -19.92 13.97 11.74
N PRO H 72 -20.99 13.77 10.95
CA PRO H 72 -21.42 12.41 10.58
C PRO H 72 -20.53 11.81 9.49
N GLU I 1 1.71 -40.49 -15.63
CA GLU I 1 2.86 -40.75 -14.78
C GLU I 1 3.62 -39.49 -14.45
N VAL I 2 4.81 -39.65 -13.87
CA VAL I 2 5.69 -38.54 -13.56
C VAL I 2 6.19 -37.96 -14.88
N GLN I 3 5.67 -36.80 -15.25
CA GLN I 3 5.86 -36.40 -16.64
C GLN I 3 5.72 -34.90 -16.79
N LEU I 4 6.53 -34.34 -17.69
CA LEU I 4 6.38 -32.98 -18.15
C LEU I 4 6.38 -33.03 -19.67
N VAL I 5 5.72 -32.06 -20.30
CA VAL I 5 5.61 -31.97 -21.75
C VAL I 5 5.94 -30.53 -22.14
N GLN I 6 6.84 -30.35 -23.08
CA GLN I 6 7.12 -28.99 -23.55
C GLN I 6 6.45 -28.73 -24.89
N SER I 7 6.65 -27.51 -25.40
CA SER I 7 6.09 -27.13 -26.68
C SER I 7 7.03 -27.53 -27.81
N GLY I 8 6.54 -27.35 -29.04
CA GLY I 8 7.30 -27.68 -30.22
C GLY I 8 8.40 -26.67 -30.50
N PRO I 9 9.30 -27.01 -31.42
CA PRO I 9 10.40 -26.11 -31.75
C PRO I 9 9.93 -24.90 -32.52
N ASP I 10 10.60 -23.77 -32.29
CA ASP I 10 10.21 -22.50 -32.87
C ASP I 10 11.42 -21.80 -33.48
N VAL I 11 11.14 -20.96 -34.47
CA VAL I 11 12.14 -20.12 -35.10
C VAL I 11 11.63 -18.69 -35.08
N GLU I 12 12.45 -17.78 -34.55
CA GLU I 12 12.05 -16.39 -34.44
C GLU I 12 13.12 -15.48 -35.03
N LYS I 13 12.76 -14.21 -35.16
CA LYS I 13 13.62 -13.18 -35.72
C LYS I 13 14.55 -12.62 -34.64
N PRO I 14 15.70 -12.07 -35.02
CA PRO I 14 16.55 -11.39 -34.06
C PRO I 14 15.88 -10.14 -33.50
N GLY I 15 16.03 -9.97 -32.18
CA GLY I 15 15.37 -8.88 -31.49
C GLY I 15 13.94 -9.13 -31.09
N ALA I 16 13.37 -10.28 -31.46
CA ALA I 16 12.00 -10.62 -31.09
C ALA I 16 11.99 -11.26 -29.70
N SER I 17 10.87 -11.87 -29.35
CA SER I 17 10.74 -12.58 -28.08
C SER I 17 10.01 -13.89 -28.34
N VAL I 18 10.39 -14.92 -27.59
CA VAL I 18 9.85 -16.25 -27.79
C VAL I 18 9.25 -16.75 -26.48
N LYS I 19 8.23 -17.59 -26.57
CA LYS I 19 7.52 -18.13 -25.42
C LYS I 19 7.47 -19.64 -25.50
N VAL I 20 7.97 -20.31 -24.47
CA VAL I 20 8.04 -21.75 -24.40
C VAL I 20 7.23 -22.23 -23.21
N SER I 21 6.34 -23.20 -23.45
CA SER I 21 5.46 -23.74 -22.42
C SER I 21 6.07 -24.98 -21.81
N CYS I 22 5.55 -25.35 -20.63
CA CYS I 22 6.03 -26.51 -19.89
C CYS I 22 4.86 -27.00 -19.05
N LYS I 23 4.17 -28.03 -19.52
CA LYS I 23 2.96 -28.54 -18.90
C LYS I 23 3.29 -29.75 -18.05
N ALA I 24 2.61 -29.89 -16.92
CA ALA I 24 2.93 -30.90 -15.93
C ALA I 24 1.87 -31.98 -15.89
N SER I 25 2.27 -33.17 -15.42
CA SER I 25 1.32 -34.24 -15.17
C SER I 25 1.91 -35.24 -14.19
N GLY I 26 1.04 -35.72 -13.31
CA GLY I 26 1.32 -36.89 -12.50
C GLY I 26 1.50 -36.66 -11.02
N TYR I 27 1.16 -35.49 -10.52
CA TYR I 27 1.54 -35.07 -9.17
C TYR I 27 0.75 -33.81 -8.86
N THR I 28 1.02 -33.21 -7.70
CA THR I 28 0.38 -31.98 -7.30
C THR I 28 1.26 -30.81 -7.72
N PHE I 29 0.76 -29.98 -8.65
CA PHE I 29 1.58 -29.02 -9.38
C PHE I 29 2.26 -27.99 -8.50
N THR I 30 1.73 -27.73 -7.31
CA THR I 30 2.41 -26.85 -6.37
C THR I 30 3.24 -27.61 -5.34
N SER I 31 3.79 -28.76 -5.69
CA SER I 31 4.68 -29.48 -4.78
C SER I 31 6.12 -29.50 -5.27
N ASN I 32 6.45 -28.74 -6.30
CA ASN I 32 7.78 -28.68 -6.85
C ASN I 32 7.99 -27.35 -7.55
N TYR I 33 9.23 -26.88 -7.57
CA TYR I 33 9.58 -25.70 -8.34
C TYR I 33 9.84 -26.08 -9.79
N ILE I 34 9.83 -25.09 -10.68
CA ILE I 34 10.15 -25.32 -12.09
C ILE I 34 11.38 -24.48 -12.43
N HIS I 35 12.31 -25.10 -13.14
CA HIS I 35 13.56 -24.45 -13.46
C HIS I 35 13.87 -24.67 -14.92
N TRP I 36 14.40 -23.62 -15.54
CA TRP I 36 14.67 -23.56 -16.97
C TRP I 36 16.17 -23.53 -17.22
N VAL I 37 16.61 -24.39 -18.15
CA VAL I 37 18.01 -24.64 -18.44
C VAL I 37 18.17 -24.68 -19.96
N ARG I 38 19.17 -23.99 -20.48
CA ARG I 38 19.44 -23.97 -21.90
C ARG I 38 20.64 -24.85 -22.23
N GLN I 39 20.80 -25.13 -23.52
CA GLN I 39 21.96 -25.84 -24.04
C GLN I 39 22.19 -25.43 -25.48
N ALA I 40 23.26 -24.69 -25.72
CA ALA I 40 23.69 -24.48 -27.09
C ALA I 40 24.25 -25.78 -27.66
N PRO I 41 24.13 -26.00 -28.98
CA PRO I 41 24.59 -27.28 -29.54
C PRO I 41 26.10 -27.50 -29.46
N GLY I 42 26.88 -26.43 -29.60
CA GLY I 42 28.32 -26.54 -29.47
C GLY I 42 28.79 -26.21 -28.08
N GLN I 43 28.03 -26.61 -27.08
CA GLN I 43 28.28 -26.25 -25.70
C GLN I 43 27.59 -27.28 -24.82
N GLY I 44 27.95 -27.31 -23.54
CA GLY I 44 27.19 -28.07 -22.57
C GLY I 44 25.95 -27.34 -22.09
N LEU I 45 25.54 -27.62 -20.86
CA LEU I 45 24.31 -27.05 -20.32
C LEU I 45 24.58 -25.73 -19.64
N GLU I 46 23.51 -24.95 -19.46
CA GLU I 46 23.60 -23.63 -18.87
C GLU I 46 22.26 -23.27 -18.25
N TRP I 47 22.29 -22.81 -17.01
CA TRP I 47 21.07 -22.56 -16.25
C TRP I 47 20.51 -21.19 -16.62
N MET I 48 19.21 -21.14 -16.87
CA MET I 48 18.58 -19.85 -17.18
C MET I 48 17.93 -19.26 -15.95
N GLY I 49 17.01 -19.98 -15.31
CA GLY I 49 16.34 -19.40 -14.18
C GLY I 49 15.35 -20.32 -13.49
N VAL I 50 14.52 -19.71 -12.66
CA VAL I 50 13.73 -20.42 -11.65
C VAL I 50 12.39 -19.72 -11.48
N ILE I 51 11.31 -20.50 -11.47
CA ILE I 51 9.99 -20.04 -11.09
C ILE I 51 9.44 -21.01 -10.04
N ASN I 52 8.61 -20.48 -9.14
CA ASN I 52 7.82 -21.29 -8.24
C ASN I 52 6.40 -21.34 -8.75
N PRO I 53 5.77 -22.52 -8.85
CA PRO I 53 4.35 -22.55 -9.18
C PRO I 53 3.45 -22.04 -8.07
N ARG I 54 3.66 -22.47 -6.84
CA ARG I 54 2.88 -21.95 -5.73
C ARG I 54 3.29 -20.51 -5.48
N GLY I 55 2.41 -19.57 -5.79
CA GLY I 55 2.69 -18.16 -5.61
C GLY I 55 3.23 -17.45 -6.85
N GLY I 56 4.45 -17.76 -7.28
CA GLY I 56 4.93 -17.26 -8.54
C GLY I 56 6.15 -16.37 -8.53
N SER I 57 6.99 -16.46 -7.51
CA SER I 57 8.25 -15.72 -7.55
C SER I 57 9.18 -16.31 -8.60
N THR I 58 10.08 -15.49 -9.11
CA THR I 58 11.05 -15.92 -10.10
C THR I 58 12.41 -15.41 -9.70
N ALA I 59 13.43 -15.98 -10.34
CA ALA I 59 14.75 -15.37 -10.39
C ALA I 59 15.47 -15.91 -11.62
N SER I 60 16.64 -15.35 -11.90
CA SER I 60 17.42 -15.78 -13.05
C SER I 60 18.89 -15.45 -12.82
N ALA I 61 19.71 -15.93 -13.74
CA ALA I 61 21.14 -15.75 -13.63
C ALA I 61 21.54 -14.38 -14.18
N GLN I 62 22.80 -14.02 -13.94
CA GLN I 62 23.28 -12.70 -14.32
C GLN I 62 23.46 -12.58 -15.83
N LYS I 63 23.58 -13.70 -16.52
CA LYS I 63 23.73 -13.66 -17.98
C LYS I 63 22.43 -13.31 -18.66
N PHE I 64 21.32 -13.44 -17.96
CA PHE I 64 20.01 -13.08 -18.47
C PHE I 64 19.40 -11.90 -17.73
N GLN I 65 20.20 -10.88 -17.40
CA GLN I 65 19.72 -9.72 -16.68
C GLN I 65 18.72 -8.93 -17.51
N GLY I 66 17.44 -9.03 -17.12
CA GLY I 66 16.40 -8.26 -17.75
C GLY I 66 15.92 -8.77 -19.08
N ARG I 67 16.31 -9.98 -19.48
CA ARG I 67 15.93 -10.52 -20.79
C ARG I 67 14.88 -11.60 -20.71
N ILE I 68 14.56 -12.10 -19.52
CA ILE I 68 13.77 -13.31 -19.37
C ILE I 68 12.60 -13.03 -18.43
N THR I 69 11.46 -13.65 -18.68
CA THR I 69 10.25 -13.48 -17.89
C THR I 69 9.62 -14.86 -17.70
N MET I 70 9.10 -15.14 -16.51
CA MET I 70 8.52 -16.44 -16.25
C MET I 70 7.14 -16.26 -15.62
N THR I 71 6.13 -16.87 -16.23
CA THR I 71 4.77 -16.87 -15.67
C THR I 71 4.28 -18.30 -15.59
N ARG I 72 3.01 -18.45 -15.25
CA ARG I 72 2.43 -19.78 -15.09
C ARG I 72 0.92 -19.69 -15.25
N ASP I 73 0.29 -20.86 -15.31
CA ASP I 73 -1.14 -21.00 -15.15
C ASP I 73 -1.36 -22.18 -14.22
N THR I 74 -1.92 -21.89 -13.03
CA THR I 74 -2.13 -22.92 -12.03
C THR I 74 -3.26 -23.86 -12.44
N SER I 75 -4.23 -23.34 -13.20
CA SER I 75 -5.37 -24.14 -13.61
C SER I 75 -4.97 -25.21 -14.62
N THR I 76 -4.11 -24.86 -15.55
CA THR I 76 -3.63 -25.83 -16.53
C THR I 76 -2.34 -26.51 -16.08
N SER I 77 -1.78 -26.10 -14.95
CA SER I 77 -0.52 -26.61 -14.39
C SER I 77 0.62 -26.45 -15.38
N THR I 78 0.82 -25.22 -15.84
CA THR I 78 1.73 -24.97 -16.95
C THR I 78 2.62 -23.78 -16.60
N VAL I 79 3.85 -23.80 -17.09
CA VAL I 79 4.82 -22.75 -16.85
C VAL I 79 5.27 -22.17 -18.18
N TYR I 80 5.26 -20.84 -18.28
CA TYR I 80 5.63 -20.15 -19.50
C TYR I 80 6.95 -19.42 -19.29
N MET I 81 7.91 -19.65 -20.16
CA MET I 81 9.13 -18.86 -20.20
C MET I 81 9.13 -17.98 -21.43
N GLU I 82 9.42 -16.70 -21.25
CA GLU I 82 9.44 -15.74 -22.34
C GLU I 82 10.80 -15.08 -22.38
N LEU I 83 11.56 -15.36 -23.43
CA LEU I 83 12.87 -14.78 -23.59
C LEU I 83 12.79 -13.61 -24.56
N SER I 84 13.27 -12.46 -24.12
CA SER I 84 13.21 -11.23 -24.88
C SER I 84 14.60 -10.84 -25.35
N SER I 85 14.62 -9.94 -26.36
CA SER I 85 15.83 -9.49 -27.05
C SER I 85 16.62 -10.67 -27.60
N LEU I 86 16.00 -11.39 -28.53
CA LEU I 86 16.62 -12.57 -29.10
C LEU I 86 17.76 -12.19 -30.02
N ARG I 87 18.89 -12.88 -29.87
CA ARG I 87 20.01 -12.77 -30.79
C ARG I 87 20.41 -14.18 -31.21
N SER I 88 21.45 -14.25 -32.05
CA SER I 88 21.83 -15.52 -32.66
C SER I 88 22.41 -16.49 -31.65
N ASP I 89 22.88 -15.99 -30.51
CA ASP I 89 23.42 -16.87 -29.48
C ASP I 89 22.33 -17.62 -28.75
N ASP I 90 21.08 -17.16 -28.87
CA ASP I 90 19.99 -17.78 -28.13
C ASP I 90 19.49 -19.06 -28.79
N THR I 91 19.99 -19.38 -29.98
CA THR I 91 19.60 -20.61 -30.66
C THR I 91 20.11 -21.81 -29.89
N ALA I 92 19.19 -22.54 -29.25
CA ALA I 92 19.57 -23.54 -28.27
C ALA I 92 18.39 -24.47 -28.01
N VAL I 93 18.62 -25.50 -27.21
CA VAL I 93 17.58 -26.39 -26.74
C VAL I 93 17.25 -26.00 -25.31
N TYR I 94 15.96 -25.95 -24.99
CA TYR I 94 15.47 -25.46 -23.71
C TYR I 94 14.78 -26.59 -22.95
N TYR I 95 14.92 -26.50 -21.62
CA TYR I 95 14.64 -27.57 -20.67
C TYR I 95 13.96 -26.98 -19.44
N CYS I 96 13.05 -27.74 -18.85
CA CYS I 96 12.34 -27.29 -17.66
C CYS I 96 12.16 -28.43 -16.66
N ALA I 97 13.05 -28.48 -15.67
CA ALA I 97 12.99 -29.52 -14.64
C ALA I 97 12.22 -29.04 -13.42
N ARG I 98 12.16 -29.89 -12.39
CA ARG I 98 11.45 -29.56 -11.17
C ARG I 98 12.36 -29.72 -9.94
N GLY I 99 12.01 -29.02 -8.87
CA GLY I 99 12.80 -29.08 -7.64
C GLY I 99 11.95 -29.39 -6.43
N GLY I 100 12.55 -30.08 -5.47
CA GLY I 100 11.92 -30.72 -4.32
C GLY I 100 11.07 -29.87 -3.39
N ARG I 101 11.17 -28.56 -3.56
CA ARG I 101 10.37 -27.55 -2.85
C ARG I 101 10.53 -27.14 -1.38
N ALA I 102 11.08 -25.95 -1.17
CA ALA I 102 11.12 -25.34 0.16
C ALA I 102 9.66 -24.93 0.10
N LEU I 103 8.82 -25.41 1.01
CA LEU I 103 7.40 -25.20 0.69
C LEU I 103 7.00 -23.88 0.06
N PHE I 104 7.27 -22.75 0.73
CA PHE I 104 6.76 -21.46 0.26
C PHE I 104 7.30 -21.03 -1.09
N TYR I 105 8.58 -20.62 -1.17
CA TYR I 105 9.09 -19.97 -2.39
C TYR I 105 10.52 -20.42 -2.65
N ASP I 106 11.07 -19.73 -3.65
CA ASP I 106 12.43 -19.77 -4.26
C ASP I 106 13.37 -20.98 -4.38
N SER I 107 14.58 -20.67 -4.85
CA SER I 107 15.64 -21.65 -5.13
C SER I 107 16.56 -22.06 -3.98
N TYR I 108 15.98 -22.29 -2.82
CA TYR I 108 16.73 -22.76 -1.66
C TYR I 108 17.68 -23.90 -1.96
N THR I 109 18.71 -23.97 -1.13
CA THR I 109 19.82 -24.91 -1.31
C THR I 109 20.14 -25.66 -0.03
N THR I 110 19.75 -25.12 1.12
CA THR I 110 20.04 -25.78 2.39
C THR I 110 19.14 -26.99 2.69
N PRO I 111 17.88 -26.96 2.24
CA PRO I 111 17.01 -28.12 2.47
C PRO I 111 17.58 -29.27 1.64
N ARG I 112 18.47 -30.04 2.24
CA ARG I 112 19.14 -31.17 1.56
C ARG I 112 19.73 -30.71 0.24
N ASP I 113 19.04 -31.04 -0.87
CA ASP I 113 19.49 -30.67 -2.20
C ASP I 113 18.33 -30.76 -3.18
N GLY I 114 18.29 -29.88 -4.17
CA GLY I 114 17.20 -29.93 -5.12
C GLY I 114 16.91 -31.35 -5.53
N GLY I 115 17.91 -32.04 -6.05
CA GLY I 115 17.82 -33.47 -6.25
C GLY I 115 17.90 -33.94 -7.69
N SER I 116 17.96 -33.00 -8.63
CA SER I 116 18.17 -33.20 -10.07
C SER I 116 18.29 -31.83 -10.73
N TRP I 117 19.09 -31.71 -11.82
CA TRP I 117 19.10 -30.41 -12.50
C TRP I 117 19.37 -30.48 -14.02
N TRP I 118 18.72 -31.36 -14.77
CA TRP I 118 17.27 -31.60 -14.77
C TRP I 118 16.81 -32.73 -15.63
N PHE I 119 16.80 -33.94 -15.12
CA PHE I 119 16.63 -35.07 -16.01
C PHE I 119 15.75 -36.17 -15.43
N ASP I 120 15.20 -36.03 -14.22
CA ASP I 120 14.18 -36.99 -13.82
C ASP I 120 12.84 -36.70 -14.52
N PRO I 121 12.17 -35.51 -14.33
CA PRO I 121 10.80 -35.45 -14.82
C PRO I 121 10.61 -34.71 -16.13
N TRP I 122 11.70 -34.34 -16.81
CA TRP I 122 11.79 -33.01 -17.41
C TRP I 122 10.95 -32.78 -18.66
N GLY I 123 10.84 -33.75 -19.56
CA GLY I 123 10.13 -33.46 -20.78
C GLY I 123 10.85 -33.94 -22.03
N GLN I 124 10.58 -33.28 -23.16
CA GLN I 124 11.09 -33.75 -24.45
C GLN I 124 11.93 -32.72 -25.20
N GLY I 125 11.87 -31.44 -24.82
CA GLY I 125 12.84 -30.48 -25.30
C GLY I 125 12.31 -29.45 -26.26
N SER I 126 12.72 -28.19 -26.11
CA SER I 126 12.21 -27.18 -27.03
C SER I 126 13.37 -26.53 -27.76
N LEU I 127 13.48 -26.80 -29.07
CA LEU I 127 14.52 -26.18 -29.88
C LEU I 127 14.06 -24.80 -30.34
N VAL I 128 14.89 -23.79 -30.10
CA VAL I 128 14.58 -22.42 -30.48
C VAL I 128 15.71 -21.90 -31.35
N THR I 129 15.37 -21.44 -32.55
CA THR I 129 16.35 -20.96 -33.51
C THR I 129 16.08 -19.51 -33.85
N VAL I 130 17.08 -18.66 -33.64
CA VAL I 130 16.97 -17.25 -33.98
C VAL I 130 17.64 -17.05 -35.34
N SER I 131 16.85 -16.71 -36.34
CA SER I 131 17.37 -16.50 -37.68
C SER I 131 16.54 -15.46 -38.41
N SER I 132 17.05 -15.04 -39.55
CA SER I 132 16.34 -14.10 -40.41
C SER I 132 15.56 -14.85 -41.48
N ASP J 1 29.30 -17.87 -10.94
CA ASP J 1 30.66 -17.51 -10.43
C ASP J 1 31.42 -18.79 -10.10
N ILE J 2 30.89 -19.59 -9.17
CA ILE J 2 31.54 -20.86 -8.75
C ILE J 2 31.80 -21.72 -10.00
N GLN J 3 33.08 -21.93 -10.33
CA GLN J 3 33.45 -22.74 -11.53
C GLN J 3 33.46 -24.23 -11.18
N LEU J 4 33.45 -25.08 -12.21
CA LEU J 4 33.43 -26.53 -12.08
C LEU J 4 34.17 -27.14 -13.26
N THR J 5 35.32 -27.73 -13.00
CA THR J 5 36.13 -28.35 -14.03
C THR J 5 35.90 -29.85 -14.04
N GLN J 6 35.68 -30.38 -15.23
CA GLN J 6 35.37 -31.79 -15.43
C GLN J 6 36.50 -32.42 -16.23
N SER J 7 36.95 -33.60 -15.80
CA SER J 7 38.11 -34.21 -16.39
C SER J 7 37.96 -35.73 -16.46
N PRO J 8 38.38 -36.35 -17.57
CA PRO J 8 38.87 -35.69 -18.78
C PRO J 8 37.72 -35.34 -19.73
N SER J 9 38.06 -34.72 -20.86
CA SER J 9 37.00 -34.20 -21.73
C SER J 9 36.37 -35.30 -22.57
N SER J 10 37.11 -36.35 -22.87
CA SER J 10 36.59 -37.42 -23.71
C SER J 10 37.39 -38.68 -23.45
N LEU J 11 36.71 -39.82 -23.49
CA LEU J 11 37.35 -41.10 -23.24
C LEU J 11 36.86 -42.15 -24.22
N SER J 12 37.70 -43.16 -24.43
CA SER J 12 37.35 -44.35 -25.16
C SER J 12 37.76 -45.56 -24.34
N ALA J 13 36.87 -46.55 -24.26
CA ALA J 13 37.16 -47.74 -23.50
C ALA J 13 36.40 -48.91 -24.11
N SER J 14 36.77 -50.12 -23.71
CA SER J 14 36.11 -51.31 -24.20
C SER J 14 34.98 -51.71 -23.27
N VAL J 15 34.17 -52.67 -23.74
CA VAL J 15 33.01 -53.10 -22.99
C VAL J 15 33.45 -53.90 -21.77
N GLY J 16 32.94 -53.52 -20.60
CA GLY J 16 33.28 -54.17 -19.36
C GLY J 16 34.33 -53.47 -18.54
N ASP J 17 34.86 -52.34 -19.00
CA ASP J 17 35.91 -51.67 -18.27
C ASP J 17 35.35 -50.85 -17.12
N ARG J 18 36.24 -50.46 -16.22
CA ARG J 18 35.90 -49.56 -15.12
C ARG J 18 36.46 -48.18 -15.42
N VAL J 19 35.58 -47.18 -15.45
CA VAL J 19 35.98 -45.84 -15.83
C VAL J 19 35.62 -44.86 -14.72
N THR J 20 36.51 -43.89 -14.49
CA THR J 20 36.33 -42.89 -13.45
C THR J 20 36.46 -41.49 -14.02
N PHE J 21 35.66 -40.59 -13.48
CA PHE J 21 35.59 -39.18 -13.85
C PHE J 21 35.91 -38.34 -12.63
N THR J 22 36.52 -37.18 -12.85
CA THR J 22 36.92 -36.32 -11.75
C THR J 22 36.41 -34.92 -12.00
N CYS J 23 35.68 -34.39 -11.03
CA CYS J 23 35.24 -33.00 -11.10
C CYS J 23 35.77 -32.23 -9.90
N GLN J 24 36.26 -31.02 -10.18
CA GLN J 24 36.90 -30.17 -9.20
C GLN J 24 36.16 -28.85 -9.14
N ALA J 25 35.93 -28.35 -7.93
CA ALA J 25 35.23 -27.10 -7.72
C ALA J 25 36.16 -26.09 -7.06
N SER J 26 36.00 -24.82 -7.44
CA SER J 26 36.83 -23.77 -6.86
C SER J 26 36.39 -23.43 -5.44
N GLN J 27 35.19 -23.83 -5.04
CA GLN J 27 34.68 -23.57 -3.71
C GLN J 27 34.33 -24.88 -3.04
N ASP J 28 33.97 -24.80 -1.76
CA ASP J 28 33.48 -25.97 -1.06
C ASP J 28 32.02 -26.20 -1.42
N ILE J 29 31.74 -27.36 -2.00
CA ILE J 29 30.38 -27.73 -2.39
C ILE J 29 29.89 -28.97 -1.67
N ARG J 30 30.22 -29.11 -0.38
CA ARG J 30 30.49 -30.32 0.38
C ARG J 30 29.77 -31.62 -0.02
N LYS J 31 28.50 -31.56 -0.36
CA LYS J 31 27.83 -32.75 -0.89
C LYS J 31 26.96 -32.43 -2.09
N TYR J 32 26.86 -31.17 -2.46
CA TYR J 32 25.90 -30.74 -3.47
C TYR J 32 26.50 -30.97 -4.84
N LEU J 33 26.29 -32.17 -5.37
CA LEU J 33 26.81 -32.49 -6.69
C LEU J 33 25.87 -33.52 -7.31
N ASN J 34 25.74 -33.46 -8.62
CA ASN J 34 24.91 -34.42 -9.33
C ASN J 34 25.61 -34.88 -10.60
N TRP J 35 25.35 -36.12 -10.98
CA TRP J 35 25.96 -36.75 -12.14
C TRP J 35 24.84 -37.19 -13.08
N TYR J 36 24.96 -36.82 -14.36
CA TYR J 36 23.95 -37.11 -15.38
C TYR J 36 24.58 -37.75 -16.60
N GLN J 37 23.81 -38.61 -17.24
CA GLN J 37 24.15 -39.06 -18.59
C GLN J 37 23.28 -38.31 -19.58
N GLN J 38 23.75 -38.25 -20.82
CA GLN J 38 22.98 -37.66 -21.91
C GLN J 38 23.25 -38.44 -23.19
N LYS J 39 22.28 -39.14 -23.63
CA LYS J 39 22.42 -39.71 -24.95
C LYS J 39 22.19 -38.62 -26.00
N PRO J 40 22.97 -38.63 -27.08
CA PRO J 40 23.00 -37.47 -27.98
C PRO J 40 21.71 -37.29 -28.75
N GLY J 41 21.11 -36.11 -28.57
CA GLY J 41 19.87 -35.77 -29.24
C GLY J 41 18.68 -36.50 -28.67
N LYS J 42 18.81 -36.98 -27.45
CA LYS J 42 17.80 -37.82 -26.83
C LYS J 42 17.31 -37.19 -25.53
N ALA J 43 16.45 -37.93 -24.82
CA ALA J 43 15.99 -37.52 -23.50
C ALA J 43 16.90 -38.13 -22.43
N PRO J 44 17.60 -37.30 -21.68
CA PRO J 44 18.65 -37.81 -20.80
C PRO J 44 18.13 -38.14 -19.41
N LYS J 45 19.04 -38.68 -18.59
CA LYS J 45 18.64 -39.36 -17.36
C LYS J 45 19.63 -39.02 -16.26
N LEU J 46 19.11 -38.83 -15.05
CA LEU J 46 19.93 -38.68 -13.86
C LEU J 46 20.64 -40.00 -13.53
N LEU J 47 21.87 -39.90 -13.05
CA LEU J 47 22.54 -41.07 -12.51
C LEU J 47 22.71 -40.98 -11.00
N ILE J 48 23.37 -39.92 -10.52
CA ILE J 48 23.78 -39.82 -9.12
C ILE J 48 23.32 -38.50 -8.55
N TYR J 49 22.61 -38.55 -7.43
CA TYR J 49 22.32 -37.36 -6.64
C TYR J 49 23.10 -37.43 -5.33
N ASP J 50 23.39 -36.24 -4.78
CA ASP J 50 24.18 -36.02 -3.57
C ASP J 50 25.60 -36.56 -3.67
N ALA J 51 26.08 -36.80 -4.89
CA ALA J 51 27.40 -37.34 -5.24
C ALA J 51 27.71 -38.71 -4.65
N SER J 52 26.74 -39.37 -4.02
CA SER J 52 26.97 -40.70 -3.47
C SER J 52 25.80 -41.65 -3.63
N ASN J 53 24.66 -41.21 -4.17
CA ASN J 53 23.44 -41.99 -4.08
C ASN J 53 22.93 -42.37 -5.47
N LEU J 54 22.50 -43.61 -5.61
CA LEU J 54 21.84 -44.05 -6.82
C LEU J 54 20.39 -43.61 -6.84
N LYS J 55 19.88 -43.37 -8.03
CA LYS J 55 18.45 -43.21 -8.23
C LYS J 55 17.83 -44.59 -8.45
N THR J 56 16.64 -44.79 -7.89
CA THR J 56 15.94 -46.05 -8.09
C THR J 56 15.54 -46.20 -9.55
N GLY J 57 15.87 -47.35 -10.13
CA GLY J 57 15.75 -47.54 -11.56
C GLY J 57 17.06 -47.43 -12.31
N VAL J 58 18.13 -46.96 -11.66
CA VAL J 58 19.45 -46.94 -12.26
C VAL J 58 20.15 -48.23 -11.85
N PRO J 59 20.80 -48.95 -12.77
CA PRO J 59 21.51 -50.17 -12.40
C PRO J 59 22.71 -49.88 -11.51
N SER J 60 23.16 -50.93 -10.82
CA SER J 60 24.10 -50.77 -9.72
C SER J 60 25.54 -50.58 -10.17
N ARG J 61 25.81 -50.57 -11.48
CA ARG J 61 27.18 -50.42 -11.96
C ARG J 61 27.70 -49.00 -11.80
N PHE J 62 26.85 -48.03 -11.47
CA PHE J 62 27.26 -46.65 -11.31
C PHE J 62 27.51 -46.35 -9.84
N SER J 63 28.47 -45.46 -9.59
CA SER J 63 28.76 -45.05 -8.23
C SER J 63 29.44 -43.69 -8.26
N GLY J 64 29.45 -43.02 -7.12
CA GLY J 64 30.13 -41.75 -6.98
C GLY J 64 30.64 -41.57 -5.56
N SER J 65 31.71 -40.80 -5.44
CA SER J 65 32.31 -40.54 -4.14
C SER J 65 33.04 -39.20 -4.18
N GLY J 66 33.53 -38.79 -3.03
CA GLY J 66 34.21 -37.53 -2.88
C GLY J 66 33.47 -36.58 -1.96
N SER J 67 34.24 -35.81 -1.19
CA SER J 67 33.61 -34.88 -0.26
C SER J 67 33.95 -33.42 -0.51
N GLY J 68 35.24 -33.07 -0.46
CA GLY J 68 35.59 -31.67 -0.35
C GLY J 68 35.37 -30.81 -1.60
N THR J 69 36.23 -31.01 -2.60
CA THR J 69 36.09 -30.36 -3.89
C THR J 69 36.30 -31.32 -5.05
N ASP J 70 36.97 -32.43 -4.82
CA ASP J 70 37.31 -33.39 -5.86
C ASP J 70 36.37 -34.57 -5.76
N PHE J 71 35.75 -34.91 -6.88
CA PHE J 71 34.70 -35.91 -6.85
C PHE J 71 34.94 -36.91 -7.97
N THR J 72 34.65 -38.18 -7.67
CA THR J 72 34.96 -39.27 -8.56
C THR J 72 33.69 -40.02 -8.89
N PHE J 73 33.38 -40.09 -10.18
CA PHE J 73 32.30 -40.91 -10.70
C PHE J 73 32.88 -42.18 -11.28
N THR J 74 32.16 -43.29 -11.12
CA THR J 74 32.75 -44.58 -11.44
C THR J 74 31.71 -45.51 -12.06
N ILE J 75 32.00 -45.99 -13.26
CA ILE J 75 31.26 -47.08 -13.86
C ILE J 75 32.09 -48.34 -13.71
N SER J 76 31.50 -49.36 -13.08
CA SER J 76 32.25 -50.58 -12.79
C SER J 76 32.47 -51.40 -14.04
N SER J 77 31.42 -51.65 -14.81
CA SER J 77 31.50 -52.43 -16.04
C SER J 77 30.85 -51.62 -17.16
N LEU J 78 31.65 -51.22 -18.13
CA LEU J 78 31.14 -50.42 -19.23
C LEU J 78 30.30 -51.29 -20.16
N GLN J 79 29.13 -50.78 -20.52
CA GLN J 79 28.17 -51.51 -21.32
C GLN J 79 27.83 -50.70 -22.57
N PRO J 80 27.43 -51.35 -23.67
CA PRO J 80 27.31 -50.61 -24.94
C PRO J 80 26.18 -49.61 -24.99
N GLU J 81 25.21 -49.70 -24.07
CA GLU J 81 24.18 -48.68 -23.99
C GLU J 81 24.59 -47.51 -23.13
N ASP J 82 25.83 -47.46 -22.65
CA ASP J 82 26.27 -46.38 -21.78
C ASP J 82 27.09 -45.34 -22.52
N VAL J 83 27.13 -45.39 -23.84
CA VAL J 83 27.76 -44.32 -24.61
C VAL J 83 26.91 -43.07 -24.52
N ALA J 84 27.43 -42.05 -23.84
CA ALA J 84 26.67 -40.84 -23.56
C ALA J 84 27.66 -39.74 -23.22
N THR J 85 27.16 -38.53 -23.12
CA THR J 85 27.90 -37.40 -22.59
C THR J 85 27.54 -37.24 -21.11
N TYR J 86 28.55 -37.26 -20.26
CA TYR J 86 28.34 -37.28 -18.82
C TYR J 86 28.70 -35.94 -18.22
N TYR J 87 27.83 -35.46 -17.33
CA TYR J 87 27.96 -34.15 -16.73
C TYR J 87 27.98 -34.27 -15.23
N CYS J 88 28.82 -33.43 -14.61
CA CYS J 88 28.77 -33.21 -13.18
C CYS J 88 28.28 -31.80 -12.95
N GLN J 89 27.63 -31.57 -11.82
CA GLN J 89 26.94 -30.30 -11.61
C GLN J 89 26.88 -29.93 -10.14
N GLN J 90 27.33 -28.70 -9.84
CA GLN J 90 27.20 -28.09 -8.53
C GLN J 90 25.76 -27.72 -8.28
N PHE J 91 25.37 -27.69 -7.02
CA PHE J 91 24.08 -27.16 -6.64
C PHE J 91 24.20 -25.94 -5.74
N ASP J 92 25.40 -25.67 -5.23
CA ASP J 92 25.53 -24.69 -4.17
C ASP J 92 25.60 -23.27 -4.72
N ASP J 93 25.09 -22.33 -3.92
CA ASP J 93 25.26 -20.87 -3.97
C ASP J 93 24.52 -20.17 -5.11
N LEU J 94 23.96 -20.91 -6.06
CA LEU J 94 23.00 -20.55 -7.11
C LEU J 94 23.33 -19.50 -8.17
N PRO J 95 24.55 -19.41 -8.71
CA PRO J 95 24.68 -19.23 -10.17
C PRO J 95 24.97 -20.57 -10.82
N ILE J 96 23.94 -21.42 -10.92
CA ILE J 96 24.11 -22.87 -11.00
C ILE J 96 24.85 -23.29 -12.25
N THR J 97 25.96 -23.99 -12.04
CA THR J 97 26.96 -24.19 -13.06
C THR J 97 27.12 -25.68 -13.29
N PHE J 98 27.23 -26.05 -14.56
CA PHE J 98 27.42 -27.41 -15.00
C PHE J 98 28.90 -27.67 -15.22
N GLY J 99 29.25 -28.94 -15.34
CA GLY J 99 30.53 -29.29 -15.89
C GLY J 99 30.54 -29.09 -17.40
N GLN J 100 31.73 -29.25 -17.99
CA GLN J 100 31.82 -29.10 -19.43
C GLN J 100 31.24 -30.30 -20.17
N GLY J 101 31.51 -31.50 -19.71
CA GLY J 101 31.01 -32.68 -20.38
C GLY J 101 32.09 -33.72 -20.55
N THR J 102 31.66 -34.98 -20.73
CA THR J 102 32.60 -36.06 -20.96
C THR J 102 31.96 -37.05 -21.91
N ARG J 103 32.47 -37.10 -23.15
CA ARG J 103 31.94 -38.01 -24.14
C ARG J 103 32.62 -39.37 -24.04
N LEU J 104 31.88 -40.42 -24.38
CA LEU J 104 32.39 -41.78 -24.40
C LEU J 104 32.32 -42.38 -25.79
N GLN J 105 33.28 -43.26 -26.06
CA GLN J 105 33.36 -43.99 -27.31
C GLN J 105 33.65 -45.44 -26.99
N ILE J 106 32.93 -46.34 -27.64
CA ILE J 106 33.09 -47.77 -27.39
C ILE J 106 34.18 -48.31 -28.30
N LYS J 107 35.10 -49.09 -27.74
CA LYS J 107 36.12 -49.74 -28.54
C LYS J 107 35.65 -51.10 -29.06
C1 NAG K . 60.76 -16.44 4.96
C2 NAG K . 62.19 -16.06 4.54
C3 NAG K . 62.49 -16.57 3.12
C4 NAG K . 62.22 -18.07 3.03
C5 NAG K . 60.76 -18.31 3.36
C6 NAG K . 60.35 -19.76 3.35
C7 NAG K . 63.55 -14.05 4.82
C8 NAG K . 63.56 -12.55 4.85
N2 NAG K . 62.38 -14.62 4.60
O3 NAG K . 63.85 -16.31 2.78
O4 NAG K . 62.55 -18.56 1.73
O5 NAG K . 60.52 -17.84 4.69
O6 NAG K . 61.21 -20.54 4.17
O7 NAG K . 64.58 -14.70 5.00
C1 NAG K . 63.65 -19.50 1.87
C2 NAG K . 63.59 -20.46 0.69
C3 NAG K . 64.72 -21.49 0.79
C4 NAG K . 66.07 -20.80 0.95
C5 NAG K . 66.02 -19.79 2.11
C6 NAG K . 67.29 -18.98 2.22
C7 NAG K . 61.48 -21.04 -0.45
C8 NAG K . 61.95 -20.21 -1.62
N2 NAG K . 62.30 -21.12 0.61
O3 NAG K . 64.72 -22.30 -0.38
O4 NAG K . 67.07 -21.77 1.19
O5 NAG K . 64.94 -18.87 1.92
O6 NAG K . 68.40 -19.65 1.66
O7 NAG K . 60.39 -21.61 -0.46
C1 NAG L . -53.24 21.83 -23.62
C2 NAG L . -54.67 21.25 -23.47
C3 NAG L . -54.97 20.25 -24.58
C4 NAG L . -54.70 20.85 -25.96
C5 NAG L . -53.23 21.26 -26.00
C6 NAG L . -52.81 21.90 -27.30
C7 NAG L . -56.01 20.44 -21.57
C8 NAG L . -55.96 19.76 -20.23
N2 NAG L . -54.83 20.62 -22.16
O3 NAG L . -56.35 19.86 -24.54
O4 NAG L . -55.00 19.90 -26.97
O5 NAG L . -53.01 22.25 -24.98
O6 NAG L . -53.69 22.96 -27.67
O7 NAG L . -57.06 20.80 -22.07
C1 NAG L . -56.09 20.40 -27.80
C2 NAG L . -55.97 19.75 -29.17
C3 NAG L . -57.07 20.26 -30.09
C4 NAG L . -58.44 20.07 -29.44
C5 NAG L . -58.47 20.68 -28.05
C6 NAG L . -59.75 20.42 -27.30
C7 NAG L . -53.82 19.05 -30.19
C8 NAG L . -54.30 17.63 -30.06
N2 NAG L . -54.66 20.01 -29.75
O3 NAG L . -57.02 19.56 -31.33
O4 NAG L . -59.45 20.68 -30.25
O5 NAG L . -57.40 20.15 -27.25
O6 NAG L . -60.88 20.52 -28.17
O7 NAG L . -52.73 19.33 -30.67
C1 NAG M . 6.28 -33.06 5.85
C2 NAG M . 7.58 -33.13 5.05
C3 NAG M . 7.40 -33.98 3.80
C4 NAG M . 6.86 -35.36 4.14
C5 NAG M . 5.53 -35.19 4.87
C6 NAG M . 4.95 -36.49 5.36
C7 NAG M . 9.33 -31.46 4.65
C8 NAG M . 9.63 -30.05 4.26
N2 NAG M . 8.04 -31.80 4.70
O3 NAG M . 8.65 -34.10 3.11
O4 NAG M . 6.68 -36.12 2.96
O5 NAG M . 5.74 -34.38 6.03
O6 NAG M . 5.88 -37.20 6.16
O7 NAG M . 10.22 -32.25 4.93
C1 NAG M . 7.56 -37.27 2.97
C2 NAG M . 6.98 -38.32 2.03
C3 NAG M . 7.89 -39.55 1.97
C4 NAG M . 9.31 -39.13 1.61
C5 NAG M . 9.81 -38.05 2.56
C6 NAG M . 11.17 -37.51 2.19
C7 NAG M . 4.56 -38.68 1.65
C8 NAG M . 4.78 -38.23 0.23
N2 NAG M . 5.63 -38.71 2.44
O3 NAG M . 7.39 -40.46 1.00
O4 NAG M . 10.18 -40.25 1.69
O5 NAG M . 8.90 -36.93 2.54
O6 NAG M . 11.99 -38.52 1.64
O7 NAG M . 3.45 -39.02 2.06
C1 NAG N . 12.40 4.59 -26.84
C2 NAG N . 11.49 3.41 -27.16
C3 NAG N . 12.20 2.41 -28.06
C4 NAG N . 12.73 3.09 -29.31
C5 NAG N . 13.62 4.27 -28.91
C6 NAG N . 14.07 5.08 -30.11
C7 NAG N . 9.79 2.33 -25.78
C8 NAG N . 9.49 1.69 -24.45
N2 NAG N . 11.04 2.77 -25.94
O3 NAG N . 11.30 1.38 -28.43
O4 NAG N . 13.48 2.17 -30.10
O5 NAG N . 12.88 5.17 -28.07
O6 NAG N . 13.80 6.47 -29.90
O7 NAG N . 8.94 2.45 -26.65
C1 NAG O . -3.89 -14.51 -16.37
C2 NAG O . -2.83 -14.36 -17.46
C3 NAG O . -3.38 -14.81 -18.82
C4 NAG O . -3.96 -16.22 -18.72
C5 NAG O . -5.00 -16.27 -17.62
C6 NAG O . -5.56 -17.65 -17.40
C7 NAG O . -1.21 -12.58 -17.02
C8 NAG O . -0.87 -11.12 -17.20
N2 NAG O . -2.37 -12.98 -17.54
O3 NAG O . -2.33 -14.79 -19.77
O4 NAG O . -4.54 -16.60 -19.96
O5 NAG O . -4.41 -15.85 -16.37
O6 NAG O . -6.65 -17.63 -16.48
O7 NAG O . -0.45 -13.36 -16.44
C1 NAG P . -45.24 -6.99 -15.61
C2 NAG P . -46.56 -7.48 -16.22
C3 NAG P . -46.31 -8.24 -17.54
C4 NAG P . -45.12 -9.18 -17.46
C5 NAG P . -43.91 -8.52 -16.80
C6 NAG P . -42.66 -8.58 -17.65
C7 NAG P . -48.37 -7.95 -14.61
C8 NAG P . -48.88 -6.56 -14.87
N2 NAG P . -47.27 -8.32 -15.28
O3 NAG P . -46.11 -7.30 -18.60
O4 NAG P . -45.48 -10.34 -16.71
O5 NAG P . -44.19 -7.13 -16.56
O6 NAG P . -41.77 -9.57 -17.15
O7 NAG P . -48.93 -8.70 -13.82
#